data_5AQP
#
_entry.id   5AQP
#
_cell.length_a   232.951
_cell.length_b   40.980
_cell.length_c   206.421
_cell.angle_alpha   90.00
_cell.angle_beta   123.19
_cell.angle_gamma   90.00
#
_symmetry.space_group_name_H-M   'C 1 2 1'
#
loop_
_entity.id
_entity.type
_entity.pdbx_description
1 polymer 'HEAT SHOCK COGNATE 71 KDA PROTEIN'
2 polymer 'BAG FAMILY MOLECULAR CHAPERONE REGULATOR 1'
3 non-polymer quinazolin-4-amine
4 non-polymer GLYCEROL
5 non-polymer 'DIMETHYL SULFOXIDE'
6 non-polymer 2-AMINO-2-HYDROXYMETHYL-PROPANE-1,3-DIOL
7 water water
#
loop_
_entity_poly.entity_id
_entity_poly.type
_entity_poly.pdbx_seq_one_letter_code
_entity_poly.pdbx_strand_id
1 'polypeptide(L)'
;GPLGSMSKGPAVGIDLGTTYSCVGVFQHGKVEIIANDQGNRTTPSYVAFTDTERLIGDAAKNQVAMNPTNTVFDAKRLIG
RRFDDAVVQSDMKHWPFMVVNDAGRPKVQVEYKGETKSFYPEEVSSMVLTKMKEIAEAYLGKTVTNAVVTVPAYFNDSQR
QATKDAGTIAGLNVLRIINEPTAAAIAYGLDKKVGAERNVLIFDLGGGTFDVSILTIEDGIFEVKSTAGDTHLGGEDFDN
RMVNHFIAEFKRKHKKDISENKRAVRRLRTACERAKRTLSSSTQASIEIDSLYEGIDFYTSITRARFEELNADLFRGTLD
PVEKALRDAKLDKSQIHDIVLVGGSTRIPKIQKLLQDFFNGKELNKSINPDEAVAYGAAVQAAILS
;
A,C,E
2 'polypeptide(L)'
;GPLGSNSPQEEVELKKLKHLEKSVEKIADQLEELNKELTGIQQGFLPKDLQAEALCKLDRRVKATIEQFMKILEEIDTLI
LPENFKDSRLKRKGLVKKVQAFLAECDTVEQNICQETE
;
B,D,F
#
loop_
_chem_comp.id
_chem_comp.type
_chem_comp.name
_chem_comp.formula
1LQ non-polymer quinazolin-4-amine 'C8 H7 N3'
DMS non-polymer 'DIMETHYL SULFOXIDE' 'C2 H6 O S'
GOL non-polymer GLYCEROL 'C3 H8 O3'
TRS non-polymer 2-AMINO-2-HYDROXYMETHYL-PROPANE-1,3-DIOL 'C4 H12 N O3 1'
#
# COMPACT_ATOMS: atom_id res chain seq x y z
N SER A 5 -3.03 39.73 29.40
CA SER A 5 -2.67 38.56 30.21
C SER A 5 -1.29 38.05 29.83
N MET A 6 -1.08 37.78 28.54
CA MET A 6 0.19 37.30 27.98
C MET A 6 1.07 38.52 27.69
N SER A 7 2.40 38.39 27.81
CA SER A 7 3.34 39.47 27.50
C SER A 7 3.52 39.58 25.97
N LYS A 8 4.08 40.72 25.49
CA LYS A 8 4.30 40.95 24.06
C LYS A 8 5.33 39.97 23.48
N GLY A 9 4.97 39.37 22.36
CA GLY A 9 5.80 38.39 21.67
C GLY A 9 6.55 38.94 20.48
N PRO A 10 7.41 38.11 19.87
CA PRO A 10 8.21 38.58 18.71
C PRO A 10 7.37 38.70 17.41
N ALA A 11 8.03 39.09 16.31
CA ALA A 11 7.40 39.22 14.99
C ALA A 11 7.50 37.88 14.31
N VAL A 12 6.49 37.54 13.50
CA VAL A 12 6.42 36.23 12.87
C VAL A 12 6.44 36.34 11.36
N GLY A 13 6.71 35.22 10.69
CA GLY A 13 6.69 35.13 9.24
C GLY A 13 5.56 34.22 8.81
N ILE A 14 4.63 34.72 7.96
CA ILE A 14 3.50 33.92 7.49
C ILE A 14 3.52 33.70 5.99
N ASP A 15 3.48 32.42 5.60
CA ASP A 15 3.30 32.00 4.21
C ASP A 15 1.79 31.73 4.06
N LEU A 16 1.06 32.67 3.44
CA LEU A 16 -0.38 32.56 3.22
C LEU A 16 -0.57 31.86 1.87
N GLY A 17 -0.76 30.54 1.93
CA GLY A 17 -0.87 29.71 0.73
C GLY A 17 -2.27 29.49 0.26
N THR A 18 -2.37 28.97 -0.99
CA THR A 18 -3.62 28.67 -1.66
C THR A 18 -4.37 27.57 -0.89
N THR A 19 -3.68 26.45 -0.59
CA THR A 19 -4.30 25.29 0.05
C THR A 19 -3.86 25.15 1.50
N TYR A 20 -2.61 25.55 1.82
CA TYR A 20 -2.06 25.47 3.18
C TYR A 20 -1.31 26.73 3.52
N SER A 21 -1.24 27.05 4.81
CA SER A 21 -0.50 28.18 5.35
C SER A 21 0.49 27.70 6.40
N CYS A 22 1.53 28.50 6.63
CA CYS A 22 2.65 28.15 7.50
C CYS A 22 3.15 29.39 8.23
N VAL A 23 3.44 29.26 9.52
CA VAL A 23 3.95 30.36 10.34
C VAL A 23 5.26 29.94 11.01
N GLY A 24 6.22 30.84 10.98
CA GLY A 24 7.53 30.65 11.58
C GLY A 24 7.96 31.80 12.46
N VAL A 25 8.90 31.53 13.35
CA VAL A 25 9.44 32.54 14.25
C VAL A 25 10.98 32.38 14.38
N PHE A 26 11.70 33.50 14.26
CA PHE A 26 13.14 33.49 14.46
C PHE A 26 13.40 33.70 15.96
N GLN A 27 14.00 32.69 16.60
CA GLN A 27 14.35 32.67 18.02
C GLN A 27 15.58 31.81 18.26
N HIS A 28 16.48 32.27 19.17
CA HIS A 28 17.73 31.59 19.55
C HIS A 28 18.62 31.30 18.34
N GLY A 29 18.77 32.31 17.47
CA GLY A 29 19.59 32.24 16.27
C GLY A 29 19.12 31.29 15.19
N LYS A 30 17.84 30.89 15.22
CA LYS A 30 17.27 29.97 14.23
C LYS A 30 15.78 30.18 14.02
N VAL A 31 15.26 29.72 12.88
CA VAL A 31 13.81 29.79 12.61
C VAL A 31 13.14 28.50 13.11
N GLU A 32 12.04 28.68 13.81
CA GLU A 32 11.27 27.55 14.28
C GLU A 32 9.95 27.60 13.55
N ILE A 33 9.59 26.52 12.87
CA ILE A 33 8.33 26.46 12.17
C ILE A 33 7.36 25.99 13.24
N ILE A 34 6.26 26.72 13.42
CA ILE A 34 5.31 26.38 14.47
C ILE A 34 4.19 25.42 14.10
N ALA A 35 4.08 24.35 14.87
CA ALA A 35 3.03 23.37 14.65
C ALA A 35 1.72 23.89 15.21
N ASN A 36 0.61 23.49 14.59
CA ASN A 36 -0.71 23.90 15.05
C ASN A 36 -1.23 23.02 16.18
N ASP A 37 -2.47 23.25 16.59
CA ASP A 37 -3.07 22.50 17.68
C ASP A 37 -3.10 21.00 17.40
N GLN A 38 -3.24 20.63 16.14
CA GLN A 38 -3.26 19.23 15.76
C GLN A 38 -1.85 18.69 15.57
N GLY A 39 -0.85 19.55 15.76
CA GLY A 39 0.53 19.17 15.61
C GLY A 39 1.10 19.26 14.20
N ASN A 40 0.34 19.88 13.31
CA ASN A 40 0.75 20.04 11.92
C ASN A 40 1.55 21.33 11.69
N ARG A 41 2.66 21.21 10.97
CA ARG A 41 3.54 22.34 10.67
C ARG A 41 2.99 23.24 9.53
N THR A 42 1.92 22.81 8.85
CA THR A 42 1.15 23.58 7.88
C THR A 42 -0.33 23.43 8.27
N THR A 43 -1.11 24.48 8.00
CA THR A 43 -2.52 24.52 8.30
C THR A 43 -3.33 24.75 7.02
N PRO A 44 -4.35 23.95 6.77
CA PRO A 44 -5.14 24.15 5.54
C PRO A 44 -5.80 25.52 5.51
N SER A 45 -5.76 26.18 4.36
CA SER A 45 -6.37 27.49 4.21
C SER A 45 -7.84 27.29 3.91
N TYR A 46 -8.52 26.67 4.88
CA TYR A 46 -9.96 26.36 4.81
C TYR A 46 -10.74 27.06 5.89
N VAL A 47 -11.96 27.49 5.53
CA VAL A 47 -12.91 28.12 6.45
C VAL A 47 -14.25 27.45 6.19
N ALA A 48 -14.86 26.86 7.21
CA ALA A 48 -16.18 26.21 7.11
C ALA A 48 -17.22 26.94 7.94
N PHE A 49 -18.42 27.05 7.39
CA PHE A 49 -19.53 27.69 8.06
C PHE A 49 -20.58 26.61 8.27
N THR A 50 -21.06 26.48 9.50
CA THR A 50 -22.05 25.48 9.85
C THR A 50 -23.26 26.10 10.48
N ASP A 51 -24.20 25.26 10.87
CA ASP A 51 -25.41 25.73 11.54
C ASP A 51 -25.05 26.38 12.86
N THR A 52 -24.07 25.81 13.56
CA THR A 52 -23.69 26.36 14.85
C THR A 52 -22.38 27.14 15.01
N GLU A 53 -21.40 26.91 14.15
CA GLU A 53 -20.09 27.55 14.29
C GLU A 53 -19.29 27.78 13.01
N ARG A 54 -18.19 28.52 13.16
CA ARG A 54 -17.24 28.79 12.10
C ARG A 54 -15.98 28.02 12.42
N LEU A 55 -15.49 27.22 11.47
CA LEU A 55 -14.31 26.39 11.68
C LEU A 55 -13.19 26.84 10.74
N ILE A 56 -11.94 26.84 11.22
CA ILE A 56 -10.79 27.26 10.42
C ILE A 56 -9.69 26.22 10.49
N GLY A 57 -9.00 25.98 9.38
CA GLY A 57 -7.86 25.07 9.33
C GLY A 57 -8.24 23.61 9.24
N ASP A 58 -7.55 22.78 10.02
CA ASP A 58 -7.78 21.34 10.05
C ASP A 58 -9.24 21.00 10.37
N ALA A 59 -9.79 21.64 11.38
CA ALA A 59 -11.21 21.42 11.76
C ALA A 59 -12.16 21.69 10.57
N ALA A 60 -11.86 22.73 9.76
CA ALA A 60 -12.66 23.06 8.57
C ALA A 60 -12.44 22.00 7.47
N LYS A 61 -11.17 21.60 7.21
CA LYS A 61 -10.86 20.59 6.18
C LYS A 61 -11.43 19.20 6.54
N ASN A 62 -11.43 18.85 7.85
CA ASN A 62 -11.90 17.57 8.36
C ASN A 62 -13.39 17.30 8.15
N GLN A 63 -14.19 18.34 7.96
CA GLN A 63 -15.62 18.18 7.74
C GLN A 63 -16.09 18.64 6.36
N VAL A 64 -15.18 18.66 5.39
CA VAL A 64 -15.53 19.09 4.04
C VAL A 64 -16.47 18.10 3.35
N ALA A 65 -16.25 16.82 3.60
CA ALA A 65 -17.09 15.75 3.01
C ALA A 65 -18.55 15.85 3.47
N MET A 66 -18.75 16.40 4.66
CA MET A 66 -20.07 16.56 5.25
C MET A 66 -20.73 17.90 4.90
N ASN A 67 -19.91 18.93 4.71
CA ASN A 67 -20.41 20.27 4.41
C ASN A 67 -19.62 20.86 3.24
N PRO A 68 -19.67 20.24 2.07
CA PRO A 68 -18.91 20.75 0.91
C PRO A 68 -19.29 22.15 0.41
N THR A 69 -20.57 22.46 0.35
CA THR A 69 -21.04 23.76 -0.13
C THR A 69 -20.64 24.94 0.73
N ASN A 70 -20.61 24.73 2.04
CA ASN A 70 -20.26 25.79 2.97
C ASN A 70 -18.79 25.87 3.43
N THR A 71 -17.94 25.03 2.85
CA THR A 71 -16.51 25.01 3.19
C THR A 71 -15.72 25.73 2.08
N VAL A 72 -15.11 26.85 2.44
CA VAL A 72 -14.36 27.71 1.53
C VAL A 72 -12.85 27.43 1.63
N PHE A 73 -12.22 27.47 0.46
CA PHE A 73 -10.80 27.25 0.25
C PHE A 73 -10.45 27.95 -1.06
N ASP A 74 -9.17 28.08 -1.38
CA ASP A 74 -8.73 28.72 -2.63
C ASP A 74 -9.05 30.21 -2.70
N ALA A 75 -9.20 30.86 -1.57
CA ALA A 75 -9.51 32.29 -1.55
C ALA A 75 -8.40 33.13 -2.16
N LYS A 76 -7.19 32.60 -2.11
CA LYS A 76 -6.00 33.24 -2.67
C LYS A 76 -6.15 33.37 -4.23
N ARG A 77 -6.91 32.45 -4.88
CA ARG A 77 -7.17 32.49 -6.31
C ARG A 77 -8.16 33.61 -6.64
N LEU A 78 -8.90 34.12 -5.63
CA LEU A 78 -9.91 35.18 -5.80
C LEU A 78 -9.45 36.54 -5.32
N ILE A 79 -8.54 36.58 -4.35
CA ILE A 79 -8.09 37.78 -3.65
C ILE A 79 -7.53 38.86 -4.63
N GLY A 80 -8.08 40.07 -4.50
CA GLY A 80 -7.71 41.23 -5.31
C GLY A 80 -8.18 41.21 -6.75
N ARG A 81 -8.99 40.20 -7.14
CA ARG A 81 -9.46 40.09 -8.52
C ARG A 81 -10.87 40.66 -8.73
N ARG A 82 -11.17 41.02 -9.99
CA ARG A 82 -12.49 41.48 -10.38
C ARG A 82 -13.31 40.22 -10.65
N PHE A 83 -14.64 40.30 -10.52
CA PHE A 83 -15.50 39.15 -10.79
C PHE A 83 -15.33 38.62 -12.22
N ASP A 84 -15.22 39.53 -13.19
CA ASP A 84 -15.09 39.20 -14.61
C ASP A 84 -13.69 38.75 -15.08
N ASP A 85 -12.73 38.64 -14.14
CA ASP A 85 -11.38 38.14 -14.42
C ASP A 85 -11.51 36.71 -14.99
N ALA A 86 -10.80 36.40 -16.10
CA ALA A 86 -10.80 35.07 -16.72
C ALA A 86 -10.46 33.96 -15.69
N VAL A 87 -9.55 34.26 -14.72
CA VAL A 87 -9.14 33.32 -13.67
C VAL A 87 -10.32 33.01 -12.73
N VAL A 88 -11.11 34.03 -12.36
CA VAL A 88 -12.28 33.86 -11.51
C VAL A 88 -13.33 32.98 -12.22
N GLN A 89 -13.64 33.33 -13.48
CA GLN A 89 -14.64 32.62 -14.28
C GLN A 89 -14.32 31.15 -14.52
N SER A 90 -13.04 30.83 -14.74
CA SER A 90 -12.53 29.49 -14.97
C SER A 90 -12.53 28.66 -13.69
N ASP A 91 -12.04 29.23 -12.58
CA ASP A 91 -11.93 28.54 -11.28
C ASP A 91 -13.24 28.22 -10.61
N MET A 92 -14.24 29.11 -10.72
CA MET A 92 -15.52 28.92 -10.03
C MET A 92 -16.31 27.69 -10.52
N LYS A 93 -16.08 27.25 -11.74
CA LYS A 93 -16.72 26.06 -12.25
C LYS A 93 -16.35 24.86 -11.39
N HIS A 94 -15.11 24.85 -10.89
CA HIS A 94 -14.58 23.77 -10.07
C HIS A 94 -14.77 23.82 -8.55
N TRP A 95 -15.40 24.86 -8.02
CA TRP A 95 -15.60 24.98 -6.57
C TRP A 95 -17.01 24.59 -6.12
N PRO A 96 -17.13 23.79 -5.06
CA PRO A 96 -18.48 23.40 -4.58
C PRO A 96 -19.24 24.56 -3.92
N PHE A 97 -18.53 25.62 -3.50
CA PHE A 97 -19.15 26.79 -2.88
C PHE A 97 -19.50 27.82 -3.95
N MET A 98 -20.46 28.70 -3.65
CA MET A 98 -20.94 29.72 -4.58
C MET A 98 -20.08 30.98 -4.55
N VAL A 99 -19.82 31.52 -5.75
CA VAL A 99 -19.10 32.76 -5.97
C VAL A 99 -20.08 33.70 -6.68
N VAL A 100 -20.34 34.86 -6.06
CA VAL A 100 -21.29 35.85 -6.58
C VAL A 100 -20.60 37.15 -6.92
N ASN A 101 -21.23 37.95 -7.75
CA ASN A 101 -20.72 39.25 -8.18
C ASN A 101 -21.39 40.36 -7.36
N ASP A 102 -20.58 41.13 -6.63
CA ASP A 102 -21.06 42.27 -5.87
C ASP A 102 -20.36 43.54 -6.40
N ALA A 103 -21.07 44.29 -7.26
CA ALA A 103 -20.58 45.53 -7.89
C ALA A 103 -19.20 45.37 -8.58
N GLY A 104 -19.01 44.27 -9.30
CA GLY A 104 -17.78 43.95 -10.01
C GLY A 104 -16.78 43.14 -9.21
N ARG A 105 -17.04 42.92 -7.91
CA ARG A 105 -16.12 42.18 -7.03
C ARG A 105 -16.65 40.78 -6.68
N PRO A 106 -15.80 39.72 -6.66
CA PRO A 106 -16.32 38.41 -6.24
C PRO A 106 -16.52 38.33 -4.73
N LYS A 107 -17.48 37.52 -4.32
CA LYS A 107 -17.76 37.25 -2.91
C LYS A 107 -18.14 35.79 -2.82
N VAL A 108 -17.67 35.08 -1.77
CA VAL A 108 -18.09 33.70 -1.55
C VAL A 108 -19.38 33.75 -0.80
N GLN A 109 -20.38 32.97 -1.24
CA GLN A 109 -21.69 32.94 -0.61
C GLN A 109 -21.93 31.60 0.05
N VAL A 110 -22.27 31.61 1.34
CA VAL A 110 -22.49 30.40 2.14
C VAL A 110 -23.74 30.48 3.02
N GLU A 111 -24.07 29.36 3.66
CA GLU A 111 -25.13 29.29 4.66
C GLU A 111 -24.36 29.21 5.97
N TYR A 112 -24.60 30.16 6.88
CA TYR A 112 -23.94 30.26 8.19
C TYR A 112 -24.99 30.58 9.24
N LYS A 113 -25.15 29.65 10.21
CA LYS A 113 -26.13 29.71 11.31
C LYS A 113 -27.59 29.91 10.78
N GLY A 114 -27.94 29.14 9.75
CA GLY A 114 -29.25 29.16 9.11
C GLY A 114 -29.52 30.32 8.16
N GLU A 115 -28.56 31.26 8.03
CA GLU A 115 -28.66 32.47 7.19
C GLU A 115 -27.68 32.47 6.01
N THR A 116 -28.11 33.06 4.87
CA THR A 116 -27.27 33.23 3.70
C THR A 116 -26.36 34.43 3.94
N LYS A 117 -25.03 34.19 3.96
CA LYS A 117 -24.01 35.21 4.18
C LYS A 117 -22.97 35.19 3.04
N SER A 118 -22.44 36.38 2.70
CA SER A 118 -21.39 36.52 1.69
C SER A 118 -20.16 37.21 2.26
N PHE A 119 -18.97 36.77 1.82
CA PHE A 119 -17.70 37.31 2.31
C PHE A 119 -16.76 37.64 1.16
N TYR A 120 -15.99 38.73 1.30
CA TYR A 120 -14.99 39.11 0.34
C TYR A 120 -13.78 38.17 0.51
N PRO A 121 -13.00 37.88 -0.55
CA PRO A 121 -11.83 36.99 -0.37
C PRO A 121 -10.87 37.38 0.75
N GLU A 122 -10.68 38.71 0.99
CA GLU A 122 -9.78 39.20 2.05
C GLU A 122 -10.29 38.93 3.44
N GLU A 123 -11.63 38.73 3.61
CA GLU A 123 -12.25 38.37 4.88
C GLU A 123 -11.98 36.90 5.17
N VAL A 124 -12.11 36.01 4.15
CA VAL A 124 -11.79 34.57 4.27
C VAL A 124 -10.28 34.44 4.62
N SER A 125 -9.43 35.20 3.91
CA SER A 125 -7.98 35.17 4.15
C SER A 125 -7.62 35.74 5.51
N SER A 126 -8.38 36.75 6.00
CA SER A 126 -8.18 37.31 7.35
C SER A 126 -8.50 36.26 8.44
N MET A 127 -9.47 35.36 8.17
CA MET A 127 -9.82 34.27 9.10
C MET A 127 -8.67 33.27 9.22
N VAL A 128 -8.01 32.96 8.09
CA VAL A 128 -6.84 32.07 8.01
C VAL A 128 -5.63 32.73 8.71
N LEU A 129 -5.44 34.06 8.52
CA LEU A 129 -4.36 34.79 9.16
C LEU A 129 -4.59 34.88 10.67
N THR A 130 -5.85 35.02 11.12
CA THR A 130 -6.24 35.01 12.53
C THR A 130 -5.80 33.68 13.16
N LYS A 131 -6.11 32.56 12.47
CA LYS A 131 -5.72 31.21 12.89
C LYS A 131 -4.18 31.08 12.97
N MET A 132 -3.42 31.61 11.98
CA MET A 132 -1.94 31.59 12.00
C MET A 132 -1.40 32.38 13.20
N LYS A 133 -2.00 33.54 13.50
CA LYS A 133 -1.67 34.40 14.66
C LYS A 133 -1.88 33.60 15.97
N GLU A 134 -3.03 32.88 16.08
CA GLU A 134 -3.37 32.07 17.25
C GLU A 134 -2.46 30.88 17.46
N ILE A 135 -2.04 30.24 16.35
CA ILE A 135 -1.08 29.12 16.33
C ILE A 135 0.25 29.57 16.93
N ALA A 136 0.72 30.78 16.53
CA ALA A 136 1.95 31.39 17.01
C ALA A 136 1.85 31.71 18.51
N GLU A 137 0.73 32.33 18.95
CA GLU A 137 0.47 32.68 20.35
C GLU A 137 0.37 31.44 21.25
N ALA A 138 -0.28 30.34 20.76
CA ALA A 138 -0.43 29.10 21.53
C ALA A 138 0.93 28.48 21.81
N TYR A 139 1.87 28.56 20.84
CA TYR A 139 3.22 28.01 21.00
C TYR A 139 4.10 28.90 21.90
N LEU A 140 4.12 30.21 21.62
CA LEU A 140 4.97 31.17 22.32
C LEU A 140 4.54 31.50 23.73
N GLY A 141 3.23 31.48 23.98
CA GLY A 141 2.63 31.85 25.27
C GLY A 141 2.73 33.36 25.43
N LYS A 142 2.78 34.08 24.29
CA LYS A 142 2.91 35.52 24.20
C LYS A 142 2.00 36.04 23.11
N THR A 143 1.66 37.33 23.19
CA THR A 143 0.82 37.99 22.17
C THR A 143 1.63 38.17 20.87
N VAL A 144 1.00 37.92 19.71
CA VAL A 144 1.61 38.06 18.39
C VAL A 144 0.81 39.10 17.58
N THR A 145 1.45 40.20 17.17
CA THR A 145 0.80 41.27 16.40
C THR A 145 1.56 41.57 15.10
N ASN A 146 2.90 41.50 15.12
CA ASN A 146 3.72 41.84 13.97
C ASN A 146 4.00 40.67 13.05
N ALA A 147 3.81 40.87 11.75
CA ALA A 147 4.08 39.80 10.81
C ALA A 147 4.49 40.28 9.43
N VAL A 148 5.18 39.40 8.73
CA VAL A 148 5.60 39.65 7.36
C VAL A 148 4.78 38.59 6.62
N VAL A 149 4.03 39.02 5.62
CA VAL A 149 3.18 38.11 4.86
C VAL A 149 3.64 38.02 3.42
N THR A 150 3.75 36.79 2.91
CA THR A 150 4.23 36.58 1.54
C THR A 150 3.11 36.53 0.51
N VAL A 151 3.45 36.88 -0.76
CA VAL A 151 2.55 36.87 -1.91
C VAL A 151 3.33 36.37 -3.13
N PRO A 152 2.68 35.77 -4.17
CA PRO A 152 3.44 35.41 -5.38
C PRO A 152 4.01 36.64 -6.07
N ALA A 153 5.14 36.47 -6.76
CA ALA A 153 5.82 37.54 -7.50
C ALA A 153 4.95 38.13 -8.62
N TYR A 154 3.96 37.37 -9.13
CA TYR A 154 3.08 37.84 -10.22
C TYR A 154 1.84 38.60 -9.71
N PHE A 155 1.67 38.74 -8.39
CA PHE A 155 0.52 39.45 -7.86
C PHE A 155 0.57 40.91 -8.27
N ASN A 156 -0.58 41.48 -8.64
CA ASN A 156 -0.65 42.87 -9.03
C ASN A 156 -0.89 43.80 -7.85
N ASP A 157 -1.07 45.09 -8.11
CA ASP A 157 -1.26 46.06 -7.05
C ASP A 157 -2.49 45.78 -6.19
N SER A 158 -3.60 45.43 -6.85
CA SER A 158 -4.87 45.10 -6.21
C SER A 158 -4.78 43.82 -5.34
N GLN A 159 -4.09 42.77 -5.85
CA GLN A 159 -3.91 41.50 -5.15
C GLN A 159 -3.01 41.65 -3.93
N ARG A 160 -1.98 42.53 -4.00
CA ARG A 160 -1.06 42.82 -2.89
C ARG A 160 -1.77 43.63 -1.81
N GLN A 161 -2.55 44.65 -2.22
CA GLN A 161 -3.31 45.49 -1.31
C GLN A 161 -4.37 44.68 -0.56
N ALA A 162 -5.09 43.80 -1.26
CA ALA A 162 -6.11 42.93 -0.68
C ALA A 162 -5.52 41.96 0.34
N THR A 163 -4.26 41.48 0.12
CA THR A 163 -3.55 40.61 1.06
C THR A 163 -3.15 41.37 2.32
N LYS A 164 -2.68 42.63 2.15
CA LYS A 164 -2.31 43.50 3.28
C LYS A 164 -3.59 43.81 4.10
N ASP A 165 -4.73 44.06 3.40
CA ASP A 165 -6.04 44.29 4.01
C ASP A 165 -6.52 43.07 4.81
N ALA A 166 -6.24 41.83 4.32
CA ALA A 166 -6.57 40.60 5.08
C ALA A 166 -5.76 40.58 6.41
N GLY A 167 -4.50 41.02 6.35
CA GLY A 167 -3.62 41.16 7.51
C GLY A 167 -4.16 42.13 8.54
N THR A 168 -4.59 43.31 8.08
CA THR A 168 -5.15 44.34 8.95
C THR A 168 -6.45 43.89 9.62
N ILE A 169 -7.28 43.21 8.85
CA ILE A 169 -8.57 42.72 9.33
C ILE A 169 -8.42 41.71 10.46
N ALA A 170 -7.37 40.91 10.38
CA ALA A 170 -7.07 39.89 11.37
C ALA A 170 -6.40 40.44 12.63
N GLY A 171 -6.18 41.75 12.64
CA GLY A 171 -5.53 42.42 13.76
C GLY A 171 -4.01 42.37 13.70
N LEU A 172 -3.45 42.01 12.54
CA LEU A 172 -1.99 41.97 12.35
C LEU A 172 -1.46 43.31 11.88
N ASN A 173 -0.26 43.64 12.35
CA ASN A 173 0.49 44.79 11.92
C ASN A 173 1.47 44.21 10.91
N VAL A 174 1.17 44.44 9.62
CA VAL A 174 1.97 43.90 8.51
C VAL A 174 3.23 44.74 8.32
N LEU A 175 4.37 44.23 8.83
CA LEU A 175 5.69 44.89 8.73
C LEU A 175 6.08 45.06 7.26
N ARG A 176 5.93 44.00 6.48
CA ARG A 176 6.23 44.06 5.05
C ARG A 176 5.58 42.92 4.29
N ILE A 177 5.40 43.13 3.00
CA ILE A 177 4.84 42.11 2.12
C ILE A 177 5.99 41.77 1.19
N ILE A 178 6.37 40.51 1.14
CA ILE A 178 7.48 40.11 0.29
C ILE A 178 7.14 38.95 -0.61
N ASN A 179 7.72 38.96 -1.81
CA ASN A 179 7.47 37.91 -2.81
C ASN A 179 7.88 36.57 -2.29
N GLU A 180 7.11 35.53 -2.61
CA GLU A 180 7.41 34.15 -2.20
C GLU A 180 8.81 33.71 -2.65
N PRO A 181 9.23 33.91 -3.94
CA PRO A 181 10.60 33.49 -4.34
C PRO A 181 11.71 34.26 -3.61
N THR A 182 11.49 35.56 -3.32
CA THR A 182 12.40 36.40 -2.53
C THR A 182 12.52 35.80 -1.11
N ALA A 183 11.39 35.36 -0.51
CA ALA A 183 11.35 34.74 0.82
C ALA A 183 12.15 33.45 0.84
N ALA A 184 12.02 32.59 -0.20
CA ALA A 184 12.77 31.35 -0.30
C ALA A 184 14.28 31.60 -0.46
N ALA A 185 14.66 32.67 -1.21
CA ALA A 185 16.06 33.06 -1.44
C ALA A 185 16.67 33.57 -0.13
N ILE A 186 15.88 34.33 0.68
CA ILE A 186 16.31 34.84 1.99
C ILE A 186 16.55 33.66 2.95
N ALA A 187 15.69 32.60 2.90
CA ALA A 187 15.81 31.42 3.76
C ALA A 187 17.18 30.73 3.63
N TYR A 188 17.70 30.63 2.38
CA TYR A 188 18.97 30.01 2.05
C TYR A 188 20.18 30.98 2.11
N GLY A 189 19.92 32.23 2.54
CA GLY A 189 20.91 33.29 2.67
C GLY A 189 21.66 33.60 1.39
N LEU A 190 20.95 33.50 0.27
CA LEU A 190 21.49 33.71 -1.06
C LEU A 190 22.01 35.13 -1.26
N ASP A 191 21.37 36.09 -0.63
CA ASP A 191 21.77 37.48 -0.67
C ASP A 191 23.10 37.79 0.06
N LYS A 192 23.50 36.93 0.98
CA LYS A 192 24.72 37.10 1.79
C LYS A 192 25.98 36.47 1.19
N LYS A 193 25.83 35.80 0.07
CA LYS A 193 26.91 35.12 -0.64
C LYS A 193 27.81 36.15 -1.32
N VAL A 194 29.13 36.04 -1.11
CA VAL A 194 30.13 36.96 -1.65
C VAL A 194 30.26 36.85 -3.17
N GLY A 195 30.63 37.98 -3.81
CA GLY A 195 30.79 38.06 -5.25
C GLY A 195 29.86 39.04 -5.93
N ALA A 196 29.75 38.93 -7.26
CA ALA A 196 28.90 39.81 -8.08
C ALA A 196 27.43 39.35 -8.12
N GLU A 197 26.64 39.90 -9.06
CA GLU A 197 25.23 39.60 -9.32
C GLU A 197 24.97 38.08 -9.35
N ARG A 198 23.94 37.62 -8.63
CA ARG A 198 23.58 36.20 -8.61
C ARG A 198 22.24 35.98 -9.27
N ASN A 199 22.17 34.99 -10.14
CA ASN A 199 20.92 34.67 -10.80
C ASN A 199 20.38 33.44 -10.09
N VAL A 200 19.17 33.58 -9.60
CA VAL A 200 18.52 32.57 -8.78
C VAL A 200 17.23 32.07 -9.43
N LEU A 201 17.10 30.75 -9.53
CA LEU A 201 15.89 30.11 -10.04
C LEU A 201 15.16 29.44 -8.88
N ILE A 202 13.91 29.84 -8.66
CA ILE A 202 13.04 29.28 -7.61
C ILE A 202 12.04 28.35 -8.33
N PHE A 203 12.10 27.04 -8.01
CA PHE A 203 11.26 26.01 -8.60
C PHE A 203 10.22 25.63 -7.51
N ASP A 204 9.02 26.22 -7.62
CA ASP A 204 7.98 26.04 -6.61
C ASP A 204 6.81 25.14 -7.08
N LEU A 205 6.87 23.86 -6.68
CA LEU A 205 5.86 22.88 -7.00
C LEU A 205 5.13 22.41 -5.71
N GLY A 206 4.08 23.11 -5.35
CA GLY A 206 3.33 22.80 -4.15
C GLY A 206 2.11 23.68 -3.95
N GLY A 207 1.15 23.17 -3.18
CA GLY A 207 -0.11 23.86 -2.92
C GLY A 207 -0.95 24.09 -4.14
N GLY A 208 -1.12 23.06 -4.98
CA GLY A 208 -1.93 23.05 -6.20
C GLY A 208 -1.53 23.97 -7.34
N THR A 209 -0.36 24.64 -7.24
CA THR A 209 0.16 25.55 -8.28
C THR A 209 1.62 25.21 -8.58
N PHE A 210 2.08 25.58 -9.78
CA PHE A 210 3.46 25.42 -10.17
C PHE A 210 4.00 26.78 -10.58
N ASP A 211 4.98 27.30 -9.84
CA ASP A 211 5.57 28.62 -10.11
C ASP A 211 7.08 28.53 -10.24
N VAL A 212 7.60 29.06 -11.35
CA VAL A 212 9.02 29.17 -11.62
C VAL A 212 9.34 30.66 -11.65
N SER A 213 10.29 31.10 -10.83
CA SER A 213 10.70 32.50 -10.80
C SER A 213 12.20 32.60 -10.96
N ILE A 214 12.66 33.62 -11.67
CA ILE A 214 14.08 33.84 -11.84
C ILE A 214 14.37 35.20 -11.21
N LEU A 215 15.34 35.23 -10.32
CA LEU A 215 15.69 36.46 -9.64
C LEU A 215 17.15 36.79 -9.76
N THR A 216 17.45 38.08 -9.72
CA THR A 216 18.83 38.54 -9.77
C THR A 216 19.09 39.29 -8.47
N ILE A 217 20.11 38.87 -7.74
CA ILE A 217 20.47 39.51 -6.47
C ILE A 217 21.80 40.23 -6.68
N GLU A 218 21.77 41.56 -6.56
CA GLU A 218 22.93 42.41 -6.71
C GLU A 218 22.93 43.41 -5.58
N ASP A 219 24.02 43.43 -4.79
CA ASP A 219 24.22 44.30 -3.62
C ASP A 219 23.02 44.25 -2.66
N GLY A 220 22.51 43.05 -2.41
CA GLY A 220 21.39 42.83 -1.52
C GLY A 220 20.04 43.26 -2.06
N ILE A 221 19.96 43.47 -3.37
CA ILE A 221 18.72 43.88 -4.01
C ILE A 221 18.14 42.74 -4.83
N PHE A 222 16.86 42.47 -4.64
CA PHE A 222 16.20 41.40 -5.37
C PHE A 222 15.39 41.97 -6.53
N GLU A 223 15.63 41.42 -7.72
CA GLU A 223 14.91 41.88 -8.91
C GLU A 223 14.30 40.66 -9.56
N VAL A 224 12.97 40.68 -9.75
CA VAL A 224 12.26 39.59 -10.41
C VAL A 224 12.46 39.78 -11.91
N LYS A 225 13.22 38.87 -12.55
CA LYS A 225 13.50 38.95 -13.99
C LYS A 225 12.42 38.28 -14.84
N SER A 226 11.80 37.19 -14.32
CA SER A 226 10.73 36.46 -15.03
C SER A 226 9.96 35.52 -14.10
N THR A 227 8.69 35.25 -14.47
CA THR A 227 7.79 34.33 -13.78
C THR A 227 7.12 33.45 -14.85
N ALA A 228 6.98 32.15 -14.58
CA ALA A 228 6.35 31.17 -15.47
C ALA A 228 5.77 30.05 -14.60
N GLY A 229 5.00 29.17 -15.21
CA GLY A 229 4.41 28.05 -14.49
C GLY A 229 3.08 27.59 -15.02
N ASP A 230 2.37 26.81 -14.19
CA ASP A 230 1.07 26.19 -14.44
C ASP A 230 0.28 26.38 -13.14
N THR A 231 -0.75 27.24 -13.19
CA THR A 231 -1.56 27.60 -12.01
C THR A 231 -2.41 26.46 -11.43
N HIS A 232 -2.49 25.30 -12.14
CA HIS A 232 -3.29 24.15 -11.73
C HIS A 232 -2.52 22.82 -11.78
N LEU A 233 -1.23 22.82 -11.43
CA LEU A 233 -0.41 21.60 -11.40
C LEU A 233 0.11 21.40 -10.01
N GLY A 234 -0.01 20.18 -9.50
CA GLY A 234 0.49 19.87 -8.17
C GLY A 234 0.42 18.40 -7.85
N GLY A 235 0.53 18.11 -6.56
CA GLY A 235 0.52 16.78 -5.98
C GLY A 235 -0.68 15.94 -6.31
N GLU A 236 -1.84 16.57 -6.36
CA GLU A 236 -3.11 15.89 -6.66
C GLU A 236 -3.10 15.20 -8.03
N ASP A 237 -2.50 15.85 -9.02
CA ASP A 237 -2.41 15.33 -10.38
C ASP A 237 -1.59 14.04 -10.40
N PHE A 238 -0.57 13.97 -9.55
CA PHE A 238 0.25 12.78 -9.49
C PHE A 238 -0.53 11.69 -8.77
N ASP A 239 -1.34 12.10 -7.80
CA ASP A 239 -2.20 11.21 -7.05
C ASP A 239 -3.27 10.60 -7.94
N ASN A 240 -3.82 11.42 -8.82
CA ASN A 240 -4.87 10.98 -9.74
C ASN A 240 -4.37 9.88 -10.65
N ARG A 241 -3.14 10.02 -11.12
CA ARG A 241 -2.54 9.03 -11.99
C ARG A 241 -2.41 7.70 -11.27
N MET A 242 -2.01 7.75 -10.00
CA MET A 242 -1.88 6.53 -9.23
C MET A 242 -3.23 5.87 -9.03
N VAL A 243 -4.26 6.68 -8.77
CA VAL A 243 -5.60 6.16 -8.57
C VAL A 243 -6.11 5.49 -9.84
N ASN A 244 -5.86 6.11 -10.99
CA ASN A 244 -6.28 5.55 -12.26
C ASN A 244 -5.59 4.23 -12.49
N HIS A 245 -4.31 4.16 -12.13
CA HIS A 245 -3.55 2.94 -12.31
C HIS A 245 -4.15 1.81 -11.48
N PHE A 246 -4.49 2.10 -10.23
CA PHE A 246 -5.10 1.11 -9.35
C PHE A 246 -6.52 0.70 -9.78
N ILE A 247 -7.31 1.66 -10.25
CA ILE A 247 -8.66 1.36 -10.69
C ILE A 247 -8.60 0.40 -11.87
N ALA A 248 -7.67 0.64 -12.78
CA ALA A 248 -7.45 -0.22 -13.98
C ALA A 248 -6.93 -1.60 -13.54
N GLU A 249 -6.04 -1.64 -12.54
CA GLU A 249 -5.48 -2.88 -11.97
C GLU A 249 -6.59 -3.75 -11.37
N PHE A 250 -7.51 -3.13 -10.63
CA PHE A 250 -8.66 -3.83 -10.03
C PHE A 250 -9.58 -4.40 -11.14
N LYS A 251 -9.75 -3.67 -12.26
CA LYS A 251 -10.56 -4.13 -13.38
C LYS A 251 -9.88 -5.35 -14.00
N ARG A 252 -8.54 -5.29 -14.22
CA ARG A 252 -7.79 -6.40 -14.81
C ARG A 252 -7.84 -7.67 -13.95
N LYS A 253 -7.57 -7.52 -12.66
CA LYS A 253 -7.61 -8.63 -11.72
C LYS A 253 -9.00 -9.22 -11.39
N HIS A 254 -9.98 -8.35 -11.17
CA HIS A 254 -11.33 -8.80 -10.79
C HIS A 254 -12.49 -8.51 -11.73
N LYS A 255 -12.25 -7.81 -12.83
CA LYS A 255 -13.33 -7.49 -13.76
C LYS A 255 -14.48 -6.72 -13.09
N LYS A 256 -14.12 -5.84 -12.17
CA LYS A 256 -15.06 -4.98 -11.44
C LYS A 256 -14.58 -3.56 -11.46
N ASP A 257 -15.55 -2.66 -11.65
CA ASP A 257 -15.35 -1.21 -11.71
C ASP A 257 -15.74 -0.59 -10.36
N ILE A 258 -14.74 -0.06 -9.65
CA ILE A 258 -14.94 0.58 -8.33
C ILE A 258 -15.21 2.08 -8.43
N SER A 259 -14.91 2.71 -9.60
CA SER A 259 -14.96 4.17 -9.84
C SER A 259 -16.33 4.84 -9.55
N GLU A 260 -17.43 4.10 -9.52
CA GLU A 260 -18.73 4.71 -9.21
C GLU A 260 -19.10 4.61 -7.72
N ASN A 261 -18.28 3.90 -6.93
CA ASN A 261 -18.45 3.81 -5.47
C ASN A 261 -17.49 4.85 -4.86
N LYS A 262 -18.05 6.02 -4.47
CA LYS A 262 -17.27 7.15 -3.92
C LYS A 262 -16.42 6.78 -2.69
N ARG A 263 -16.92 5.89 -1.83
CA ARG A 263 -16.20 5.46 -0.62
C ARG A 263 -15.02 4.55 -0.97
N ALA A 264 -15.16 3.65 -1.98
CA ALA A 264 -14.07 2.78 -2.44
C ALA A 264 -12.94 3.63 -3.03
N VAL A 265 -13.29 4.63 -3.86
CA VAL A 265 -12.37 5.57 -4.52
C VAL A 265 -11.65 6.43 -3.47
N ARG A 266 -12.37 6.92 -2.46
CA ARG A 266 -11.76 7.69 -1.37
C ARG A 266 -10.74 6.84 -0.59
N ARG A 267 -11.08 5.58 -0.23
CA ARG A 267 -10.15 4.68 0.49
C ARG A 267 -8.90 4.48 -0.37
N LEU A 268 -9.09 4.24 -1.67
CA LEU A 268 -7.98 4.08 -2.60
C LEU A 268 -7.14 5.38 -2.70
N ARG A 269 -7.80 6.52 -2.87
CA ARG A 269 -7.10 7.80 -2.96
C ARG A 269 -6.26 8.13 -1.72
N THR A 270 -6.85 7.97 -0.54
CA THR A 270 -6.15 8.23 0.72
C THR A 270 -4.90 7.36 0.81
N ALA A 271 -5.01 6.09 0.39
CA ALA A 271 -3.89 5.14 0.42
C ALA A 271 -2.81 5.56 -0.63
N CYS A 272 -3.25 6.12 -1.78
CA CYS A 272 -2.35 6.61 -2.84
C CYS A 272 -1.54 7.85 -2.42
N GLU A 273 -2.14 8.82 -1.70
CA GLU A 273 -1.46 10.04 -1.19
C GLU A 273 -0.35 9.62 -0.24
N ARG A 274 -0.60 8.57 0.58
CA ARG A 274 0.35 8.07 1.57
C ARG A 274 1.50 7.29 0.90
N ALA A 275 1.17 6.44 -0.08
CA ALA A 275 2.14 5.64 -0.83
C ALA A 275 3.07 6.56 -1.64
N LYS A 276 2.52 7.67 -2.21
CA LYS A 276 3.29 8.66 -2.97
C LYS A 276 4.37 9.28 -2.07
N ARG A 277 4.00 9.69 -0.83
CA ARG A 277 4.92 10.24 0.16
C ARG A 277 6.03 9.24 0.50
N THR A 278 5.67 7.95 0.68
CA THR A 278 6.63 6.86 0.96
C THR A 278 7.64 6.69 -0.19
N LEU A 279 7.20 6.87 -1.44
CA LEU A 279 8.03 6.72 -2.63
C LEU A 279 9.11 7.82 -2.80
N SER A 280 9.03 8.89 -1.99
CA SER A 280 10.04 9.95 -1.98
C SER A 280 11.27 9.51 -1.17
N SER A 281 11.11 8.52 -0.26
CA SER A 281 12.22 8.00 0.55
C SER A 281 12.47 6.50 0.37
N SER A 282 11.51 5.77 -0.18
CA SER A 282 11.64 4.33 -0.44
C SER A 282 11.42 4.06 -1.93
N THR A 283 11.88 2.91 -2.40
CA THR A 283 11.73 2.54 -3.81
C THR A 283 10.46 1.72 -4.05
N GLN A 284 9.71 1.41 -2.98
CA GLN A 284 8.45 0.65 -3.05
C GLN A 284 7.51 1.04 -1.91
N ALA A 285 6.18 1.01 -2.18
CA ALA A 285 5.11 1.29 -1.22
C ALA A 285 4.08 0.19 -1.29
N SER A 286 3.69 -0.37 -0.13
CA SER A 286 2.68 -1.43 -0.04
C SER A 286 1.34 -0.87 0.43
N ILE A 287 0.25 -1.44 -0.10
CA ILE A 287 -1.11 -1.07 0.25
C ILE A 287 -1.94 -2.33 0.53
N GLU A 288 -2.65 -2.35 1.68
CA GLU A 288 -3.58 -3.40 2.07
C GLU A 288 -4.91 -2.76 2.45
N ILE A 289 -5.95 -2.97 1.61
CA ILE A 289 -7.29 -2.43 1.85
C ILE A 289 -8.28 -3.62 1.84
N ASP A 290 -8.74 -3.99 3.04
CA ASP A 290 -9.71 -5.06 3.20
C ASP A 290 -11.06 -4.62 2.68
N SER A 291 -11.77 -5.57 2.00
CA SER A 291 -13.13 -5.38 1.52
C SER A 291 -13.31 -3.98 0.84
N LEU A 292 -12.42 -3.67 -0.10
CA LEU A 292 -12.46 -2.39 -0.82
C LEU A 292 -13.77 -2.21 -1.60
N TYR A 293 -14.20 -3.26 -2.29
CA TYR A 293 -15.38 -3.20 -3.14
C TYR A 293 -15.90 -4.60 -3.36
N GLU A 294 -17.21 -4.81 -3.06
CA GLU A 294 -17.91 -6.08 -3.17
C GLU A 294 -17.21 -7.20 -2.40
N GLY A 295 -16.73 -6.84 -1.20
CA GLY A 295 -16.04 -7.74 -0.27
C GLY A 295 -14.63 -8.14 -0.66
N ILE A 296 -14.15 -7.68 -1.84
CA ILE A 296 -12.79 -7.98 -2.37
C ILE A 296 -11.68 -7.17 -1.67
N ASP A 297 -10.70 -7.90 -1.10
CA ASP A 297 -9.54 -7.30 -0.46
C ASP A 297 -8.59 -6.87 -1.58
N PHE A 298 -8.00 -5.70 -1.44
CA PHE A 298 -7.06 -5.15 -2.41
C PHE A 298 -5.67 -4.97 -1.78
N TYR A 299 -4.80 -5.98 -1.99
CA TYR A 299 -3.43 -6.03 -1.49
C TYR A 299 -2.51 -5.90 -2.70
N THR A 300 -1.76 -4.80 -2.74
CA THR A 300 -0.91 -4.49 -3.88
C THR A 300 0.29 -3.67 -3.42
N SER A 301 1.12 -3.28 -4.39
CA SER A 301 2.29 -2.45 -4.16
C SER A 301 2.60 -1.67 -5.42
N ILE A 302 3.35 -0.56 -5.27
CA ILE A 302 3.79 0.27 -6.37
C ILE A 302 5.27 0.65 -6.16
N THR A 303 6.10 0.47 -7.21
CA THR A 303 7.51 0.84 -7.15
C THR A 303 7.64 2.32 -7.50
N ARG A 304 8.73 2.98 -7.08
CA ARG A 304 9.02 4.37 -7.44
C ARG A 304 9.10 4.50 -8.98
N ALA A 305 9.67 3.48 -9.67
CA ALA A 305 9.78 3.45 -11.13
C ALA A 305 8.40 3.44 -11.83
N ARG A 306 7.42 2.66 -11.31
CA ARG A 306 6.08 2.61 -11.91
C ARG A 306 5.39 3.96 -11.68
N PHE A 307 5.56 4.55 -10.48
CA PHE A 307 5.02 5.87 -10.13
C PHE A 307 5.60 6.97 -11.07
N GLU A 308 6.89 6.85 -11.45
CA GLU A 308 7.58 7.77 -12.36
C GLU A 308 7.08 7.63 -13.77
N GLU A 309 6.90 6.38 -14.28
CA GLU A 309 6.32 6.15 -15.62
C GLU A 309 4.92 6.75 -15.72
N LEU A 310 4.04 6.47 -14.71
CA LEU A 310 2.64 6.96 -14.67
C LEU A 310 2.52 8.47 -14.81
N ASN A 311 3.53 9.21 -14.28
CA ASN A 311 3.59 10.67 -14.28
C ASN A 311 4.69 11.25 -15.19
N ALA A 312 5.25 10.43 -16.11
CA ALA A 312 6.41 10.82 -16.95
C ALA A 312 6.24 12.13 -17.70
N ASP A 313 5.06 12.36 -18.31
CA ASP A 313 4.76 13.57 -19.08
C ASP A 313 4.62 14.77 -18.17
N LEU A 314 3.98 14.57 -17.02
CA LEU A 314 3.80 15.65 -16.04
C LEU A 314 5.14 16.10 -15.44
N PHE A 315 5.99 15.16 -15.06
CA PHE A 315 7.28 15.49 -14.48
C PHE A 315 8.20 16.20 -15.49
N ARG A 316 8.23 15.67 -16.70
CA ARG A 316 9.04 16.19 -17.79
C ARG A 316 8.58 17.59 -18.15
N GLY A 317 7.26 17.76 -18.14
CA GLY A 317 6.61 19.02 -18.46
C GLY A 317 6.95 20.18 -17.54
N THR A 318 7.48 19.92 -16.33
CA THR A 318 7.88 20.98 -15.38
C THR A 318 9.08 21.82 -15.89
N LEU A 319 9.87 21.28 -16.86
CA LEU A 319 11.03 21.96 -17.44
C LEU A 319 10.66 23.00 -18.50
N ASP A 320 9.48 22.89 -19.09
CA ASP A 320 9.06 23.85 -20.10
C ASP A 320 8.93 25.23 -19.48
N PRO A 321 8.33 25.30 -18.30
CA PRO A 321 8.19 26.59 -17.61
C PRO A 321 9.57 27.16 -17.28
N VAL A 322 10.52 26.29 -16.93
CA VAL A 322 11.87 26.73 -16.63
C VAL A 322 12.56 27.31 -17.87
N GLU A 323 12.40 26.64 -19.01
CA GLU A 323 12.95 27.12 -20.27
C GLU A 323 12.29 28.45 -20.67
N LYS A 324 10.96 28.58 -20.48
CA LYS A 324 10.22 29.82 -20.79
C LYS A 324 10.71 30.98 -19.89
N ALA A 325 10.86 30.74 -18.56
CA ALA A 325 11.37 31.74 -17.62
C ALA A 325 12.80 32.18 -17.96
N LEU A 326 13.70 31.23 -18.34
CA LEU A 326 15.09 31.58 -18.72
C LEU A 326 15.11 32.44 -19.97
N ARG A 327 14.21 32.15 -20.91
CA ARG A 327 14.04 32.89 -22.17
C ARG A 327 13.57 34.32 -21.86
N ASP A 328 12.55 34.49 -21.00
CA ASP A 328 12.01 35.81 -20.65
C ASP A 328 12.98 36.66 -19.83
N ALA A 329 13.89 36.01 -19.07
CA ALA A 329 14.90 36.68 -18.25
C ALA A 329 16.16 36.97 -19.07
N LYS A 330 16.20 36.51 -20.34
CA LYS A 330 17.31 36.66 -21.31
C LYS A 330 18.60 36.03 -20.71
N LEU A 331 18.44 34.83 -20.10
CA LEU A 331 19.53 34.08 -19.49
C LEU A 331 19.62 32.66 -20.04
N ASP A 332 20.85 32.14 -20.12
CA ASP A 332 21.12 30.76 -20.47
C ASP A 332 21.14 29.98 -19.14
N LYS A 333 20.87 28.67 -19.16
CA LYS A 333 20.86 27.82 -17.95
C LYS A 333 22.20 27.81 -17.19
N SER A 334 23.32 28.04 -17.92
CA SER A 334 24.68 28.09 -17.39
C SER A 334 24.92 29.37 -16.54
N GLN A 335 24.00 30.32 -16.64
CA GLN A 335 24.07 31.56 -15.92
C GLN A 335 23.27 31.55 -14.62
N ILE A 336 22.77 30.38 -14.22
CA ILE A 336 22.01 30.30 -12.99
C ILE A 336 22.92 29.84 -11.86
N HIS A 337 23.16 30.75 -10.92
CA HIS A 337 23.98 30.52 -9.74
C HIS A 337 23.41 29.59 -8.68
N ASP A 338 22.12 29.71 -8.42
CA ASP A 338 21.44 28.90 -7.41
C ASP A 338 20.05 28.47 -7.82
N ILE A 339 19.71 27.25 -7.48
CA ILE A 339 18.40 26.67 -7.74
C ILE A 339 17.79 26.34 -6.37
N VAL A 340 16.58 26.84 -6.11
CA VAL A 340 15.88 26.64 -4.83
C VAL A 340 14.59 25.81 -5.04
N LEU A 341 14.43 24.73 -4.26
CA LEU A 341 13.24 23.87 -4.26
C LEU A 341 12.18 24.33 -3.25
N VAL A 342 10.96 24.63 -3.72
CA VAL A 342 9.83 25.07 -2.87
C VAL A 342 8.57 24.19 -3.18
N GLY A 343 7.75 23.90 -2.16
CA GLY A 343 6.57 23.07 -2.27
C GLY A 343 6.88 21.61 -2.00
N GLY A 344 5.94 20.90 -1.38
CA GLY A 344 6.09 19.49 -1.01
C GLY A 344 6.37 18.53 -2.15
N SER A 345 5.87 18.82 -3.37
CA SER A 345 6.10 17.95 -4.53
C SER A 345 7.54 17.95 -5.05
N THR A 346 8.41 18.92 -4.60
CA THR A 346 9.82 18.97 -4.99
C THR A 346 10.62 17.88 -4.29
N ARG A 347 9.98 17.21 -3.33
CA ARG A 347 10.54 16.10 -2.59
C ARG A 347 10.60 14.84 -3.47
N ILE A 348 9.86 14.83 -4.60
CA ILE A 348 9.83 13.69 -5.51
C ILE A 348 11.22 13.56 -6.15
N PRO A 349 11.92 12.42 -5.92
CA PRO A 349 13.29 12.26 -6.46
C PRO A 349 13.43 12.48 -7.97
N LYS A 350 12.45 12.04 -8.78
CA LYS A 350 12.49 12.21 -10.23
C LYS A 350 12.47 13.68 -10.64
N ILE A 351 11.69 14.50 -9.93
CA ILE A 351 11.61 15.94 -10.20
C ILE A 351 12.96 16.60 -9.96
N GLN A 352 13.65 16.22 -8.85
CA GLN A 352 14.98 16.72 -8.49
C GLN A 352 16.00 16.29 -9.53
N LYS A 353 15.94 14.99 -9.97
CA LYS A 353 16.82 14.41 -10.97
C LYS A 353 16.71 15.15 -12.29
N LEU A 354 15.47 15.36 -12.79
CA LEU A 354 15.20 16.08 -14.05
C LEU A 354 15.73 17.50 -14.00
N LEU A 355 15.54 18.17 -12.86
CA LEU A 355 15.99 19.55 -12.68
C LEU A 355 17.52 19.67 -12.58
N GLN A 356 18.17 18.76 -11.84
CA GLN A 356 19.61 18.72 -11.68
C GLN A 356 20.30 18.36 -13.02
N ASP A 357 19.73 17.41 -13.80
CA ASP A 357 20.25 16.99 -15.11
C ASP A 357 20.15 18.15 -16.09
N PHE A 358 19.04 18.91 -16.04
CA PHE A 358 18.83 20.10 -16.87
C PHE A 358 19.93 21.13 -16.58
N PHE A 359 20.33 21.30 -15.30
CA PHE A 359 21.37 22.25 -14.93
C PHE A 359 22.75 21.60 -14.85
N ASN A 360 22.96 20.55 -15.68
CA ASN A 360 24.22 19.81 -15.87
C ASN A 360 24.91 19.30 -14.59
N GLY A 361 24.10 18.77 -13.67
CA GLY A 361 24.56 18.18 -12.41
C GLY A 361 24.72 19.14 -11.25
N LYS A 362 24.25 20.35 -11.38
CA LYS A 362 24.34 21.33 -10.32
C LYS A 362 23.50 20.98 -9.09
N GLU A 363 24.07 21.18 -7.91
CA GLU A 363 23.41 20.90 -6.65
C GLU A 363 22.26 21.85 -6.38
N LEU A 364 21.17 21.32 -5.81
CA LEU A 364 19.95 22.07 -5.50
C LEU A 364 19.88 22.45 -4.02
N ASN A 365 19.30 23.60 -3.72
CA ASN A 365 19.09 24.04 -2.34
C ASN A 365 17.77 23.42 -1.90
N LYS A 366 17.86 22.34 -1.11
CA LYS A 366 16.72 21.54 -0.65
C LYS A 366 16.75 21.14 0.85
N SER A 367 17.76 21.57 1.63
CA SER A 367 17.89 21.21 3.05
C SER A 367 16.76 21.74 3.95
N ILE A 368 16.14 22.88 3.59
CA ILE A 368 14.99 23.40 4.33
C ILE A 368 13.74 22.68 3.76
N ASN A 369 12.80 22.37 4.65
CA ASN A 369 11.58 21.71 4.24
C ASN A 369 10.97 22.60 3.19
N PRO A 370 10.70 22.05 2.01
CA PRO A 370 10.14 22.85 0.91
C PRO A 370 8.79 23.50 1.26
N ASP A 371 7.98 22.82 2.05
CA ASP A 371 6.70 23.32 2.50
C ASP A 371 6.85 24.54 3.39
N GLU A 372 7.98 24.63 4.07
CA GLU A 372 8.25 25.64 5.07
C GLU A 372 9.23 26.72 4.67
N ALA A 373 9.89 26.56 3.49
CA ALA A 373 10.96 27.48 3.04
C ALA A 373 10.53 28.95 2.92
N VAL A 374 9.29 29.19 2.46
CA VAL A 374 8.75 30.54 2.28
C VAL A 374 8.46 31.20 3.64
N ALA A 375 7.85 30.45 4.58
CA ALA A 375 7.56 30.94 5.94
C ALA A 375 8.88 31.18 6.69
N TYR A 376 9.88 30.32 6.45
CA TYR A 376 11.23 30.40 7.01
C TYR A 376 11.88 31.76 6.65
N GLY A 377 11.89 32.08 5.35
CA GLY A 377 12.42 33.33 4.81
C GLY A 377 11.67 34.54 5.32
N ALA A 378 10.33 34.44 5.41
CA ALA A 378 9.49 35.50 5.95
C ALA A 378 9.77 35.76 7.43
N ALA A 379 10.05 34.69 8.23
CA ALA A 379 10.38 34.77 9.67
C ALA A 379 11.73 35.47 9.89
N VAL A 380 12.72 35.19 8.99
CA VAL A 380 14.04 35.83 8.99
C VAL A 380 13.82 37.34 8.71
N GLN A 381 13.01 37.65 7.68
CA GLN A 381 12.69 39.03 7.30
C GLN A 381 12.01 39.78 8.43
N ALA A 382 11.07 39.10 9.14
CA ALA A 382 10.33 39.64 10.28
C ALA A 382 11.27 39.98 11.43
N ALA A 383 12.28 39.12 11.68
CA ALA A 383 13.29 39.34 12.73
C ALA A 383 14.19 40.52 12.35
N ILE A 384 14.56 40.64 11.06
CA ILE A 384 15.38 41.75 10.54
C ILE A 384 14.62 43.08 10.71
N LEU A 385 13.30 43.09 10.49
CA LEU A 385 12.46 44.29 10.58
C LEU A 385 12.02 44.66 12.02
N SER A 386 12.34 43.81 13.03
CA SER A 386 12.00 44.06 14.43
C SER A 386 13.02 44.99 15.12
N SER B 5 3.68 -19.95 17.07
CA SER B 5 4.45 -19.01 16.26
C SER B 5 4.17 -17.55 16.66
N ASN B 6 3.33 -17.32 17.67
CA ASN B 6 2.93 -16.02 18.21
C ASN B 6 4.14 -15.16 18.56
N SER B 7 4.21 -13.97 18.00
CA SER B 7 5.35 -13.09 18.19
C SER B 7 5.00 -11.86 19.03
N PRO B 8 5.97 -11.25 19.76
CA PRO B 8 5.67 -9.99 20.47
C PRO B 8 5.25 -8.86 19.53
N GLN B 9 5.76 -8.86 18.29
CA GLN B 9 5.46 -7.88 17.23
C GLN B 9 3.97 -7.82 16.90
N GLU B 10 3.30 -9.00 16.78
CA GLU B 10 1.86 -9.07 16.51
C GLU B 10 1.05 -8.49 17.67
N GLU B 11 1.54 -8.60 18.94
CA GLU B 11 0.88 -7.98 20.10
C GLU B 11 0.69 -6.47 19.88
N VAL B 12 1.67 -5.81 19.26
CA VAL B 12 1.64 -4.38 18.93
C VAL B 12 0.48 -4.09 17.94
N GLU B 13 0.33 -4.91 16.89
CA GLU B 13 -0.73 -4.70 15.91
C GLU B 13 -2.12 -5.02 16.46
N LEU B 14 -2.22 -6.06 17.29
CA LEU B 14 -3.46 -6.46 17.94
C LEU B 14 -3.94 -5.37 18.91
N LYS B 15 -2.99 -4.67 19.58
CA LYS B 15 -3.34 -3.56 20.47
C LYS B 15 -3.89 -2.36 19.68
N LYS B 16 -3.27 -2.01 18.54
CA LYS B 16 -3.74 -0.94 17.63
C LYS B 16 -5.17 -1.21 17.19
N LEU B 17 -5.45 -2.48 16.76
CA LEU B 17 -6.77 -2.94 16.34
C LEU B 17 -7.82 -2.88 17.48
N LYS B 18 -7.42 -3.20 18.72
CA LYS B 18 -8.31 -3.12 19.90
C LYS B 18 -8.71 -1.66 20.18
N HIS B 19 -7.78 -0.73 19.99
CA HIS B 19 -8.06 0.69 20.14
C HIS B 19 -9.06 1.13 19.06
N LEU B 20 -8.85 0.62 17.84
CA LEU B 20 -9.74 0.88 16.70
C LEU B 20 -11.15 0.28 16.93
N GLU B 21 -11.25 -0.97 17.48
CA GLU B 21 -12.50 -1.62 17.87
C GLU B 21 -13.27 -0.78 18.88
N LYS B 22 -12.55 -0.20 19.89
CA LYS B 22 -13.18 0.64 20.93
C LYS B 22 -13.72 1.91 20.31
N SER B 23 -12.98 2.51 19.36
CA SER B 23 -13.42 3.72 18.65
C SER B 23 -14.67 3.44 17.82
N VAL B 24 -14.74 2.25 17.21
CA VAL B 24 -15.90 1.81 16.42
C VAL B 24 -17.09 1.70 17.35
N GLU B 25 -16.92 1.06 18.53
CA GLU B 25 -17.99 0.91 19.54
C GLU B 25 -18.57 2.27 19.94
N LYS B 26 -17.72 3.29 20.11
CA LYS B 26 -18.16 4.66 20.45
C LYS B 26 -19.02 5.29 19.33
N ILE B 27 -18.62 5.12 18.06
CA ILE B 27 -19.41 5.63 16.92
C ILE B 27 -20.72 4.82 16.79
N ALA B 28 -20.65 3.50 16.99
CA ALA B 28 -21.81 2.60 16.97
C ALA B 28 -22.90 3.01 18.00
N ASP B 29 -22.49 3.51 19.20
CA ASP B 29 -23.40 4.03 20.25
C ASP B 29 -24.08 5.33 19.79
N GLN B 30 -23.36 6.16 19.00
CA GLN B 30 -23.89 7.41 18.42
C GLN B 30 -24.98 7.07 17.42
N LEU B 31 -24.75 6.02 16.60
CA LEU B 31 -25.71 5.51 15.63
C LEU B 31 -26.95 4.93 16.38
N GLU B 32 -26.72 4.17 17.48
CA GLU B 32 -27.82 3.60 18.25
C GLU B 32 -28.72 4.69 18.83
N GLU B 33 -28.13 5.80 19.31
CA GLU B 33 -28.88 6.96 19.82
C GLU B 33 -29.66 7.63 18.67
N LEU B 34 -29.05 7.75 17.47
CA LEU B 34 -29.70 8.32 16.29
C LEU B 34 -30.91 7.46 15.89
N ASN B 35 -30.75 6.12 15.94
CA ASN B 35 -31.82 5.16 15.62
C ASN B 35 -33.01 5.27 16.60
N LYS B 36 -32.72 5.47 17.91
CA LYS B 36 -33.72 5.64 18.97
C LYS B 36 -34.42 7.00 18.82
N GLU B 37 -33.68 8.04 18.37
CA GLU B 37 -34.24 9.37 18.15
C GLU B 37 -35.16 9.43 16.92
N LEU B 38 -34.80 8.73 15.82
CA LEU B 38 -35.65 8.74 14.62
C LEU B 38 -36.93 7.91 14.84
N THR B 39 -36.86 6.86 15.70
CA THR B 39 -37.99 6.01 16.08
C THR B 39 -39.00 6.88 16.84
N GLY B 40 -38.50 7.72 17.75
CA GLY B 40 -39.27 8.66 18.55
C GLY B 40 -40.10 9.66 17.73
N ILE B 41 -39.49 10.25 16.72
CA ILE B 41 -40.17 11.18 15.84
C ILE B 41 -41.21 10.46 14.98
N GLN B 42 -40.83 9.29 14.50
CA GLN B 42 -41.65 8.49 13.60
C GLN B 42 -42.98 8.02 14.22
N GLN B 43 -42.94 7.66 15.49
CA GLN B 43 -44.10 7.17 16.23
C GLN B 43 -44.47 8.18 17.31
N GLY B 44 -44.27 9.44 17.01
CA GLY B 44 -44.57 10.55 17.91
C GLY B 44 -45.87 11.28 17.61
N PHE B 45 -46.10 12.38 18.35
CA PHE B 45 -47.32 13.20 18.27
C PHE B 45 -47.29 14.29 17.21
N LEU B 46 -46.17 14.41 16.50
CA LEU B 46 -46.03 15.41 15.45
C LEU B 46 -46.84 15.08 14.19
N PRO B 47 -47.47 16.12 13.59
CA PRO B 47 -48.19 15.92 12.31
C PRO B 47 -47.21 15.60 11.19
N LYS B 48 -47.65 14.80 10.19
CA LYS B 48 -46.87 14.33 9.02
C LYS B 48 -45.90 15.38 8.45
N ASP B 49 -46.36 16.63 8.27
CA ASP B 49 -45.55 17.75 7.76
C ASP B 49 -44.44 18.15 8.74
N LEU B 50 -44.76 18.30 10.04
CA LEU B 50 -43.79 18.69 11.08
C LEU B 50 -42.75 17.58 11.42
N GLN B 51 -43.10 16.29 11.12
CA GLN B 51 -42.23 15.13 11.32
C GLN B 51 -41.09 15.22 10.33
N ALA B 52 -41.40 15.61 9.06
CA ALA B 52 -40.44 15.77 7.97
C ALA B 52 -39.25 16.67 8.36
N GLU B 53 -39.54 17.82 8.98
CA GLU B 53 -38.56 18.81 9.46
C GLU B 53 -37.64 18.25 10.55
N ALA B 54 -38.22 17.59 11.59
CA ALA B 54 -37.48 17.01 12.71
C ALA B 54 -36.49 15.91 12.27
N LEU B 55 -36.91 15.08 11.30
CA LEU B 55 -36.11 14.00 10.68
C LEU B 55 -34.93 14.59 9.95
N CYS B 56 -35.19 15.61 9.10
CA CYS B 56 -34.11 16.26 8.36
C CYS B 56 -33.15 17.02 9.31
N LYS B 57 -33.55 17.28 10.57
CA LYS B 57 -32.67 17.93 11.55
C LYS B 57 -31.55 16.96 12.05
N LEU B 58 -31.73 15.62 11.83
CA LEU B 58 -30.78 14.54 12.18
C LEU B 58 -29.79 14.27 11.03
N ASP B 59 -29.93 15.00 9.90
CA ASP B 59 -29.11 14.80 8.72
C ASP B 59 -27.65 14.99 8.99
N ARG B 60 -27.32 16.08 9.71
CA ARG B 60 -25.98 16.51 10.10
C ARG B 60 -25.30 15.44 10.97
N ARG B 61 -26.05 14.87 11.91
CA ARG B 61 -25.55 13.87 12.83
C ARG B 61 -25.22 12.54 12.17
N VAL B 62 -26.08 12.10 11.21
CA VAL B 62 -25.91 10.88 10.42
C VAL B 62 -24.64 11.02 9.54
N LYS B 63 -24.51 12.18 8.86
CA LYS B 63 -23.36 12.51 8.00
C LYS B 63 -22.04 12.53 8.82
N ALA B 64 -22.08 13.10 10.06
CA ALA B 64 -20.95 13.11 10.98
C ALA B 64 -20.57 11.67 11.39
N THR B 65 -21.56 10.84 11.66
CA THR B 65 -21.35 9.44 12.01
C THR B 65 -20.73 8.67 10.85
N ILE B 66 -21.20 8.94 9.64
CA ILE B 66 -20.69 8.28 8.44
C ILE B 66 -19.22 8.63 8.24
N GLU B 67 -18.90 9.90 8.43
CA GLU B 67 -17.53 10.37 8.28
C GLU B 67 -16.59 9.73 9.29
N GLN B 68 -17.06 9.59 10.53
CA GLN B 68 -16.25 8.99 11.59
C GLN B 68 -15.93 7.53 11.26
N PHE B 69 -16.90 6.79 10.70
CA PHE B 69 -16.64 5.42 10.26
C PHE B 69 -15.63 5.40 9.09
N MET B 70 -15.71 6.41 8.19
CA MET B 70 -14.81 6.53 7.05
C MET B 70 -13.36 6.75 7.46
N LYS B 71 -13.15 7.60 8.49
CA LYS B 71 -11.84 7.90 9.05
C LYS B 71 -11.24 6.68 9.75
N ILE B 72 -12.08 5.85 10.37
CA ILE B 72 -11.64 4.59 10.98
C ILE B 72 -11.18 3.65 9.87
N LEU B 73 -11.94 3.57 8.73
CA LEU B 73 -11.52 2.75 7.58
C LEU B 73 -10.17 3.21 7.05
N GLU B 74 -9.96 4.53 6.93
CA GLU B 74 -8.69 5.10 6.42
C GLU B 74 -7.53 4.76 7.34
N GLU B 75 -7.78 4.76 8.65
CA GLU B 75 -6.79 4.42 9.66
C GLU B 75 -6.44 2.95 9.60
N ILE B 76 -7.43 2.05 9.48
CA ILE B 76 -7.23 0.59 9.35
C ILE B 76 -6.41 0.31 8.06
N ASP B 77 -6.69 1.09 7.01
CA ASP B 77 -6.01 0.96 5.71
C ASP B 77 -4.50 1.30 5.74
N THR B 78 -3.99 1.93 6.84
CA THR B 78 -2.56 2.25 6.97
C THR B 78 -1.76 1.04 7.48
N LEU B 79 -2.47 0.06 8.03
CA LEU B 79 -1.85 -1.13 8.57
C LEU B 79 -1.36 -2.09 7.51
N ILE B 80 -0.18 -2.64 7.72
CA ILE B 80 0.37 -3.63 6.83
C ILE B 80 0.61 -4.81 7.75
N LEU B 81 0.01 -5.94 7.44
CA LEU B 81 0.18 -7.10 8.29
C LEU B 81 0.72 -8.26 7.50
N PRO B 82 1.83 -8.82 7.95
CA PRO B 82 2.41 -9.98 7.27
C PRO B 82 1.45 -11.18 7.31
N GLU B 83 1.47 -12.03 6.28
CA GLU B 83 0.61 -13.23 6.16
C GLU B 83 0.65 -14.14 7.41
N ASN B 84 1.81 -14.18 8.07
CA ASN B 84 2.01 -14.94 9.30
C ASN B 84 1.17 -14.43 10.47
N PHE B 85 0.83 -13.15 10.46
CA PHE B 85 0.04 -12.54 11.52
C PHE B 85 -1.43 -12.85 11.24
N LYS B 86 -1.79 -14.12 11.41
CA LYS B 86 -3.14 -14.57 11.16
C LYS B 86 -4.22 -13.96 12.07
N ASP B 87 -3.93 -13.83 13.35
CA ASP B 87 -4.89 -13.26 14.29
C ASP B 87 -5.18 -11.79 14.01
N SER B 88 -4.14 -11.02 13.68
CA SER B 88 -4.27 -9.60 13.30
C SER B 88 -5.11 -9.47 11.98
N ARG B 89 -4.74 -10.23 10.92
CA ARG B 89 -5.46 -10.23 9.63
C ARG B 89 -6.93 -10.55 9.83
N LEU B 90 -7.25 -11.51 10.75
CA LEU B 90 -8.62 -11.90 11.06
C LEU B 90 -9.39 -10.79 11.78
N LYS B 91 -8.78 -10.19 12.82
CA LYS B 91 -9.37 -9.09 13.60
C LYS B 91 -9.57 -7.85 12.69
N ARG B 92 -8.60 -7.56 11.79
CA ARG B 92 -8.72 -6.42 10.87
C ARG B 92 -9.90 -6.66 9.91
N LYS B 93 -9.99 -7.86 9.29
CA LYS B 93 -11.06 -8.21 8.37
C LYS B 93 -12.45 -8.12 9.07
N GLY B 94 -12.55 -8.66 10.29
CA GLY B 94 -13.76 -8.63 11.11
C GLY B 94 -14.20 -7.22 11.42
N LEU B 95 -13.24 -6.35 11.80
CA LEU B 95 -13.47 -4.95 12.12
C LEU B 95 -13.95 -4.14 10.90
N VAL B 96 -13.35 -4.32 9.72
CA VAL B 96 -13.77 -3.64 8.47
C VAL B 96 -15.22 -4.03 8.12
N LYS B 97 -15.56 -5.34 8.16
CA LYS B 97 -16.90 -5.82 7.88
C LYS B 97 -17.93 -5.27 8.88
N LYS B 98 -17.56 -5.17 10.15
CA LYS B 98 -18.44 -4.59 11.18
C LYS B 98 -18.69 -3.10 10.83
N VAL B 99 -17.64 -2.34 10.45
CA VAL B 99 -17.77 -0.90 10.07
C VAL B 99 -18.64 -0.77 8.81
N GLN B 100 -18.45 -1.69 7.83
CA GLN B 100 -19.25 -1.70 6.60
C GLN B 100 -20.72 -2.01 6.83
N ALA B 101 -21.03 -2.89 7.82
CA ALA B 101 -22.42 -3.19 8.21
C ALA B 101 -23.04 -1.96 8.90
N PHE B 102 -22.28 -1.26 9.77
CA PHE B 102 -22.74 -0.02 10.40
C PHE B 102 -22.97 1.08 9.36
N LEU B 103 -22.10 1.15 8.32
CA LEU B 103 -22.22 2.14 7.24
C LEU B 103 -23.45 1.91 6.41
N ALA B 104 -23.81 0.62 6.17
CA ALA B 104 -25.02 0.27 5.41
C ALA B 104 -26.28 0.66 6.22
N GLU B 105 -26.22 0.59 7.58
CA GLU B 105 -27.29 1.02 8.49
C GLU B 105 -27.44 2.53 8.38
N CYS B 106 -26.32 3.29 8.42
CA CYS B 106 -26.28 4.74 8.25
C CYS B 106 -26.95 5.14 6.93
N ASP B 107 -26.67 4.39 5.82
CA ASP B 107 -27.21 4.63 4.48
C ASP B 107 -28.75 4.57 4.45
N THR B 108 -29.35 3.54 5.11
CA THR B 108 -30.81 3.37 5.19
C THR B 108 -31.47 4.57 5.89
N VAL B 109 -30.82 5.12 6.96
CA VAL B 109 -31.26 6.29 7.72
C VAL B 109 -31.20 7.54 6.83
N GLU B 110 -30.03 7.80 6.24
CA GLU B 110 -29.76 8.95 5.38
C GLU B 110 -30.66 9.06 4.16
N GLN B 111 -31.07 7.90 3.59
CA GLN B 111 -31.99 7.83 2.44
C GLN B 111 -33.45 8.04 2.85
N ASN B 112 -33.77 7.88 4.16
CA ASN B 112 -35.13 8.00 4.68
C ASN B 112 -35.42 9.36 5.35
N ILE B 113 -34.48 10.30 5.25
CA ILE B 113 -34.62 11.64 5.79
C ILE B 113 -34.26 12.66 4.70
N CYS B 114 -34.86 13.87 4.77
CA CYS B 114 -34.67 14.98 3.80
C CYS B 114 -35.12 14.55 2.35
N GLN B 115 -36.13 13.63 2.27
CA GLN B 115 -36.67 13.08 1.02
C GLN B 115 -37.37 14.11 0.13
N MET C 6 50.84 24.19 28.08
CA MET C 6 52.16 23.96 27.46
C MET C 6 52.90 25.29 27.28
N SER C 7 54.23 25.27 27.46
CA SER C 7 55.09 26.44 27.28
C SER C 7 55.35 26.67 25.78
N LYS C 8 55.84 27.87 25.41
CA LYS C 8 56.11 28.25 24.01
C LYS C 8 57.21 27.39 23.40
N GLY C 9 56.96 26.89 22.18
CA GLY C 9 57.90 26.04 21.46
C GLY C 9 58.69 26.68 20.34
N PRO C 10 59.62 25.90 19.73
CA PRO C 10 60.40 26.45 18.62
C PRO C 10 59.62 26.52 17.30
N ALA C 11 60.29 26.95 16.23
CA ALA C 11 59.72 27.03 14.89
C ALA C 11 59.97 25.72 14.18
N VAL C 12 59.01 25.29 13.35
CA VAL C 12 59.11 24.00 12.64
C VAL C 12 59.15 24.17 11.13
N GLY C 13 59.56 23.11 10.47
CA GLY C 13 59.61 23.06 9.01
C GLY C 13 58.61 22.05 8.51
N ILE C 14 57.68 22.49 7.66
CA ILE C 14 56.65 21.61 7.13
C ILE C 14 56.76 21.45 5.61
N ASP C 15 56.87 20.19 5.16
CA ASP C 15 56.83 19.82 3.75
C ASP C 15 55.36 19.41 3.51
N LEU C 16 54.56 20.28 2.89
CA LEU C 16 53.15 20.03 2.60
C LEU C 16 53.12 19.41 1.21
N GLY C 17 53.08 18.07 1.17
CA GLY C 17 53.15 17.33 -0.08
C GLY C 17 51.81 16.96 -0.64
N THR C 18 51.83 16.51 -1.93
CA THR C 18 50.64 16.10 -2.67
C THR C 18 49.99 14.89 -2.01
N THR C 19 50.80 13.86 -1.72
CA THR C 19 50.32 12.58 -1.17
C THR C 19 50.65 12.43 0.32
N TYR C 20 51.81 12.96 0.74
CA TYR C 20 52.27 12.88 2.14
C TYR C 20 52.84 14.19 2.59
N SER C 21 52.75 14.47 3.90
CA SER C 21 53.33 15.68 4.51
C SER C 21 54.33 15.22 5.59
N CYS C 22 55.30 16.08 5.91
CA CYS C 22 56.40 15.79 6.82
C CYS C 22 56.72 17.03 7.63
N VAL C 23 56.96 16.86 8.95
CA VAL C 23 57.31 17.98 9.82
C VAL C 23 58.65 17.67 10.55
N GLY C 24 59.51 18.67 10.59
CA GLY C 24 60.81 18.59 11.24
C GLY C 24 61.07 19.74 12.18
N VAL C 25 62.00 19.55 13.11
CA VAL C 25 62.40 20.58 14.06
C VAL C 25 63.92 20.55 14.28
N PHE C 26 64.55 21.72 14.23
CA PHE C 26 65.96 21.84 14.50
C PHE C 26 66.13 22.04 16.02
N GLN C 27 66.86 21.14 16.66
CA GLN C 27 67.15 21.18 18.09
C GLN C 27 68.45 20.44 18.36
N HIS C 28 69.22 20.88 19.37
CA HIS C 28 70.51 20.28 19.77
C HIS C 28 71.47 20.11 18.57
N GLY C 29 71.58 21.16 17.75
CA GLY C 29 72.45 21.19 16.59
C GLY C 29 72.11 20.24 15.45
N LYS C 30 70.88 19.71 15.42
CA LYS C 30 70.44 18.77 14.36
C LYS C 30 68.94 18.84 14.10
N VAL C 31 68.52 18.37 12.92
CA VAL C 31 67.11 18.31 12.56
C VAL C 31 66.54 16.94 12.99
N GLU C 32 65.38 16.98 13.63
CA GLU C 32 64.69 15.78 14.03
C GLU C 32 63.40 15.73 13.22
N ILE C 33 63.20 14.64 12.48
CA ILE C 33 61.97 14.48 11.71
C ILE C 33 61.00 13.90 12.74
N ILE C 34 59.83 14.52 12.86
CA ILE C 34 58.88 14.08 13.87
C ILE C 34 57.87 13.01 13.45
N ALA C 35 57.86 11.91 14.18
CA ALA C 35 56.93 10.83 13.91
C ALA C 35 55.53 11.22 14.40
N ASN C 36 54.52 10.75 13.69
CA ASN C 36 53.14 11.04 14.07
C ASN C 36 52.64 10.07 15.14
N ASP C 37 51.37 10.20 15.51
CA ASP C 37 50.80 9.37 16.56
C ASP C 37 50.88 7.88 16.23
N GLN C 38 50.87 7.54 14.95
CA GLN C 38 50.97 6.15 14.51
C GLN C 38 52.43 5.74 14.39
N GLY C 39 53.33 6.68 14.70
CA GLY C 39 54.77 6.42 14.63
C GLY C 39 55.41 6.63 13.27
N ASN C 40 54.65 7.16 12.32
CA ASN C 40 55.14 7.39 10.97
C ASN C 40 55.80 8.77 10.80
N ARG C 41 56.93 8.79 10.10
CA ARG C 41 57.71 10.03 9.87
C ARG C 41 57.15 10.89 8.73
N THR C 42 56.19 10.36 7.96
CA THR C 42 55.40 11.09 6.98
C THR C 42 53.92 10.78 7.28
N THR C 43 53.05 11.76 7.02
CA THR C 43 51.63 11.65 7.23
C THR C 43 50.88 11.85 5.91
N PRO C 44 49.95 10.97 5.59
CA PRO C 44 49.22 11.12 4.32
C PRO C 44 48.43 12.43 4.26
N SER C 45 48.47 13.11 3.12
CA SER C 45 47.72 14.35 2.95
C SER C 45 46.29 14.00 2.57
N TYR C 46 45.62 13.32 3.48
CA TYR C 46 44.24 12.85 3.33
C TYR C 46 43.32 13.39 4.41
N VAL C 47 42.08 13.69 4.01
CA VAL C 47 41.03 14.15 4.91
C VAL C 47 39.76 13.36 4.53
N ALA C 48 39.17 12.66 5.48
CA ALA C 48 37.96 11.87 5.26
C ALA C 48 36.81 12.41 6.07
N PHE C 49 35.63 12.43 5.45
CA PHE C 49 34.42 12.90 6.09
C PHE C 49 33.50 11.69 6.19
N THR C 50 33.01 11.43 7.38
CA THR C 50 32.13 10.25 7.60
C THR C 50 30.77 10.67 8.11
N ASP C 51 29.96 9.68 8.53
CA ASP C 51 28.63 9.94 9.10
C ASP C 51 28.76 10.58 10.48
N THR C 52 29.90 10.41 11.17
CA THR C 52 30.09 10.92 12.53
C THR C 52 31.31 11.82 12.76
N GLU C 53 32.35 11.70 11.93
CA GLU C 53 33.60 12.41 12.18
C GLU C 53 34.39 12.81 10.94
N ARG C 54 35.39 13.63 11.18
CA ARG C 54 36.37 14.11 10.22
C ARG C 54 37.69 13.45 10.62
N LEU C 55 38.30 12.70 9.71
CA LEU C 55 39.56 12.01 9.95
C LEU C 55 40.66 12.63 9.11
N ILE C 56 41.89 12.77 9.67
CA ILE C 56 43.03 13.36 8.94
C ILE C 56 44.25 12.46 9.01
N GLY C 57 45.00 12.34 7.91
CA GLY C 57 46.24 11.57 7.90
C GLY C 57 46.02 10.08 7.76
N ASP C 58 46.76 9.31 8.54
CA ASP C 58 46.69 7.85 8.51
C ASP C 58 45.27 7.33 8.70
N ALA C 59 44.57 7.85 9.69
CA ALA C 59 43.18 7.43 9.97
C ALA C 59 42.28 7.67 8.74
N ALA C 60 42.50 8.78 8.00
CA ALA C 60 41.73 9.08 6.79
C ALA C 60 42.14 8.12 5.65
N LYS C 61 43.45 7.88 5.45
CA LYS C 61 43.93 6.96 4.42
C LYS C 61 43.52 5.49 4.68
N ASN C 62 43.47 5.09 5.95
CA ASN C 62 43.13 3.72 6.36
C ASN C 62 41.70 3.32 6.03
N GLN C 63 40.81 4.29 5.86
CA GLN C 63 39.41 3.99 5.53
C GLN C 63 38.99 4.46 4.14
N VAL C 64 39.94 4.61 3.23
CA VAL C 64 39.62 5.06 1.88
C VAL C 64 38.87 4.00 1.06
N ALA C 65 39.25 2.73 1.23
CA ALA C 65 38.58 1.63 0.53
C ALA C 65 37.10 1.51 0.93
N MET C 66 36.78 1.96 2.14
CA MET C 66 35.43 1.92 2.67
C MET C 66 34.62 3.17 2.33
N ASN C 67 35.29 4.32 2.24
CA ASN C 67 34.63 5.58 1.94
C ASN C 67 35.37 6.37 0.86
N PRO C 68 35.43 5.84 -0.35
CA PRO C 68 36.16 6.51 -1.43
C PRO C 68 35.65 7.89 -1.87
N THR C 69 34.34 8.06 -1.99
CA THR C 69 33.75 9.33 -2.42
C THR C 69 33.99 10.50 -1.47
N ASN C 70 33.97 10.22 -0.18
CA ASN C 70 34.16 11.25 0.83
C ASN C 70 35.58 11.43 1.41
N THR C 71 36.54 10.74 0.82
CA THR C 71 37.93 10.84 1.25
C THR C 71 38.70 11.71 0.25
N VAL C 72 39.18 12.85 0.71
CA VAL C 72 39.88 13.83 -0.12
C VAL C 72 41.40 13.72 0.04
N PHE C 73 42.09 13.85 -1.09
CA PHE C 73 43.51 13.81 -1.24
C PHE C 73 43.85 14.60 -2.51
N ASP C 74 45.11 14.90 -2.74
CA ASP C 74 45.55 15.62 -3.94
C ASP C 74 45.08 17.07 -3.98
N ALA C 75 44.79 17.66 -2.83
CA ALA C 75 44.34 19.03 -2.71
C ALA C 75 45.37 20.00 -3.24
N LYS C 76 46.63 19.60 -3.16
CA LYS C 76 47.76 20.39 -3.64
C LYS C 76 47.69 20.58 -5.18
N ARG C 77 47.07 19.62 -5.90
CA ARG C 77 46.87 19.71 -7.36
C ARG C 77 45.77 20.73 -7.69
N LEU C 78 44.93 21.11 -6.70
CA LEU C 78 43.83 22.03 -6.87
C LEU C 78 44.11 23.41 -6.30
N ILE C 79 44.96 23.49 -5.28
CA ILE C 79 45.24 24.70 -4.52
C ILE C 79 45.70 25.88 -5.41
N GLY C 80 45.02 27.01 -5.25
CA GLY C 80 45.29 28.25 -5.98
C GLY C 80 44.91 28.24 -7.46
N ARG C 81 44.22 27.18 -7.93
CA ARG C 81 43.82 27.07 -9.32
C ARG C 81 42.39 27.51 -9.60
N ARG C 82 42.11 27.89 -10.85
CA ARG C 82 40.76 28.23 -11.27
C ARG C 82 40.08 26.90 -11.63
N PHE C 83 38.74 26.84 -11.57
CA PHE C 83 38.03 25.61 -11.91
C PHE C 83 38.32 25.18 -13.36
N ASP C 84 38.38 26.17 -14.31
CA ASP C 84 38.58 25.90 -15.74
C ASP C 84 40.02 25.60 -16.15
N ASP C 85 40.95 25.59 -15.18
CA ASP C 85 42.36 25.24 -15.42
C ASP C 85 42.39 23.82 -16.02
N ALA C 86 43.19 23.62 -17.08
CA ALA C 86 43.37 22.33 -17.77
C ALA C 86 43.77 21.22 -16.79
N VAL C 87 44.59 21.56 -15.77
CA VAL C 87 45.07 20.64 -14.72
C VAL C 87 43.91 20.15 -13.85
N VAL C 88 43.00 21.07 -13.47
CA VAL C 88 41.82 20.73 -12.68
C VAL C 88 40.90 19.78 -13.48
N GLN C 89 40.61 20.14 -14.73
CA GLN C 89 39.73 19.37 -15.61
C GLN C 89 40.21 17.97 -15.89
N SER C 90 41.52 17.81 -16.07
CA SER C 90 42.17 16.53 -16.38
C SER C 90 42.23 15.63 -15.15
N ASP C 91 42.62 16.20 -13.97
CA ASP C 91 42.76 15.45 -12.73
C ASP C 91 41.45 14.95 -12.15
N MET C 92 40.35 15.74 -12.26
CA MET C 92 39.07 15.38 -11.65
C MET C 92 38.44 14.10 -12.24
N LYS C 93 38.76 13.76 -13.48
CA LYS C 93 38.24 12.55 -14.08
C LYS C 93 38.70 11.32 -13.27
N HIS C 94 39.92 11.38 -12.76
CA HIS C 94 40.51 10.28 -11.98
C HIS C 94 40.29 10.24 -10.46
N TRP C 95 39.62 11.23 -9.90
CA TRP C 95 39.37 11.26 -8.45
C TRP C 95 38.01 10.68 -8.11
N PRO C 96 37.91 9.89 -7.03
CA PRO C 96 36.59 9.34 -6.66
C PRO C 96 35.67 10.39 -6.01
N PHE C 97 36.23 11.51 -5.51
CA PHE C 97 35.46 12.58 -4.86
C PHE C 97 35.06 13.62 -5.92
N MET C 98 34.01 14.38 -5.65
CA MET C 98 33.48 15.39 -6.54
C MET C 98 34.19 16.74 -6.40
N VAL C 99 34.48 17.41 -7.52
CA VAL C 99 35.05 18.75 -7.55
C VAL C 99 34.03 19.59 -8.29
N VAL C 100 33.53 20.63 -7.64
CA VAL C 100 32.51 21.53 -8.19
C VAL C 100 33.04 22.94 -8.43
N ASN C 101 32.35 23.71 -9.26
CA ASN C 101 32.70 25.07 -9.60
C ASN C 101 31.90 26.05 -8.74
N ASP C 102 32.59 26.87 -7.96
CA ASP C 102 31.96 27.93 -7.17
C ASP C 102 32.54 29.29 -7.62
N ALA C 103 31.80 30.00 -8.48
CA ALA C 103 32.18 31.31 -9.03
C ALA C 103 33.60 31.33 -9.66
N GLY C 104 33.93 30.26 -10.41
CA GLY C 104 35.22 30.11 -11.07
C GLY C 104 36.28 29.39 -10.24
N ARG C 105 35.98 29.09 -8.97
CA ARG C 105 36.92 28.40 -8.09
C ARG C 105 36.54 26.95 -7.83
N PRO C 106 37.49 25.99 -7.80
CA PRO C 106 37.11 24.61 -7.47
C PRO C 106 36.86 24.43 -5.98
N LYS C 107 35.99 23.50 -5.65
CA LYS C 107 35.68 23.12 -4.27
C LYS C 107 35.46 21.63 -4.31
N VAL C 108 36.02 20.90 -3.33
CA VAL C 108 35.73 19.48 -3.21
C VAL C 108 34.34 19.39 -2.54
N GLN C 109 33.48 18.48 -3.00
CA GLN C 109 32.15 18.29 -2.45
C GLN C 109 32.04 16.90 -1.88
N VAL C 110 31.61 16.80 -0.62
CA VAL C 110 31.50 15.53 0.11
C VAL C 110 30.20 15.41 0.89
N GLU C 111 29.92 14.22 1.38
CA GLU C 111 28.83 13.96 2.30
C GLU C 111 29.51 13.86 3.68
N TYR C 112 29.15 14.79 4.59
CA TYR C 112 29.70 14.92 5.94
C TYR C 112 28.56 15.00 6.95
N LYS C 113 28.50 14.00 7.87
CA LYS C 113 27.45 13.84 8.90
C LYS C 113 26.05 13.89 8.27
N GLY C 114 25.89 13.16 7.17
CA GLY C 114 24.64 13.04 6.41
C GLY C 114 24.26 14.23 5.54
N GLU C 115 25.09 15.30 5.53
CA GLU C 115 24.86 16.56 4.79
C GLU C 115 25.90 16.76 3.67
N THR C 116 25.47 17.38 2.57
CA THR C 116 26.36 17.73 1.45
C THR C 116 27.10 19.00 1.84
N LYS C 117 28.44 18.90 1.92
CA LYS C 117 29.32 20.02 2.26
C LYS C 117 30.42 20.19 1.22
N SER C 118 30.82 21.44 0.98
CA SER C 118 31.90 21.76 0.04
C SER C 118 33.02 22.56 0.73
N PHE C 119 34.27 22.29 0.33
CA PHE C 119 35.45 22.92 0.92
C PHE C 119 36.41 23.40 -0.15
N TYR C 120 37.04 24.57 0.07
CA TYR C 120 38.05 25.11 -0.82
C TYR C 120 39.33 24.29 -0.62
N PRO C 121 40.20 24.15 -1.65
CA PRO C 121 41.46 23.38 -1.47
C PRO C 121 42.32 23.87 -0.29
N GLU C 122 42.36 25.22 -0.02
CA GLU C 122 43.13 25.72 1.14
C GLU C 122 42.48 25.34 2.48
N GLU C 123 41.17 25.06 2.52
CA GLU C 123 40.54 24.62 3.79
C GLU C 123 40.95 23.16 4.06
N VAL C 124 41.06 22.36 3.01
CA VAL C 124 41.50 20.96 3.11
C VAL C 124 42.97 20.93 3.54
N SER C 125 43.80 21.76 2.90
CA SER C 125 45.22 21.85 3.21
C SER C 125 45.47 22.38 4.62
N SER C 126 44.58 23.28 5.12
CA SER C 126 44.65 23.81 6.49
C SER C 126 44.41 22.68 7.52
N MET C 127 43.57 21.69 7.18
CA MET C 127 43.28 20.52 8.05
C MET C 127 44.53 19.64 8.17
N VAL C 128 45.27 19.48 7.06
CA VAL C 128 46.53 18.73 6.99
C VAL C 128 47.64 19.49 7.78
N LEU C 129 47.69 20.82 7.64
CA LEU C 129 48.66 21.64 8.37
C LEU C 129 48.35 21.65 9.87
N THR C 130 47.06 21.64 10.26
CA THR C 130 46.62 21.53 11.65
C THR C 130 47.15 20.23 12.24
N LYS C 131 47.03 19.11 11.48
CA LYS C 131 47.54 17.80 11.89
C LYS C 131 49.07 17.83 12.05
N MET C 132 49.82 18.46 11.10
CA MET C 132 51.29 18.59 11.20
C MET C 132 51.68 19.41 12.45
N LYS C 133 50.95 20.50 12.74
CA LYS C 133 51.14 21.37 13.91
C LYS C 133 50.96 20.56 15.22
N GLU C 134 49.91 19.69 15.26
CA GLU C 134 49.58 18.82 16.41
C GLU C 134 50.63 17.73 16.62
N ILE C 135 51.14 17.14 15.53
CA ILE C 135 52.20 16.13 15.52
C ILE C 135 53.47 16.71 16.18
N ALA C 136 53.82 17.98 15.82
CA ALA C 136 54.98 18.70 16.38
C ALA C 136 54.78 18.97 17.86
N GLU C 137 53.59 19.47 18.25
CA GLU C 137 53.24 19.75 19.66
C GLU C 137 53.25 18.48 20.50
N ALA C 138 52.75 17.34 19.96
CA ALA C 138 52.68 16.07 20.72
C ALA C 138 54.08 15.57 21.05
N TYR C 139 55.04 15.77 20.13
CA TYR C 139 56.43 15.37 20.33
C TYR C 139 57.19 16.33 21.29
N LEU C 140 57.06 17.62 21.07
CA LEU C 140 57.78 18.64 21.84
C LEU C 140 57.24 18.86 23.23
N GLY C 141 55.93 18.73 23.38
CA GLY C 141 55.24 18.98 24.64
C GLY C 141 55.17 20.48 24.87
N LYS C 142 55.19 21.25 23.76
CA LYS C 142 55.18 22.71 23.74
C LYS C 142 54.28 23.18 22.62
N THR C 143 53.75 24.41 22.74
CA THR C 143 52.88 25.01 21.71
C THR C 143 53.73 25.38 20.48
N VAL C 144 53.25 25.02 19.28
CA VAL C 144 53.93 25.29 18.00
C VAL C 144 53.06 26.27 17.20
N THR C 145 53.60 27.46 16.87
CA THR C 145 52.88 28.48 16.09
C THR C 145 53.66 28.89 14.83
N ASN C 146 54.99 28.94 14.90
CA ASN C 146 55.81 29.39 13.79
C ASN C 146 56.25 28.28 12.87
N ALA C 147 56.07 28.47 11.57
CA ALA C 147 56.48 27.44 10.64
C ALA C 147 56.92 27.98 9.29
N VAL C 148 57.73 27.18 8.60
CA VAL C 148 58.18 27.48 7.27
C VAL C 148 57.49 26.40 6.46
N VAL C 149 56.72 26.80 5.46
CA VAL C 149 55.98 25.85 4.63
C VAL C 149 56.51 25.87 3.21
N THR C 150 56.75 24.69 2.66
CA THR C 150 57.31 24.60 1.31
C THR C 150 56.23 24.48 0.22
N VAL C 151 56.61 24.92 -1.00
CA VAL C 151 55.76 24.87 -2.21
C VAL C 151 56.66 24.53 -3.40
N PRO C 152 56.15 23.91 -4.50
CA PRO C 152 57.01 23.72 -5.68
C PRO C 152 57.46 25.06 -6.27
N ALA C 153 58.63 25.07 -6.90
CA ALA C 153 59.20 26.28 -7.52
C ALA C 153 58.32 26.83 -8.65
N TYR C 154 57.46 25.99 -9.26
CA TYR C 154 56.61 26.44 -10.39
C TYR C 154 55.27 27.02 -9.90
N PHE C 155 55.03 27.06 -8.60
CA PHE C 155 53.79 27.62 -8.08
C PHE C 155 53.68 29.10 -8.41
N ASN C 156 52.51 29.53 -8.82
CA ASN C 156 52.26 30.93 -9.15
C ASN C 156 51.86 31.76 -7.94
N ASP C 157 51.51 33.03 -8.16
CA ASP C 157 51.13 33.94 -7.08
C ASP C 157 49.90 33.46 -6.31
N SER C 158 48.92 32.96 -7.06
CA SER C 158 47.67 32.45 -6.52
C SER C 158 47.88 31.15 -5.72
N GLN C 159 48.72 30.23 -6.23
CA GLN C 159 49.01 28.96 -5.57
C GLN C 159 49.82 29.14 -4.30
N ARG C 160 50.72 30.13 -4.26
CA ARG C 160 51.55 30.46 -3.09
C ARG C 160 50.68 31.15 -2.03
N GLN C 161 49.80 32.09 -2.45
CA GLN C 161 48.91 32.81 -1.55
C GLN C 161 47.90 31.85 -0.89
N ALA C 162 47.32 30.92 -1.67
CA ALA C 162 46.40 29.90 -1.18
C ALA C 162 47.07 28.97 -0.16
N THR C 163 48.36 28.64 -0.35
CA THR C 163 49.13 27.80 0.59
C THR C 163 49.37 28.57 1.90
N LYS C 164 49.72 29.86 1.80
CA LYS C 164 49.94 30.71 2.98
C LYS C 164 48.62 30.84 3.74
N ASP C 165 47.48 31.00 3.01
CA ASP C 165 46.12 31.08 3.58
C ASP C 165 45.76 29.78 4.30
N ALA C 166 46.18 28.61 3.78
CA ALA C 166 45.96 27.32 4.47
C ALA C 166 46.72 27.34 5.83
N GLY C 167 47.93 27.91 5.84
CA GLY C 167 48.75 28.08 7.04
C GLY C 167 48.08 28.95 8.08
N THR C 168 47.56 30.09 7.64
CA THR C 168 46.87 31.03 8.51
C THR C 168 45.59 30.45 9.13
N ILE C 169 44.85 29.71 8.32
CA ILE C 169 43.61 29.07 8.74
C ILE C 169 43.84 28.04 9.84
N ALA C 170 44.97 27.35 9.76
CA ALA C 170 45.36 26.32 10.71
C ALA C 170 45.92 26.89 12.00
N GLY C 171 46.02 28.21 12.07
CA GLY C 171 46.56 28.89 13.24
C GLY C 171 48.06 29.05 13.25
N LEU C 172 48.70 28.82 12.09
CA LEU C 172 50.15 28.94 11.96
C LEU C 172 50.56 30.33 11.54
N ASN C 173 51.70 30.77 12.03
CA ASN C 173 52.35 32.01 11.63
C ASN C 173 53.43 31.53 10.64
N VAL C 174 53.17 31.72 9.33
CA VAL C 174 54.09 31.29 8.27
C VAL C 174 55.25 32.28 8.19
N LEU C 175 56.43 31.87 8.71
CA LEU C 175 57.64 32.69 8.71
C LEU C 175 58.06 32.94 7.30
N ARG C 176 58.07 31.91 6.47
CA ARG C 176 58.40 32.06 5.07
C ARG C 176 57.84 30.90 4.26
N ILE C 177 57.59 31.16 2.99
CA ILE C 177 57.12 30.14 2.07
C ILE C 177 58.35 29.98 1.20
N ILE C 178 58.90 28.79 1.17
CA ILE C 178 60.10 28.57 0.38
C ILE C 178 59.91 27.44 -0.60
N ASN C 179 60.63 27.54 -1.70
CA ASN C 179 60.56 26.55 -2.75
C ASN C 179 61.10 25.23 -2.25
N GLU C 180 60.48 24.13 -2.70
CA GLU C 180 60.93 22.78 -2.33
C GLU C 180 62.40 22.53 -2.73
N PRO C 181 62.86 22.88 -3.97
CA PRO C 181 64.29 22.68 -4.33
C PRO C 181 65.26 23.51 -3.49
N THR C 182 64.85 24.74 -3.08
CA THR C 182 65.61 25.63 -2.21
C THR C 182 65.76 24.96 -0.84
N ALA C 183 64.67 24.36 -0.33
CA ALA C 183 64.63 23.62 0.94
C ALA C 183 65.60 22.42 0.89
N ALA C 184 65.59 21.62 -0.20
CA ALA C 184 66.50 20.48 -0.36
C ALA C 184 67.98 20.93 -0.42
N ALA C 185 68.26 22.09 -1.07
CA ALA C 185 69.61 22.68 -1.18
C ALA C 185 70.11 23.13 0.19
N ILE C 186 69.21 23.71 1.01
CA ILE C 186 69.50 24.16 2.38
C ILE C 186 69.84 22.93 3.27
N ALA C 187 69.10 21.79 3.09
CA ALA C 187 69.32 20.56 3.86
C ALA C 187 70.78 20.06 3.75
N TYR C 188 71.37 20.14 2.54
CA TYR C 188 72.75 19.74 2.23
C TYR C 188 73.79 20.85 2.46
N GLY C 189 73.29 22.00 2.92
CA GLY C 189 74.09 23.19 3.22
C GLY C 189 74.84 23.74 2.04
N LEU C 190 74.29 23.56 0.85
CA LEU C 190 74.90 24.01 -0.40
C LEU C 190 75.10 25.52 -0.39
N ASP C 191 74.24 26.22 0.32
CA ASP C 191 74.34 27.66 0.47
C ASP C 191 75.54 28.07 1.31
N LYS C 192 76.09 27.17 2.10
CA LYS C 192 77.24 27.47 2.95
C LYS C 192 78.64 27.15 2.35
N LYS C 193 78.67 26.52 1.20
CA LYS C 193 79.90 26.16 0.51
C LYS C 193 80.61 27.42 -0.01
N VAL C 194 81.90 27.58 0.33
CA VAL C 194 82.72 28.71 -0.07
C VAL C 194 83.04 28.66 -1.58
N GLY C 195 83.29 29.84 -2.14
CA GLY C 195 83.61 30.00 -3.55
C GLY C 195 82.64 30.90 -4.27
N ALA C 196 82.64 30.82 -5.61
CA ALA C 196 81.77 31.63 -6.46
C ALA C 196 80.37 30.99 -6.61
N GLU C 197 79.57 31.54 -7.52
CA GLU C 197 78.24 31.07 -7.80
C GLU C 197 78.18 29.56 -8.02
N ARG C 198 77.11 28.93 -7.54
CA ARG C 198 76.93 27.50 -7.69
C ARG C 198 75.66 27.16 -8.47
N ASN C 199 75.78 26.24 -9.43
CA ASN C 199 74.65 25.79 -10.20
C ASN C 199 74.23 24.45 -9.60
N VAL C 200 73.01 24.42 -9.08
CA VAL C 200 72.46 23.26 -8.40
C VAL C 200 71.28 22.65 -9.15
N LEU C 201 71.32 21.31 -9.36
CA LEU C 201 70.22 20.59 -9.99
C LEU C 201 69.56 19.73 -8.92
N ILE C 202 68.26 19.92 -8.74
CA ILE C 202 67.43 19.16 -7.80
C ILE C 202 66.60 18.18 -8.63
N PHE C 203 66.79 16.87 -8.37
CA PHE C 203 66.08 15.77 -9.03
C PHE C 203 65.07 15.22 -8.02
N ASP C 204 63.80 15.62 -8.15
CA ASP C 204 62.72 15.24 -7.24
C ASP C 204 61.71 14.25 -7.83
N LEU C 205 61.83 12.97 -7.43
CA LEU C 205 60.95 11.90 -7.90
C LEU C 205 60.30 11.24 -6.70
N GLY C 206 59.12 11.73 -6.36
CA GLY C 206 58.37 11.25 -5.20
C GLY C 206 57.06 11.99 -5.00
N GLY C 207 56.13 11.34 -4.33
CA GLY C 207 54.79 11.85 -4.06
C GLY C 207 53.97 12.08 -5.31
N GLY C 208 53.98 11.10 -6.22
CA GLY C 208 53.24 11.08 -7.49
C GLY C 208 53.57 12.13 -8.55
N THR C 209 54.63 12.92 -8.32
CA THR C 209 55.08 13.94 -9.29
C THR C 209 56.59 13.81 -9.53
N PHE C 210 57.06 14.32 -10.67
CA PHE C 210 58.48 14.34 -11.00
C PHE C 210 58.86 15.80 -11.28
N ASP C 211 59.77 16.37 -10.47
CA ASP C 211 60.22 17.76 -10.61
C ASP C 211 61.72 17.88 -10.71
N VAL C 212 62.19 18.57 -11.75
CA VAL C 212 63.60 18.88 -11.97
C VAL C 212 63.73 20.40 -11.88
N SER C 213 64.61 20.89 -11.00
CA SER C 213 64.84 22.32 -10.85
C SER C 213 66.31 22.63 -10.90
N ILE C 214 66.65 23.77 -11.47
CA ILE C 214 68.03 24.20 -11.53
C ILE C 214 68.07 25.54 -10.78
N LEU C 215 68.99 25.64 -9.83
CA LEU C 215 69.12 26.85 -9.04
C LEU C 215 70.54 27.36 -9.03
N THR C 216 70.68 28.64 -8.78
CA THR C 216 71.98 29.27 -8.69
C THR C 216 72.06 29.89 -7.31
N ILE C 217 73.14 29.59 -6.60
CA ILE C 217 73.36 30.13 -5.25
C ILE C 217 74.63 30.99 -5.28
N GLU C 218 74.51 32.23 -4.87
CA GLU C 218 75.62 33.18 -4.78
C GLU C 218 75.47 34.00 -3.50
N ASP C 219 76.46 33.93 -2.60
CA ASP C 219 76.50 34.61 -1.30
C ASP C 219 75.19 34.37 -0.50
N GLY C 220 74.70 33.13 -0.51
CA GLY C 220 73.50 32.77 0.21
C GLY C 220 72.20 33.20 -0.44
N ILE C 221 72.27 33.59 -1.70
CA ILE C 221 71.08 34.02 -2.44
C ILE C 221 70.69 32.97 -3.47
N PHE C 222 69.41 32.61 -3.45
CA PHE C 222 68.89 31.58 -4.34
C PHE C 222 68.13 32.16 -5.53
N GLU C 223 68.36 31.59 -6.70
CA GLU C 223 67.63 31.99 -7.89
C GLU C 223 67.23 30.74 -8.67
N VAL C 224 65.95 30.64 -9.00
CA VAL C 224 65.42 29.52 -9.79
C VAL C 224 65.70 29.87 -11.26
N LYS C 225 66.58 29.12 -11.91
CA LYS C 225 66.93 29.35 -13.33
C LYS C 225 65.99 28.61 -14.30
N SER C 226 65.47 27.43 -13.90
CA SER C 226 64.54 26.62 -14.71
C SER C 226 63.85 25.53 -13.92
N THR C 227 62.67 25.10 -14.40
CA THR C 227 61.88 24.01 -13.81
C THR C 227 61.35 23.14 -14.97
N ALA C 228 61.31 21.81 -14.75
CA ALA C 228 60.80 20.84 -15.72
C ALA C 228 60.34 19.59 -14.97
N GLY C 229 59.70 18.66 -15.68
CA GLY C 229 59.23 17.42 -15.06
C GLY C 229 57.99 16.83 -15.69
N ASP C 230 57.38 15.90 -14.96
CA ASP C 230 56.18 15.16 -15.31
C ASP C 230 55.30 15.16 -14.05
N THR C 231 54.17 15.90 -14.09
CA THR C 231 53.25 16.05 -12.95
C THR C 231 52.53 14.76 -12.51
N HIS C 232 52.64 13.67 -13.29
CA HIS C 232 51.98 12.41 -13.02
C HIS C 232 52.91 11.18 -13.12
N LEU C 233 54.17 11.32 -12.69
CA LEU C 233 55.11 10.21 -12.70
C LEU C 233 55.58 9.97 -11.28
N GLY C 234 55.53 8.72 -10.86
CA GLY C 234 56.01 8.33 -9.54
C GLY C 234 56.06 6.84 -9.37
N GLY C 235 56.28 6.42 -8.13
CA GLY C 235 56.38 5.04 -7.70
C GLY C 235 55.23 4.15 -8.11
N GLU C 236 54.01 4.68 -8.13
CA GLU C 236 52.83 3.92 -8.55
C GLU C 236 52.94 3.36 -9.96
N ASP C 237 53.55 4.12 -10.86
CA ASP C 237 53.78 3.71 -12.24
C ASP C 237 54.71 2.53 -12.29
N PHE C 238 55.71 2.50 -11.41
CA PHE C 238 56.66 1.42 -11.36
C PHE C 238 55.95 0.18 -10.80
N ASP C 239 55.08 0.40 -9.83
CA ASP C 239 54.30 -0.68 -9.23
C ASP C 239 53.37 -1.32 -10.25
N ASN C 240 52.75 -0.47 -11.07
CA ASN C 240 51.81 -0.94 -12.08
C ASN C 240 52.49 -1.88 -13.06
N ARG C 241 53.72 -1.55 -13.44
CA ARG C 241 54.48 -2.38 -14.38
C ARG C 241 54.72 -3.75 -13.75
N MET C 242 55.08 -3.77 -12.47
CA MET C 242 55.32 -5.03 -11.78
C MET C 242 54.03 -5.85 -11.70
N VAL C 243 52.91 -5.19 -11.43
CA VAL C 243 51.63 -5.87 -11.33
C VAL C 243 51.25 -6.49 -12.67
N ASN C 244 51.48 -5.77 -13.76
CA ASN C 244 51.17 -6.29 -15.08
C ASN C 244 52.04 -7.50 -15.37
N HIS C 245 53.31 -7.41 -14.98
CA HIS C 245 54.23 -8.50 -15.21
C HIS C 245 53.74 -9.75 -14.49
N PHE C 246 53.33 -9.60 -13.23
CA PHE C 246 52.82 -10.73 -12.45
C PHE C 246 51.50 -11.30 -12.96
N ILE C 247 50.60 -10.42 -13.41
CA ILE C 247 49.33 -10.88 -13.93
C ILE C 247 49.58 -11.74 -15.16
N ALA C 248 50.50 -11.31 -16.01
CA ALA C 248 50.86 -12.05 -17.23
C ALA C 248 51.54 -13.40 -16.85
N GLU C 249 52.40 -13.39 -15.82
CA GLU C 249 53.09 -14.58 -15.30
C GLU C 249 52.06 -15.62 -14.78
N PHE C 250 51.04 -15.16 -14.04
CA PHE C 250 49.96 -16.03 -13.54
C PHE C 250 49.17 -16.64 -14.71
N LYS C 251 48.95 -15.86 -15.79
CA LYS C 251 48.28 -16.37 -16.98
C LYS C 251 49.12 -17.46 -17.62
N ARG C 252 50.44 -17.23 -17.78
CA ARG C 252 51.37 -18.20 -18.38
C ARG C 252 51.43 -19.50 -17.60
N LYS C 253 51.65 -19.39 -16.29
CA LYS C 253 51.71 -20.54 -15.39
C LYS C 253 50.40 -21.29 -15.12
N HIS C 254 49.32 -20.55 -14.89
CA HIS C 254 48.04 -21.17 -14.56
C HIS C 254 46.87 -21.03 -15.54
N LYS C 255 47.05 -20.26 -16.60
CA LYS C 255 45.99 -20.06 -17.59
C LYS C 255 44.72 -19.46 -16.98
N LYS C 256 44.91 -18.58 -16.00
CA LYS C 256 43.85 -17.88 -15.29
C LYS C 256 44.13 -16.40 -15.22
N ASP C 257 43.06 -15.61 -15.45
CA ASP C 257 43.08 -14.14 -15.42
C ASP C 257 42.56 -13.64 -14.06
N ILE C 258 43.44 -13.04 -13.26
CA ILE C 258 43.10 -12.52 -11.91
C ILE C 258 42.64 -11.05 -11.94
N SER C 259 42.92 -10.32 -13.05
CA SER C 259 42.71 -8.87 -13.21
C SER C 259 41.28 -8.37 -12.96
N GLU C 260 40.27 -9.24 -13.01
CA GLU C 260 38.90 -8.78 -12.73
C GLU C 260 38.49 -9.02 -11.26
N ASN C 261 39.38 -9.63 -10.46
CA ASN C 261 39.15 -9.85 -9.04
C ASN C 261 39.93 -8.75 -8.31
N LYS C 262 39.22 -7.69 -7.88
CA LYS C 262 39.81 -6.51 -7.21
C LYS C 262 40.65 -6.84 -5.97
N ARG C 263 40.21 -7.85 -5.20
CA ARG C 263 40.93 -8.28 -3.99
C ARG C 263 42.23 -9.00 -4.31
N ALA C 264 42.24 -9.83 -5.38
CA ALA C 264 43.45 -10.55 -5.83
C ALA C 264 44.50 -9.54 -6.33
N VAL C 265 44.06 -8.55 -7.13
CA VAL C 265 44.88 -7.48 -7.69
C VAL C 265 45.45 -6.61 -6.55
N ARG C 266 44.63 -6.25 -5.54
CA ARG C 266 45.11 -5.48 -4.39
C ARG C 266 46.20 -6.25 -3.60
N ARG C 267 45.99 -7.56 -3.35
CA ARG C 267 46.98 -8.37 -2.62
C ARG C 267 48.28 -8.39 -3.43
N LEU C 268 48.17 -8.59 -4.75
CA LEU C 268 49.33 -8.56 -5.62
C LEU C 268 50.02 -7.16 -5.61
N ARG C 269 49.23 -6.09 -5.74
CA ARG C 269 49.75 -4.73 -5.72
C ARG C 269 50.50 -4.39 -4.44
N THR C 270 49.90 -4.70 -3.29
CA THR C 270 50.55 -4.46 -1.99
C THR C 270 51.89 -5.21 -1.88
N ALA C 271 51.94 -6.43 -2.38
CA ALA C 271 53.14 -7.25 -2.38
C ALA C 271 54.21 -6.67 -3.36
N CYS C 272 53.80 -6.13 -4.52
CA CYS C 272 54.73 -5.52 -5.49
C CYS C 272 55.36 -4.25 -4.94
N GLU C 273 54.58 -3.44 -4.18
CA GLU C 273 55.06 -2.19 -3.57
C GLU C 273 56.20 -2.52 -2.63
N ARG C 274 56.06 -3.60 -1.87
CA ARG C 274 57.04 -4.05 -0.89
C ARG C 274 58.28 -4.64 -1.58
N ALA C 275 58.11 -5.47 -2.63
CA ALA C 275 59.18 -6.06 -3.43
C ALA C 275 59.97 -4.94 -4.13
N LYS C 276 59.28 -3.90 -4.62
CA LYS C 276 59.98 -2.73 -5.18
C LYS C 276 60.93 -2.10 -4.14
N ARG C 277 60.46 -1.89 -2.89
N ARG C 277 60.47 -1.88 -2.90
CA ARG C 277 61.26 -1.31 -1.80
CA ARG C 277 61.30 -1.29 -1.86
C ARG C 277 62.51 -2.17 -1.50
C ARG C 277 62.52 -2.17 -1.51
N THR C 278 62.35 -3.51 -1.51
CA THR C 278 63.43 -4.50 -1.25
C THR C 278 64.50 -4.46 -2.36
N LEU C 279 64.07 -4.22 -3.63
CA LEU C 279 64.97 -4.17 -4.79
C LEU C 279 65.90 -2.95 -4.79
N SER C 280 65.67 -1.97 -3.90
CA SER C 280 66.56 -0.80 -3.77
C SER C 280 67.78 -1.15 -2.94
N SER C 281 67.71 -2.22 -2.12
CA SER C 281 68.83 -2.66 -1.27
C SER C 281 69.28 -4.12 -1.53
N SER C 282 68.44 -4.92 -2.20
CA SER C 282 68.75 -6.31 -2.56
C SER C 282 68.61 -6.48 -4.07
N THR C 283 69.23 -7.52 -4.63
CA THR C 283 69.19 -7.75 -6.09
C THR C 283 68.04 -8.69 -6.47
N GLN C 284 67.30 -9.20 -5.49
CA GLN C 284 66.15 -10.09 -5.69
C GLN C 284 65.12 -9.91 -4.57
N ALA C 285 63.82 -10.06 -4.90
CA ALA C 285 62.69 -9.99 -3.96
C ALA C 285 61.79 -11.19 -4.16
N SER C 286 61.43 -11.87 -3.05
CA SER C 286 60.52 -13.01 -3.07
C SER C 286 59.12 -12.62 -2.61
N ILE C 287 58.10 -13.29 -3.18
CA ILE C 287 56.70 -13.06 -2.86
C ILE C 287 55.99 -14.39 -2.68
N GLU C 288 55.25 -14.54 -1.57
CA GLU C 288 54.44 -15.70 -1.25
C GLU C 288 53.02 -15.23 -0.90
N ILE C 289 52.06 -15.51 -1.80
CA ILE C 289 50.65 -15.18 -1.59
C ILE C 289 49.84 -16.47 -1.67
N ASP C 290 49.37 -16.97 -0.51
CA ASP C 290 48.52 -18.14 -0.46
C ASP C 290 47.15 -17.85 -1.00
N SER C 291 46.59 -18.83 -1.73
CA SER C 291 45.23 -18.78 -2.29
C SER C 291 44.91 -17.38 -2.90
N LEU C 292 45.79 -16.89 -3.77
CA LEU C 292 45.60 -15.59 -4.43
C LEU C 292 44.31 -15.54 -5.25
N TYR C 293 44.03 -16.60 -6.03
CA TYR C 293 42.90 -16.62 -6.93
C TYR C 293 42.56 -18.04 -7.25
N GLU C 294 41.27 -18.41 -7.10
CA GLU C 294 40.73 -19.76 -7.32
C GLU C 294 41.51 -20.84 -6.57
N GLY C 295 41.91 -20.51 -5.35
CA GLY C 295 42.65 -21.39 -4.45
C GLY C 295 44.11 -21.63 -4.79
N ILE C 296 44.64 -20.94 -5.82
CA ILE C 296 46.02 -21.10 -6.27
C ILE C 296 47.00 -20.23 -5.49
N ASP C 297 48.03 -20.86 -4.90
CA ASP C 297 49.10 -20.15 -4.21
C ASP C 297 50.04 -19.55 -5.26
N PHE C 298 50.46 -18.31 -5.05
CA PHE C 298 51.35 -17.60 -5.95
C PHE C 298 52.69 -17.29 -5.26
N TYR C 299 53.68 -18.18 -5.48
CA TYR C 299 55.04 -18.10 -4.93
C TYR C 299 55.95 -17.80 -6.10
N THR C 300 56.57 -16.63 -6.08
CA THR C 300 57.41 -16.16 -7.16
C THR C 300 58.49 -15.24 -6.64
N SER C 301 59.30 -14.69 -7.57
CA SER C 301 60.38 -13.77 -7.25
C SER C 301 60.64 -12.88 -8.46
N ILE C 302 61.28 -11.72 -8.20
CA ILE C 302 61.68 -10.76 -9.23
C ILE C 302 63.11 -10.25 -8.93
N THR C 303 63.97 -10.20 -9.93
CA THR C 303 65.30 -9.69 -9.77
C THR C 303 65.28 -8.19 -10.01
N ARG C 304 66.31 -7.51 -9.56
CA ARG C 304 66.41 -6.08 -9.74
C ARG C 304 66.45 -5.77 -11.23
N ALA C 305 67.16 -6.60 -11.97
CA ALA C 305 67.27 -6.42 -13.40
C ALA C 305 65.94 -6.52 -14.13
N ARG C 306 65.12 -7.48 -13.75
CA ARG C 306 63.83 -7.65 -14.36
C ARG C 306 62.94 -6.43 -14.10
N PHE C 307 63.00 -5.90 -12.90
CA PHE C 307 62.26 -4.73 -12.49
C PHE C 307 62.70 -3.51 -13.29
N GLU C 308 64.00 -3.37 -13.49
CA GLU C 308 64.59 -2.28 -14.26
C GLU C 308 64.11 -2.32 -15.71
N GLU C 309 64.05 -3.52 -16.27
CA GLU C 309 63.60 -3.73 -17.64
C GLU C 309 62.14 -3.37 -17.88
N LEU C 310 61.27 -3.75 -16.95
CA LEU C 310 59.84 -3.49 -17.08
C LEU C 310 59.52 -2.01 -17.04
N ASN C 311 60.43 -1.27 -16.43
CA ASN C 311 60.33 0.18 -16.24
C ASN C 311 61.36 0.99 -17.02
N ALA C 312 62.09 0.34 -17.94
CA ALA C 312 63.17 0.92 -18.73
C ALA C 312 62.85 2.28 -19.39
N ASP C 313 61.69 2.40 -20.04
CA ASP C 313 61.27 3.62 -20.73
C ASP C 313 60.98 4.72 -19.73
N LEU C 314 60.31 4.37 -18.63
CA LEU C 314 60.00 5.34 -17.59
C LEU C 314 61.26 5.87 -16.92
N PHE C 315 62.21 4.98 -16.62
CA PHE C 315 63.46 5.41 -15.98
C PHE C 315 64.33 6.28 -16.89
N ARG C 316 64.48 5.87 -18.15
CA ARG C 316 65.29 6.62 -19.09
C ARG C 316 64.65 7.97 -19.32
N GLY C 317 63.33 7.93 -19.41
CA GLY C 317 62.51 9.13 -19.61
C GLY C 317 62.72 10.24 -18.61
N THR C 318 63.29 9.94 -17.41
CA THR C 318 63.53 10.95 -16.37
C THR C 318 64.63 11.96 -16.79
N LEU C 319 65.47 11.61 -17.79
CA LEU C 319 66.56 12.46 -18.28
C LEU C 319 66.10 13.53 -19.27
N ASP C 320 64.91 13.34 -19.90
CA ASP C 320 64.34 14.32 -20.83
C ASP C 320 64.02 15.64 -20.10
N PRO C 321 63.37 15.63 -18.95
CA PRO C 321 63.18 16.87 -18.18
C PRO C 321 64.53 17.50 -17.75
N VAL C 322 65.54 16.67 -17.42
CA VAL C 322 66.90 17.12 -16.99
C VAL C 322 67.52 17.93 -18.17
N GLU C 323 67.42 17.38 -19.39
CA GLU C 323 67.98 18.03 -20.59
C GLU C 323 67.21 19.32 -20.88
N LYS C 324 65.87 19.29 -20.71
CA LYS C 324 65.01 20.46 -20.93
C LYS C 324 65.35 21.59 -19.92
N ALA C 325 65.49 21.26 -18.61
CA ALA C 325 65.86 22.19 -17.53
C ALA C 325 67.23 22.85 -17.81
N LEU C 326 68.27 22.05 -18.19
CA LEU C 326 69.61 22.55 -18.58
C LEU C 326 69.54 23.55 -19.76
N ARG C 327 68.70 23.24 -20.75
CA ARG C 327 68.47 24.07 -21.94
C ARG C 327 67.81 25.41 -21.55
N ASP C 328 66.75 25.37 -20.70
CA ASP C 328 66.04 26.58 -20.27
C ASP C 328 66.88 27.49 -19.35
N ALA C 329 67.85 26.91 -18.63
CA ALA C 329 68.74 27.63 -17.73
C ALA C 329 69.98 28.13 -18.49
N LYS C 330 70.10 27.77 -19.79
CA LYS C 330 71.20 28.12 -20.70
C LYS C 330 72.54 27.58 -20.15
N LEU C 331 72.51 26.34 -19.66
CA LEU C 331 73.67 25.67 -19.06
C LEU C 331 73.96 24.33 -19.71
N ASP C 332 75.26 23.97 -19.75
CA ASP C 332 75.73 22.66 -20.17
C ASP C 332 75.75 21.80 -18.88
N LYS C 333 75.63 20.46 -19.00
CA LYS C 333 75.64 19.54 -17.83
C LYS C 333 76.93 19.63 -16.99
N SER C 334 78.06 20.03 -17.63
CA SER C 334 79.37 20.21 -17.00
C SER C 334 79.40 21.44 -16.07
N GLN C 335 78.39 22.35 -16.20
CA GLN C 335 78.26 23.58 -15.41
C GLN C 335 77.49 23.41 -14.10
N ILE C 336 77.05 22.20 -13.82
CA ILE C 336 76.34 21.90 -12.59
C ILE C 336 77.29 21.46 -11.48
N HIS C 337 77.43 22.29 -10.47
CA HIS C 337 78.23 22.01 -9.30
C HIS C 337 77.68 20.90 -8.38
N ASP C 338 76.37 20.92 -8.16
CA ASP C 338 75.71 19.97 -7.27
C ASP C 338 74.42 19.33 -7.78
N ILE C 339 74.28 18.03 -7.53
CA ILE C 339 73.07 17.26 -7.87
C ILE C 339 72.47 16.73 -6.57
N VAL C 340 71.18 17.07 -6.33
CA VAL C 340 70.48 16.67 -5.11
C VAL C 340 69.32 15.71 -5.46
N LEU C 341 69.26 14.54 -4.78
CA LEU C 341 68.16 13.57 -4.95
C LEU C 341 67.12 13.74 -3.83
N VAL C 342 65.85 13.91 -4.19
CA VAL C 342 64.74 14.01 -3.22
C VAL C 342 63.55 13.18 -3.75
N GLY C 343 62.68 12.71 -2.85
CA GLY C 343 61.55 11.84 -3.19
C GLY C 343 61.98 10.39 -3.09
N GLY C 344 61.13 9.54 -2.51
CA GLY C 344 61.43 8.12 -2.26
C GLY C 344 61.88 7.30 -3.45
N SER C 345 61.41 7.62 -4.67
CA SER C 345 61.78 6.88 -5.88
C SER C 345 63.22 7.08 -6.33
N THR C 346 63.95 8.09 -5.78
CA THR C 346 65.37 8.35 -6.13
C THR C 346 66.25 7.32 -5.46
N ARG C 347 65.67 6.49 -4.58
CA ARG C 347 66.33 5.40 -3.89
C ARG C 347 66.56 4.24 -4.86
N ILE C 348 65.87 4.25 -6.03
CA ILE C 348 66.02 3.18 -7.03
C ILE C 348 67.42 3.26 -7.62
N PRO C 349 68.24 2.19 -7.44
CA PRO C 349 69.63 2.22 -7.95
C PRO C 349 69.80 2.60 -9.42
N LYS C 350 68.91 2.11 -10.31
CA LYS C 350 68.97 2.40 -11.73
C LYS C 350 68.79 3.88 -12.02
N ILE C 351 67.88 4.55 -11.28
CA ILE C 351 67.63 5.98 -11.45
C ILE C 351 68.90 6.79 -11.08
N GLN C 352 69.58 6.40 -9.98
CA GLN C 352 70.83 7.02 -9.54
C GLN C 352 71.93 6.80 -10.58
N LYS C 353 72.03 5.57 -11.12
CA LYS C 353 73.02 5.17 -12.12
C LYS C 353 72.85 6.00 -13.39
N LEU C 354 71.62 6.10 -13.93
CA LEU C 354 71.30 6.87 -15.13
C LEU C 354 71.65 8.35 -14.94
N LEU C 355 71.34 8.90 -13.75
CA LEU C 355 71.61 10.30 -13.44
C LEU C 355 73.11 10.61 -13.29
N GLN C 356 73.86 9.71 -12.59
CA GLN C 356 75.30 9.84 -12.41
C GLN C 356 76.05 9.68 -13.75
N ASP C 357 75.61 8.72 -14.61
CA ASP C 357 76.21 8.50 -15.93
C ASP C 357 75.97 9.71 -16.82
N PHE C 358 74.77 10.33 -16.73
CA PHE C 358 74.44 11.54 -17.49
C PHE C 358 75.39 12.67 -17.08
N PHE C 359 75.74 12.78 -15.78
CA PHE C 359 76.65 13.82 -15.31
C PHE C 359 78.11 13.36 -15.26
N ASN C 360 78.46 12.40 -16.13
CA ASN C 360 79.80 11.83 -16.38
C ASN C 360 80.53 11.32 -15.10
N GLY C 361 79.78 10.63 -14.24
CA GLY C 361 80.30 10.02 -13.02
C GLY C 361 80.31 10.89 -11.79
N LYS C 362 79.67 12.04 -11.84
CA LYS C 362 79.63 12.93 -10.70
C LYS C 362 78.82 12.35 -9.53
N GLU C 363 79.32 12.55 -8.32
CA GLU C 363 78.69 12.09 -7.08
C GLU C 363 77.42 12.87 -6.77
N LEU C 364 76.40 12.15 -6.27
CA LEU C 364 75.09 12.70 -5.93
C LEU C 364 74.93 12.94 -4.43
N ASN C 365 74.21 14.00 -4.06
CA ASN C 365 73.89 14.30 -2.65
C ASN C 365 72.64 13.48 -2.33
N LYS C 366 72.82 12.36 -1.62
CA LYS C 366 71.73 11.43 -1.31
C LYS C 366 71.70 10.89 0.15
N SER C 367 72.62 11.35 1.03
CA SER C 367 72.70 10.86 2.43
C SER C 367 71.48 11.21 3.29
N ILE C 368 70.76 12.29 2.96
CA ILE C 368 69.56 12.62 3.73
C ILE C 368 68.41 11.81 3.17
N ASN C 369 67.57 11.24 4.02
CA ASN C 369 66.45 10.44 3.56
C ASN C 369 65.69 11.28 2.55
N PRO C 370 65.49 10.78 1.33
CA PRO C 370 64.83 11.56 0.28
C PRO C 370 63.41 12.02 0.58
N ASP C 371 62.64 11.23 1.30
CA ASP C 371 61.28 11.56 1.70
C ASP C 371 61.21 12.72 2.68
N GLU C 372 62.29 12.95 3.41
CA GLU C 372 62.37 13.91 4.51
C GLU C 372 63.24 15.15 4.24
N ALA C 373 64.06 15.15 3.16
CA ALA C 373 65.01 16.22 2.87
C ALA C 373 64.40 17.63 2.73
N VAL C 374 63.17 17.75 2.16
CA VAL C 374 62.49 19.03 2.00
C VAL C 374 62.05 19.58 3.39
N ALA C 375 61.48 18.73 4.26
CA ALA C 375 61.08 19.11 5.62
C ALA C 375 62.33 19.44 6.42
N TYR C 376 63.43 18.69 6.21
CA TYR C 376 64.74 18.89 6.85
C TYR C 376 65.24 20.32 6.58
N GLY C 377 65.28 20.71 5.31
CA GLY C 377 65.71 22.04 4.86
C GLY C 377 64.81 23.14 5.37
N ALA C 378 63.49 22.90 5.38
CA ALA C 378 62.51 23.84 5.91
C ALA C 378 62.71 24.05 7.43
N ALA C 379 63.07 22.99 8.19
CA ALA C 379 63.31 23.04 9.64
C ALA C 379 64.55 23.86 9.97
N VAL C 380 65.61 23.70 9.15
CA VAL C 380 66.84 24.48 9.23
C VAL C 380 66.49 25.96 8.99
N GLN C 381 65.74 26.24 7.92
CA GLN C 381 65.31 27.60 7.57
C GLN C 381 64.49 28.24 8.70
N ALA C 382 63.58 27.45 9.31
CA ALA C 382 62.71 27.89 10.40
C ALA C 382 63.54 28.26 11.63
N ALA C 383 64.62 27.49 11.92
CA ALA C 383 65.53 27.77 13.05
C ALA C 383 66.34 29.02 12.76
N ILE C 384 66.78 29.21 11.49
CA ILE C 384 67.53 30.41 11.06
C ILE C 384 66.66 31.66 11.21
N LEU C 385 65.35 31.56 10.90
CA LEU C 385 64.42 32.70 10.95
C LEU C 385 63.88 33.00 12.36
N SER C 386 64.18 32.15 13.36
CA SER C 386 63.74 32.33 14.75
C SER C 386 64.62 33.31 15.53
N GLY D 4 63.36 -34.76 15.35
CA GLY D 4 62.67 -33.55 14.92
C GLY D 4 63.62 -32.47 14.41
N SER D 5 63.11 -31.58 13.55
CA SER D 5 63.87 -30.50 12.94
C SER D 5 63.32 -29.11 13.34
N ASN D 6 62.39 -29.08 14.31
CA ASN D 6 61.75 -27.86 14.82
C ASN D 6 62.79 -26.85 15.26
N SER D 7 62.79 -25.70 14.63
CA SER D 7 63.80 -24.69 14.89
C SER D 7 63.32 -23.51 15.78
N PRO D 8 64.22 -22.85 16.55
CA PRO D 8 63.79 -21.68 17.32
C PRO D 8 63.29 -20.53 16.42
N GLN D 9 63.87 -20.39 15.22
CA GLN D 9 63.50 -19.35 14.24
C GLN D 9 62.02 -19.49 13.79
N GLU D 10 61.52 -20.75 13.64
CA GLU D 10 60.14 -21.00 13.25
C GLU D 10 59.17 -20.57 14.38
N GLU D 11 59.61 -20.64 15.67
CA GLU D 11 58.82 -20.16 16.80
C GLU D 11 58.45 -18.69 16.62
N VAL D 12 59.36 -17.89 16.04
CA VAL D 12 59.15 -16.45 15.79
C VAL D 12 58.00 -16.28 14.80
N GLU D 13 57.98 -17.10 13.74
CA GLU D 13 56.94 -17.09 12.69
C GLU D 13 55.58 -17.58 13.20
N LEU D 14 55.58 -18.66 14.00
CA LEU D 14 54.36 -19.22 14.59
C LEU D 14 53.70 -18.22 15.54
N LYS D 15 54.52 -17.45 16.28
CA LYS D 15 54.05 -16.39 17.19
C LYS D 15 53.39 -15.22 16.43
N LYS D 16 53.94 -14.83 15.26
CA LYS D 16 53.34 -13.78 14.40
C LYS D 16 51.99 -14.30 13.87
N LEU D 17 51.94 -15.59 13.46
CA LEU D 17 50.72 -16.23 12.94
C LEU D 17 49.61 -16.36 13.99
N LYS D 18 49.98 -16.63 15.24
CA LYS D 18 49.03 -16.73 16.35
C LYS D 18 48.44 -15.37 16.69
N HIS D 19 49.23 -14.31 16.56
CA HIS D 19 48.74 -12.95 16.76
C HIS D 19 47.70 -12.64 15.67
N LEU D 20 48.03 -12.98 14.42
CA LEU D 20 47.13 -12.81 13.28
C LEU D 20 45.84 -13.62 13.45
N GLU D 21 45.92 -14.86 13.97
CA GLU D 21 44.74 -15.70 14.27
C GLU D 21 43.84 -15.02 15.30
N LYS D 22 44.45 -14.42 16.36
CA LYS D 22 43.69 -13.73 17.43
C LYS D 22 43.00 -12.50 16.87
N SER D 23 43.67 -11.75 15.96
CA SER D 23 43.09 -10.59 15.29
C SER D 23 41.93 -11.04 14.38
N VAL D 24 42.05 -12.20 13.72
CA VAL D 24 40.98 -12.77 12.86
C VAL D 24 39.76 -13.11 13.72
N GLU D 25 40.00 -13.72 14.92
CA GLU D 25 38.93 -14.05 15.88
C GLU D 25 38.16 -12.81 16.32
N LYS D 26 38.86 -11.68 16.55
CA LYS D 26 38.24 -10.41 16.93
C LYS D 26 37.34 -9.85 15.83
N ILE D 27 37.80 -9.85 14.54
CA ILE D 27 37.02 -9.35 13.40
C ILE D 27 35.79 -10.28 13.18
N ALA D 28 35.99 -11.60 13.34
CA ALA D 28 34.94 -12.60 13.18
C ALA D 28 33.81 -12.38 14.21
N ASP D 29 34.17 -11.97 15.47
CA ASP D 29 33.22 -11.64 16.53
C ASP D 29 32.40 -10.39 16.12
N GLN D 30 33.01 -9.41 15.41
CA GLN D 30 32.29 -8.23 14.91
C GLN D 30 31.35 -8.66 13.78
N LEU D 31 31.81 -9.56 12.87
CA LEU D 31 30.95 -10.07 11.81
C LEU D 31 29.74 -10.83 12.39
N GLU D 32 29.93 -11.58 13.48
CA GLU D 32 28.84 -12.29 14.16
C GLU D 32 27.86 -11.31 14.81
N GLU D 33 28.34 -10.19 15.39
CA GLU D 33 27.47 -9.15 15.97
C GLU D 33 26.69 -8.45 14.84
N LEU D 34 27.30 -8.30 13.64
CA LEU D 34 26.59 -7.75 12.47
C LEU D 34 25.46 -8.65 12.00
N ASN D 35 25.73 -9.97 11.91
CA ASN D 35 24.75 -10.99 11.54
C ASN D 35 23.56 -10.97 12.53
N LYS D 36 23.84 -10.82 13.84
CA LYS D 36 22.81 -10.76 14.91
C LYS D 36 21.99 -9.47 14.82
N GLU D 37 22.62 -8.34 14.43
CA GLU D 37 21.93 -7.05 14.25
C GLU D 37 21.07 -7.08 12.99
N LEU D 38 21.61 -7.66 11.91
CA LEU D 38 20.92 -7.85 10.63
C LEU D 38 19.63 -8.65 10.89
N THR D 39 19.74 -9.83 11.54
CA THR D 39 18.61 -10.71 11.89
C THR D 39 17.59 -9.94 12.75
N GLY D 40 18.09 -9.22 13.76
CA GLY D 40 17.33 -8.38 14.68
C GLY D 40 16.43 -7.39 13.97
N ILE D 41 16.98 -6.66 13.01
CA ILE D 41 16.18 -5.71 12.25
C ILE D 41 15.12 -6.43 11.43
N GLN D 42 15.51 -7.52 10.79
CA GLN D 42 14.60 -8.28 9.96
C GLN D 42 13.41 -8.92 10.69
N GLN D 43 13.65 -9.47 11.87
CA GLN D 43 12.59 -10.10 12.62
C GLN D 43 12.17 -9.28 13.85
N GLY D 44 12.48 -7.99 13.79
CA GLY D 44 12.22 -7.03 14.86
C GLY D 44 10.92 -6.27 14.75
N PHE D 45 10.82 -5.18 15.53
CA PHE D 45 9.64 -4.33 15.69
C PHE D 45 9.48 -3.23 14.67
N LEU D 46 10.50 -3.03 13.83
CA LEU D 46 10.46 -2.00 12.80
C LEU D 46 9.53 -2.35 11.63
N PRO D 47 8.81 -1.33 11.10
CA PRO D 47 7.97 -1.58 9.89
C PRO D 47 8.86 -1.86 8.68
N LYS D 48 8.36 -2.69 7.73
CA LYS D 48 9.05 -3.11 6.50
C LYS D 48 9.91 -2.01 5.84
N ASP D 49 9.35 -0.79 5.69
CA ASP D 49 10.05 0.36 5.10
C ASP D 49 11.21 0.83 5.96
N LEU D 50 11.00 1.00 7.30
CA LEU D 50 12.04 1.45 8.25
C LEU D 50 13.19 0.44 8.46
N GLN D 51 12.99 -0.84 8.04
CA GLN D 51 13.97 -1.94 8.14
C GLN D 51 15.07 -1.78 7.09
N ALA D 52 14.68 -1.50 5.82
CA ALA D 52 15.62 -1.27 4.71
C ALA D 52 16.61 -0.13 5.02
N GLU D 53 16.13 0.94 5.72
CA GLU D 53 16.99 2.06 6.11
C GLU D 53 17.98 1.63 7.20
N ALA D 54 17.48 0.92 8.25
CA ALA D 54 18.28 0.41 9.38
C ALA D 54 19.37 -0.58 8.89
N LEU D 55 18.99 -1.49 7.96
CA LEU D 55 19.88 -2.46 7.34
C LEU D 55 20.97 -1.75 6.55
N CYS D 56 20.61 -0.75 5.71
CA CYS D 56 21.63 0.00 4.95
C CYS D 56 22.56 0.80 5.89
N LYS D 57 22.14 1.08 7.13
CA LYS D 57 22.98 1.78 8.12
C LYS D 57 24.13 0.88 8.64
N LEU D 58 24.04 -0.45 8.39
CA LEU D 58 25.07 -1.44 8.73
C LEU D 58 26.17 -1.50 7.68
N ASP D 59 26.00 -0.84 6.51
CA ASP D 59 26.94 -0.90 5.40
C ASP D 59 28.37 -0.44 5.76
N ARG D 60 28.50 0.67 6.48
CA ARG D 60 29.78 1.20 6.93
C ARG D 60 30.52 0.14 7.79
N ARG D 61 29.79 -0.52 8.66
CA ARG D 61 30.32 -1.54 9.55
C ARG D 61 30.76 -2.82 8.83
N VAL D 62 29.98 -3.26 7.82
CA VAL D 62 30.26 -4.46 6.99
C VAL D 62 31.53 -4.18 6.11
N LYS D 63 31.62 -2.97 5.54
CA LYS D 63 32.75 -2.49 4.73
C LYS D 63 34.01 -2.40 5.60
N ALA D 64 33.89 -1.90 6.86
CA ALA D 64 34.99 -1.86 7.82
C ALA D 64 35.47 -3.28 8.15
N THR D 65 34.54 -4.25 8.28
CA THR D 65 34.86 -5.68 8.56
C THR D 65 35.66 -6.28 7.41
N ILE D 66 35.21 -6.03 6.17
CA ILE D 66 35.90 -6.51 4.98
C ILE D 66 37.31 -5.93 4.86
N GLU D 67 37.44 -4.62 5.08
CA GLU D 67 38.73 -3.94 5.09
C GLU D 67 39.71 -4.50 6.13
N GLN D 68 39.21 -4.85 7.31
CA GLN D 68 40.05 -5.44 8.36
C GLN D 68 40.55 -6.81 7.97
N PHE D 69 39.68 -7.63 7.35
CA PHE D 69 40.13 -8.93 6.84
C PHE D 69 41.14 -8.75 5.69
N MET D 70 40.98 -7.70 4.86
CA MET D 70 41.92 -7.43 3.75
C MET D 70 43.31 -7.08 4.26
N LYS D 71 43.38 -6.25 5.32
CA LYS D 71 44.63 -5.84 5.95
C LYS D 71 45.33 -7.04 6.62
N ILE D 72 44.57 -8.01 7.14
CA ILE D 72 45.10 -9.26 7.70
C ILE D 72 45.75 -10.03 6.55
N LEU D 73 45.05 -10.13 5.40
CA LEU D 73 45.61 -10.82 4.22
C LEU D 73 46.91 -10.22 3.77
N GLU D 74 46.97 -8.87 3.71
CA GLU D 74 48.17 -8.13 3.33
C GLU D 74 49.33 -8.38 4.30
N GLU D 75 49.03 -8.45 5.59
CA GLU D 75 50.00 -8.74 6.64
C GLU D 75 50.54 -10.16 6.54
N ILE D 76 49.66 -11.18 6.32
CA ILE D 76 50.05 -12.58 6.15
C ILE D 76 50.96 -12.68 4.87
N ASP D 77 50.63 -11.90 3.83
CA ASP D 77 51.36 -11.88 2.58
C ASP D 77 52.81 -11.36 2.67
N THR D 78 53.20 -10.70 3.81
CA THR D 78 54.57 -10.22 4.03
C THR D 78 55.50 -11.36 4.53
N LEU D 79 54.90 -12.47 4.96
CA LEU D 79 55.67 -13.59 5.47
C LEU D 79 56.35 -14.42 4.38
N ILE D 80 57.62 -14.75 4.61
CA ILE D 80 58.34 -15.61 3.70
C ILE D 80 58.69 -16.79 4.58
N LEU D 81 58.19 -17.97 4.23
CA LEU D 81 58.47 -19.14 5.04
C LEU D 81 59.14 -20.21 4.22
N PRO D 82 60.36 -20.58 4.60
CA PRO D 82 61.05 -21.66 3.87
C PRO D 82 60.28 -22.99 3.92
N GLU D 83 60.55 -23.87 2.95
CA GLU D 83 59.89 -25.16 2.80
C GLU D 83 59.97 -26.07 4.05
N ASN D 84 61.00 -25.89 4.90
CA ASN D 84 61.23 -26.65 6.12
C ASN D 84 60.35 -26.15 7.29
N PHE D 85 59.64 -25.05 7.07
CA PHE D 85 58.72 -24.46 8.06
C PHE D 85 57.31 -24.97 7.75
N LYS D 86 57.14 -26.31 7.84
CA LYS D 86 55.90 -27.02 7.51
C LYS D 86 54.73 -26.59 8.37
N ASP D 87 54.91 -26.46 9.72
CA ASP D 87 53.84 -26.08 10.62
C ASP D 87 53.38 -24.63 10.34
N SER D 88 54.36 -23.69 10.09
CA SER D 88 54.07 -22.28 9.73
C SER D 88 53.37 -22.22 8.37
N ARG D 89 53.82 -23.04 7.38
CA ARG D 89 53.16 -23.03 6.07
C ARG D 89 51.70 -23.52 6.15
N LEU D 90 51.44 -24.54 6.97
CA LEU D 90 50.09 -25.11 7.20
C LEU D 90 49.17 -24.12 7.93
N LYS D 91 49.68 -23.49 9.00
CA LYS D 91 48.94 -22.49 9.77
C LYS D 91 48.62 -21.27 8.89
N ARG D 92 49.59 -20.82 8.04
CA ARG D 92 49.37 -19.70 7.13
C ARG D 92 48.24 -20.03 6.14
N LYS D 93 48.29 -21.22 5.51
CA LYS D 93 47.29 -21.69 4.54
C LYS D 93 45.90 -21.77 5.18
N GLY D 94 45.81 -22.36 6.37
CA GLY D 94 44.58 -22.51 7.14
C GLY D 94 43.97 -21.16 7.47
N LEU D 95 44.81 -20.20 7.88
CA LEU D 95 44.37 -18.88 8.26
C LEU D 95 43.83 -18.07 7.07
N VAL D 96 44.50 -18.14 5.91
CA VAL D 96 44.06 -17.45 4.70
C VAL D 96 42.69 -17.99 4.29
N LYS D 97 42.52 -19.33 4.26
CA LYS D 97 41.24 -19.97 3.90
C LYS D 97 40.11 -19.61 4.87
N LYS D 98 40.42 -19.52 6.16
CA LYS D 98 39.41 -19.12 7.16
C LYS D 98 38.96 -17.65 6.86
N VAL D 99 39.92 -16.74 6.64
CA VAL D 99 39.67 -15.34 6.30
C VAL D 99 38.87 -15.26 4.98
N GLN D 100 39.21 -16.07 3.97
CA GLN D 100 38.48 -16.08 2.69
C GLN D 100 37.04 -16.55 2.83
N ALA D 101 36.77 -17.51 3.75
CA ALA D 101 35.42 -17.99 4.04
C ALA D 101 34.63 -16.87 4.79
N PHE D 102 35.28 -16.12 5.71
CA PHE D 102 34.64 -14.98 6.40
C PHE D 102 34.37 -13.85 5.40
N LEU D 103 35.29 -13.63 4.44
CA LEU D 103 35.08 -12.63 3.38
C LEU D 103 33.88 -12.95 2.51
N ALA D 104 33.65 -14.25 2.20
CA ALA D 104 32.52 -14.69 1.39
C ALA D 104 31.20 -14.40 2.14
N GLU D 105 31.17 -14.61 3.50
CA GLU D 105 30.03 -14.28 4.38
C GLU D 105 29.75 -12.77 4.38
N CYS D 106 30.82 -11.92 4.46
CA CYS D 106 30.73 -10.45 4.40
C CYS D 106 30.03 -10.04 3.10
N ASP D 107 30.40 -10.67 1.97
CA ASP D 107 29.80 -10.44 0.65
C ASP D 107 28.32 -10.81 0.59
N THR D 108 27.89 -11.86 1.30
CA THR D 108 26.46 -12.20 1.35
C THR D 108 25.69 -11.13 2.11
N VAL D 109 26.24 -10.65 3.23
CA VAL D 109 25.64 -9.57 4.03
C VAL D 109 25.50 -8.30 3.17
N GLU D 110 26.60 -7.91 2.50
CA GLU D 110 26.76 -6.74 1.64
C GLU D 110 25.81 -6.75 0.46
N GLN D 111 25.50 -7.95 -0.09
CA GLN D 111 24.57 -8.13 -1.19
C GLN D 111 23.09 -8.13 -0.73
N ASN D 112 22.83 -8.31 0.58
CA ASN D 112 21.49 -8.37 1.16
C ASN D 112 21.04 -7.10 1.88
N ILE D 113 21.92 -6.09 2.02
CA ILE D 113 21.61 -4.78 2.61
C ILE D 113 21.70 -3.75 1.49
N CYS D 114 21.04 -2.59 1.66
CA CYS D 114 21.01 -1.49 0.68
C CYS D 114 20.30 -1.91 -0.64
N MET E 6 -38.48 -58.12 5.52
CA MET E 6 -39.85 -57.73 5.87
C MET E 6 -40.85 -58.71 5.31
N SER E 7 -41.93 -58.98 6.08
CA SER E 7 -43.02 -59.88 5.65
C SER E 7 -43.95 -59.13 4.67
N LYS E 8 -44.82 -59.87 3.95
CA LYS E 8 -45.75 -59.31 2.97
C LYS E 8 -46.79 -58.41 3.64
N GLY E 9 -47.00 -57.22 3.06
CA GLY E 9 -47.95 -56.24 3.58
C GLY E 9 -49.27 -56.12 2.86
N PRO E 10 -50.17 -55.26 3.37
CA PRO E 10 -51.48 -55.08 2.71
C PRO E 10 -51.40 -54.21 1.44
N ALA E 11 -52.55 -53.97 0.81
CA ALA E 11 -52.67 -53.13 -0.38
C ALA E 11 -52.91 -51.69 0.07
N VAL E 12 -52.36 -50.73 -0.67
CA VAL E 12 -52.50 -49.32 -0.31
C VAL E 12 -53.25 -48.52 -1.36
N GLY E 13 -53.72 -47.35 -0.96
CA GLY E 13 -54.41 -46.42 -1.83
C GLY E 13 -53.55 -45.19 -2.02
N ILE E 14 -53.21 -44.88 -3.28
CA ILE E 14 -52.37 -43.71 -3.58
C ILE E 14 -53.10 -42.65 -4.40
N ASP E 15 -53.14 -41.43 -3.86
CA ASP E 15 -53.63 -40.26 -4.58
C ASP E 15 -52.38 -39.60 -5.17
N LEU E 16 -52.17 -39.79 -6.48
CA LEU E 16 -51.02 -39.22 -7.21
C LEU E 16 -51.46 -37.86 -7.73
N GLY E 17 -51.16 -36.81 -6.96
CA GLY E 17 -51.56 -35.46 -7.26
C GLY E 17 -50.55 -34.67 -8.04
N THR E 18 -51.01 -33.51 -8.60
CA THR E 18 -50.22 -32.58 -9.39
C THR E 18 -49.09 -31.99 -8.53
N THR E 19 -49.44 -31.49 -7.33
CA THR E 19 -48.50 -30.81 -6.44
C THR E 19 -48.12 -31.65 -5.24
N TYR E 20 -49.05 -32.46 -4.73
CA TYR E 20 -48.84 -33.34 -3.57
C TYR E 20 -49.44 -34.69 -3.81
N SER E 21 -48.92 -35.70 -3.13
CA SER E 21 -49.40 -37.07 -3.17
C SER E 21 -49.68 -37.55 -1.75
N CYS E 22 -50.54 -38.54 -1.63
CA CYS E 22 -51.01 -39.04 -0.36
C CYS E 22 -51.22 -40.55 -0.45
N VAL E 23 -50.82 -41.28 0.60
CA VAL E 23 -50.96 -42.73 0.66
C VAL E 23 -51.73 -43.12 1.94
N GLY E 24 -52.67 -44.04 1.78
CA GLY E 24 -53.50 -44.54 2.87
C GLY E 24 -53.56 -46.04 2.89
N VAL E 25 -53.91 -46.58 4.06
CA VAL E 25 -54.02 -48.02 4.24
C VAL E 25 -55.25 -48.35 5.11
N PHE E 26 -56.05 -49.31 4.67
CA PHE E 26 -57.20 -49.76 5.45
C PHE E 26 -56.70 -50.88 6.38
N GLN E 27 -56.82 -50.64 7.67
CA GLN E 27 -56.42 -51.60 8.69
C GLN E 27 -57.27 -51.39 9.93
N HIS E 28 -57.57 -52.47 10.64
CA HIS E 28 -58.35 -52.41 11.86
C HIS E 28 -59.69 -51.75 11.61
N GLY E 29 -60.28 -52.07 10.47
CA GLY E 29 -61.56 -51.51 10.10
C GLY E 29 -61.60 -50.01 9.94
N LYS E 30 -60.49 -49.42 9.52
CA LYS E 30 -60.44 -47.98 9.31
C LYS E 30 -59.30 -47.61 8.39
N VAL E 31 -59.40 -46.45 7.74
CA VAL E 31 -58.33 -45.98 6.88
C VAL E 31 -57.34 -45.13 7.72
N GLU E 32 -56.07 -45.40 7.58
CA GLU E 32 -55.05 -44.64 8.26
C GLU E 32 -54.24 -43.94 7.18
N ILE E 33 -54.18 -42.62 7.23
CA ILE E 33 -53.38 -41.90 6.24
C ILE E 33 -51.96 -42.02 6.76
N ILE E 34 -51.01 -42.29 5.89
CA ILE E 34 -49.63 -42.48 6.31
C ILE E 34 -48.72 -41.28 6.22
N ALA E 35 -48.08 -40.94 7.33
CA ALA E 35 -47.16 -39.82 7.38
C ALA E 35 -45.81 -40.25 6.81
N ASN E 36 -45.12 -39.30 6.18
CA ASN E 36 -43.81 -39.55 5.58
C ASN E 36 -42.68 -39.42 6.59
N ASP E 37 -41.45 -39.50 6.10
CA ASP E 37 -40.26 -39.42 6.95
C ASP E 37 -40.22 -38.11 7.73
N GLN E 38 -40.68 -37.04 7.10
CA GLN E 38 -40.72 -35.73 7.73
C GLN E 38 -41.96 -35.59 8.60
N GLY E 39 -42.79 -36.63 8.62
CA GLY E 39 -44.02 -36.62 9.39
C GLY E 39 -45.23 -36.00 8.73
N ASN E 40 -45.12 -35.68 7.44
CA ASN E 40 -46.21 -35.08 6.70
C ASN E 40 -47.17 -36.10 6.07
N ARG E 41 -48.47 -35.88 6.22
CA ARG E 41 -49.50 -36.77 5.69
C ARG E 41 -49.71 -36.62 4.17
N THR E 42 -49.09 -35.59 3.56
CA THR E 42 -49.03 -35.42 2.10
C THR E 42 -47.53 -35.18 1.77
N THR E 43 -47.13 -35.63 0.59
CA THR E 43 -45.78 -35.50 0.10
C THR E 43 -45.79 -34.73 -1.21
N PRO E 44 -44.94 -33.73 -1.37
CA PRO E 44 -44.92 -32.97 -2.62
C PRO E 44 -44.53 -33.84 -3.80
N SER E 45 -45.19 -33.67 -4.94
CA SER E 45 -44.86 -34.44 -6.13
C SER E 45 -43.72 -33.72 -6.85
N TYR E 46 -42.59 -33.70 -6.17
CA TYR E 46 -41.35 -33.07 -6.63
C TYR E 46 -40.22 -34.06 -6.72
N VAL E 47 -39.37 -33.89 -7.74
CA VAL E 47 -38.17 -34.70 -7.95
C VAL E 47 -37.07 -33.72 -8.30
N ALA E 48 -35.96 -33.72 -7.55
CA ALA E 48 -34.82 -32.84 -7.79
C ALA E 48 -33.60 -33.67 -8.15
N PHE E 49 -32.83 -33.17 -9.10
CA PHE E 49 -31.60 -33.81 -9.55
C PHE E 49 -30.47 -32.84 -9.23
N THR E 50 -29.48 -33.31 -8.47
CA THR E 50 -28.37 -32.45 -8.06
C THR E 50 -27.05 -32.99 -8.62
N ASP E 51 -25.92 -32.41 -8.17
CA ASP E 51 -24.59 -32.85 -8.59
C ASP E 51 -24.24 -34.21 -7.96
N THR E 52 -24.93 -34.59 -6.85
CA THR E 52 -24.61 -35.83 -6.13
C THR E 52 -25.78 -36.79 -5.92
N GLU E 53 -27.02 -36.30 -5.93
CA GLU E 53 -28.17 -37.16 -5.64
C GLU E 53 -29.47 -36.77 -6.33
N ARG E 54 -30.44 -37.67 -6.23
CA ARG E 54 -31.81 -37.54 -6.69
C ARG E 54 -32.65 -37.45 -5.43
N LEU E 55 -33.40 -36.35 -5.27
CA LEU E 55 -34.24 -36.11 -4.09
C LEU E 55 -35.70 -36.17 -4.50
N ILE E 56 -36.55 -36.75 -3.64
CA ILE E 56 -37.98 -36.87 -3.93
C ILE E 56 -38.80 -36.37 -2.75
N GLY E 57 -39.91 -35.68 -3.03
CA GLY E 57 -40.83 -35.19 -2.01
C GLY E 57 -40.37 -33.94 -1.29
N ASP E 58 -40.50 -33.93 0.02
CA ASP E 58 -40.11 -32.78 0.83
C ASP E 58 -38.67 -32.33 0.58
N ALA E 59 -37.75 -33.28 0.60
CA ALA E 59 -36.33 -32.99 0.38
C ALA E 59 -36.13 -32.28 -0.99
N ALA E 60 -36.89 -32.70 -2.03
CA ALA E 60 -36.83 -32.07 -3.35
C ALA E 60 -37.47 -30.66 -3.31
N LYS E 61 -38.64 -30.50 -2.66
CA LYS E 61 -39.29 -29.20 -2.55
C LYS E 61 -38.48 -28.19 -1.70
N ASN E 62 -37.81 -28.68 -0.66
CA ASN E 62 -37.03 -27.85 0.27
C ASN E 62 -35.80 -27.17 -0.38
N GLN E 63 -35.34 -27.67 -1.51
CA GLN E 63 -34.19 -27.09 -2.19
C GLN E 63 -34.52 -26.49 -3.56
N VAL E 64 -35.80 -26.21 -3.82
CA VAL E 64 -36.20 -25.65 -5.11
C VAL E 64 -35.62 -24.24 -5.35
N ALA E 65 -35.54 -23.43 -4.30
CA ALA E 65 -34.97 -22.07 -4.41
C ALA E 65 -33.50 -22.09 -4.80
N MET E 66 -32.81 -23.18 -4.47
CA MET E 66 -31.40 -23.37 -4.76
C MET E 66 -31.13 -24.04 -6.11
N ASN E 67 -32.01 -24.94 -6.51
CA ASN E 67 -31.86 -25.67 -7.76
C ASN E 67 -33.16 -25.64 -8.56
N PRO E 68 -33.58 -24.47 -9.02
CA PRO E 68 -34.83 -24.35 -9.77
C PRO E 68 -34.91 -25.08 -11.12
N THR E 69 -33.84 -25.04 -11.91
CA THR E 69 -33.80 -25.68 -13.22
C THR E 69 -33.88 -27.19 -13.17
N ASN E 70 -33.25 -27.79 -12.16
CA ASN E 70 -33.21 -29.23 -12.02
C ASN E 70 -34.27 -29.86 -11.11
N THR E 71 -35.21 -29.06 -10.62
CA THR E 71 -36.29 -29.56 -9.77
C THR E 71 -37.57 -29.65 -10.59
N VAL E 72 -38.07 -30.87 -10.75
CA VAL E 72 -39.26 -31.17 -11.54
C VAL E 72 -40.49 -31.35 -10.63
N PHE E 73 -41.60 -30.83 -11.13
CA PHE E 73 -42.92 -30.84 -10.51
C PHE E 73 -43.95 -30.70 -11.64
N ASP E 74 -45.22 -30.95 -11.34
CA ASP E 74 -46.30 -30.84 -12.33
C ASP E 74 -46.21 -31.86 -13.46
N ALA E 75 -45.59 -32.99 -13.20
CA ALA E 75 -45.42 -34.04 -14.19
C ALA E 75 -46.78 -34.57 -14.61
N LYS E 76 -47.74 -34.45 -13.71
CA LYS E 76 -49.12 -34.89 -13.95
C LYS E 76 -49.78 -34.05 -15.08
N ARG E 77 -49.32 -32.80 -15.26
CA ARG E 77 -49.81 -31.91 -16.32
C ARG E 77 -49.23 -32.34 -17.68
N LEU E 78 -48.14 -33.15 -17.68
CA LEU E 78 -47.47 -33.63 -18.88
C LEU E 78 -47.78 -35.08 -19.23
N ILE E 79 -48.10 -35.89 -18.21
CA ILE E 79 -48.29 -37.34 -18.32
C ILE E 79 -49.34 -37.73 -19.38
N GLY E 80 -48.94 -38.60 -20.29
CA GLY E 80 -49.78 -39.11 -21.37
C GLY E 80 -50.10 -38.13 -22.49
N ARG E 81 -49.50 -36.94 -22.49
CA ARG E 81 -49.76 -35.92 -23.52
C ARG E 81 -48.71 -35.90 -24.63
N ARG E 82 -49.08 -35.36 -25.80
CA ARG E 82 -48.18 -35.18 -26.94
C ARG E 82 -47.45 -33.87 -26.69
N PHE E 83 -46.24 -33.70 -27.25
CA PHE E 83 -45.50 -32.46 -27.08
C PHE E 83 -46.27 -31.25 -27.60
N ASP E 84 -46.96 -31.40 -28.76
CA ASP E 84 -47.71 -30.32 -29.41
C ASP E 84 -49.09 -30.04 -28.79
N ASP E 85 -49.45 -30.74 -27.69
CA ASP E 85 -50.68 -30.50 -26.95
C ASP E 85 -50.71 -29.02 -26.51
N ALA E 86 -51.87 -28.35 -26.63
CA ALA E 86 -52.04 -26.95 -26.23
C ALA E 86 -51.69 -26.76 -24.74
N VAL E 87 -52.03 -27.74 -23.89
CA VAL E 87 -51.76 -27.75 -22.44
C VAL E 87 -50.25 -27.78 -22.17
N VAL E 88 -49.50 -28.62 -22.92
CA VAL E 88 -48.05 -28.71 -22.79
C VAL E 88 -47.40 -27.39 -23.16
N GLN E 89 -47.77 -26.83 -24.33
CA GLN E 89 -47.22 -25.58 -24.85
C GLN E 89 -47.45 -24.37 -23.95
N SER E 90 -48.63 -24.30 -23.33
CA SER E 90 -49.02 -23.23 -22.42
C SER E 90 -48.31 -23.34 -21.08
N ASP E 91 -48.26 -24.55 -20.48
CA ASP E 91 -47.65 -24.79 -19.18
C ASP E 91 -46.15 -24.63 -19.14
N MET E 92 -45.43 -25.04 -20.22
CA MET E 92 -43.97 -25.01 -20.23
C MET E 92 -43.37 -23.58 -20.15
N LYS E 93 -44.13 -22.54 -20.54
CA LYS E 93 -43.73 -21.13 -20.44
C LYS E 93 -43.53 -20.71 -18.97
N HIS E 94 -44.22 -21.39 -18.05
CA HIS E 94 -44.13 -21.08 -16.62
C HIS E 94 -43.23 -22.00 -15.77
N TRP E 95 -42.65 -23.02 -16.38
CA TRP E 95 -41.79 -23.95 -15.64
C TRP E 95 -40.33 -23.54 -15.73
N PRO E 96 -39.58 -23.61 -14.60
CA PRO E 96 -38.15 -23.28 -14.66
C PRO E 96 -37.30 -24.40 -15.27
N PHE E 97 -37.83 -25.63 -15.35
CA PHE E 97 -37.14 -26.78 -15.94
C PHE E 97 -37.45 -26.87 -17.42
N MET E 98 -36.53 -27.50 -18.19
CA MET E 98 -36.68 -27.66 -19.63
C MET E 98 -37.54 -28.84 -20.01
N VAL E 99 -38.42 -28.60 -21.00
CA VAL E 99 -39.30 -29.60 -21.60
C VAL E 99 -38.90 -29.67 -23.08
N VAL E 100 -38.49 -30.87 -23.52
CA VAL E 100 -38.04 -31.11 -24.88
C VAL E 100 -38.97 -32.06 -25.63
N ASN E 101 -38.91 -32.03 -26.96
CA ASN E 101 -39.70 -32.89 -27.83
C ASN E 101 -38.86 -34.09 -28.27
N ASP E 102 -39.32 -35.30 -27.93
CA ASP E 102 -38.68 -36.54 -28.36
C ASP E 102 -39.69 -37.34 -29.16
N ALA E 103 -39.59 -37.26 -30.51
CA ALA E 103 -40.46 -37.95 -31.47
C ALA E 103 -41.97 -37.73 -31.20
N GLY E 104 -42.34 -36.49 -30.89
CA GLY E 104 -43.71 -36.09 -30.59
C GLY E 104 -44.10 -36.18 -29.13
N ARG E 105 -43.23 -36.74 -28.27
CA ARG E 105 -43.49 -36.89 -26.84
C ARG E 105 -42.71 -35.89 -25.99
N PRO E 106 -43.30 -35.28 -24.93
CA PRO E 106 -42.50 -34.39 -24.06
C PRO E 106 -41.59 -35.19 -23.13
N LYS E 107 -40.45 -34.59 -22.79
CA LYS E 107 -39.49 -35.15 -21.85
C LYS E 107 -38.94 -33.99 -21.06
N VAL E 108 -38.74 -34.17 -19.75
CA VAL E 108 -38.13 -33.14 -18.91
C VAL E 108 -36.62 -33.33 -19.06
N GLN E 109 -35.89 -32.24 -19.28
CA GLN E 109 -34.44 -32.32 -19.44
C GLN E 109 -33.77 -31.62 -18.26
N VAL E 110 -32.93 -32.35 -17.52
CA VAL E 110 -32.24 -31.87 -16.31
C VAL E 110 -30.74 -32.18 -16.31
N GLU E 111 -30.02 -31.59 -15.34
CA GLU E 111 -28.60 -31.87 -15.06
C GLU E 111 -28.62 -32.75 -13.83
N TYR E 112 -28.14 -33.99 -13.97
CA TYR E 112 -28.13 -34.99 -12.90
C TYR E 112 -26.72 -35.59 -12.84
N LYS E 113 -25.97 -35.29 -11.75
CA LYS E 113 -24.58 -35.73 -11.51
C LYS E 113 -23.62 -35.28 -12.62
N GLY E 114 -23.71 -33.99 -12.99
CA GLY E 114 -22.90 -33.35 -14.01
C GLY E 114 -23.21 -33.68 -15.46
N GLU E 115 -24.23 -34.55 -15.69
CA GLU E 115 -24.65 -35.02 -17.02
C GLU E 115 -26.05 -34.53 -17.40
N THR E 116 -26.27 -34.26 -18.71
CA THR E 116 -27.57 -33.86 -19.23
C THR E 116 -28.39 -35.14 -19.41
N LYS E 117 -29.51 -35.25 -18.66
CA LYS E 117 -30.41 -36.40 -18.72
C LYS E 117 -31.84 -35.94 -19.02
N SER E 118 -32.60 -36.78 -19.74
CA SER E 118 -34.00 -36.51 -20.03
C SER E 118 -34.89 -37.66 -19.53
N PHE E 119 -36.07 -37.31 -19.03
CA PHE E 119 -37.02 -38.28 -18.48
C PHE E 119 -38.42 -38.08 -19.02
N TYR E 120 -39.14 -39.17 -19.27
CA TYR E 120 -40.54 -39.14 -19.69
C TYR E 120 -41.38 -38.79 -18.46
N PRO E 121 -42.54 -38.11 -18.60
CA PRO E 121 -43.36 -37.79 -17.42
C PRO E 121 -43.70 -39.00 -16.54
N GLU E 122 -43.91 -40.20 -17.16
CA GLU E 122 -44.19 -41.46 -16.45
C GLU E 122 -43.01 -41.90 -15.58
N GLU E 123 -41.76 -41.59 -16.00
CA GLU E 123 -40.57 -41.94 -15.23
C GLU E 123 -40.46 -41.05 -14.00
N VAL E 124 -40.82 -39.77 -14.12
CA VAL E 124 -40.80 -38.81 -13.01
C VAL E 124 -41.88 -39.19 -12.00
N SER E 125 -43.09 -39.55 -12.50
CA SER E 125 -44.22 -39.99 -11.67
C SER E 125 -43.95 -41.31 -10.97
N SER E 126 -43.16 -42.22 -11.62
CA SER E 126 -42.73 -43.49 -11.03
C SER E 126 -41.83 -43.24 -9.81
N MET E 127 -41.02 -42.15 -9.84
CA MET E 127 -40.14 -41.78 -8.72
C MET E 127 -40.98 -41.34 -7.51
N VAL E 128 -42.08 -40.60 -7.76
CA VAL E 128 -43.02 -40.15 -6.73
C VAL E 128 -43.80 -41.38 -6.15
N LEU E 129 -44.18 -42.33 -7.03
CA LEU E 129 -44.88 -43.54 -6.61
C LEU E 129 -43.96 -44.43 -5.79
N THR E 130 -42.66 -44.49 -6.17
CA THR E 130 -41.62 -45.22 -5.43
C THR E 130 -41.55 -44.67 -4.00
N LYS E 131 -41.54 -43.33 -3.88
CA LYS E 131 -41.50 -42.64 -2.59
C LYS E 131 -42.76 -42.96 -1.75
N MET E 132 -43.97 -42.97 -2.37
CA MET E 132 -45.22 -43.30 -1.66
C MET E 132 -45.20 -44.74 -1.18
N LYS E 133 -44.61 -45.65 -2.00
CA LYS E 133 -44.42 -47.08 -1.71
C LYS E 133 -43.51 -47.24 -0.49
N GLU E 134 -42.42 -46.46 -0.42
CA GLU E 134 -41.45 -46.47 0.67
C GLU E 134 -42.00 -45.90 1.97
N ILE E 135 -42.83 -44.86 1.87
CA ILE E 135 -43.54 -44.21 2.99
C ILE E 135 -44.45 -45.23 3.66
N ALA E 136 -45.18 -46.03 2.84
CA ALA E 136 -46.09 -47.08 3.31
C ALA E 136 -45.30 -48.18 4.03
N GLU E 137 -44.18 -48.67 3.41
CA GLU E 137 -43.31 -49.71 3.96
C GLU E 137 -42.65 -49.27 5.26
N ALA E 138 -42.20 -48.00 5.37
CA ALA E 138 -41.54 -47.47 6.57
C ALA E 138 -42.51 -47.48 7.75
N TYR E 139 -43.79 -47.17 7.52
CA TYR E 139 -44.81 -47.18 8.56
C TYR E 139 -45.25 -48.59 8.96
N LEU E 140 -45.55 -49.44 7.96
CA LEU E 140 -46.05 -50.79 8.19
C LEU E 140 -45.01 -51.77 8.68
N GLY E 141 -43.76 -51.59 8.25
CA GLY E 141 -42.66 -52.49 8.56
C GLY E 141 -42.83 -53.78 7.78
N LYS E 142 -43.52 -53.68 6.62
CA LYS E 142 -43.83 -54.79 5.72
C LYS E 142 -43.64 -54.32 4.29
N THR E 143 -43.40 -55.27 3.36
CA THR E 143 -43.24 -54.97 1.93
C THR E 143 -44.61 -54.60 1.33
N VAL E 144 -44.65 -53.52 0.53
CA VAL E 144 -45.86 -53.00 -0.12
C VAL E 144 -45.68 -53.15 -1.63
N THR E 145 -46.56 -53.92 -2.28
CA THR E 145 -46.51 -54.14 -3.73
C THR E 145 -47.82 -53.76 -4.42
N ASN E 146 -48.96 -54.02 -3.77
CA ASN E 146 -50.27 -53.78 -4.37
C ASN E 146 -50.82 -52.40 -4.08
N ALA E 147 -51.31 -51.71 -5.10
CA ALA E 147 -51.87 -50.38 -4.87
C ALA E 147 -52.95 -49.97 -5.85
N VAL E 148 -53.81 -49.05 -5.41
CA VAL E 148 -54.85 -48.50 -6.24
C VAL E 148 -54.42 -47.06 -6.45
N VAL E 149 -54.28 -46.65 -7.70
CA VAL E 149 -53.82 -45.31 -8.02
C VAL E 149 -54.92 -44.51 -8.70
N THR E 150 -55.14 -43.29 -8.22
CA THR E 150 -56.20 -42.44 -8.77
C THR E 150 -55.73 -41.53 -9.90
N VAL E 151 -56.67 -41.13 -10.78
CA VAL E 151 -56.46 -40.24 -11.93
C VAL E 151 -57.70 -39.32 -12.06
N PRO E 152 -57.59 -38.10 -12.64
CA PRO E 152 -58.80 -37.30 -12.86
C PRO E 152 -59.75 -37.98 -13.83
N ALA E 153 -61.06 -37.72 -13.68
CA ALA E 153 -62.12 -38.27 -14.52
C ALA E 153 -61.99 -37.87 -16.00
N TYR E 154 -61.30 -36.75 -16.30
CA TYR E 154 -61.14 -36.26 -17.67
C TYR E 154 -59.88 -36.85 -18.37
N PHE E 155 -59.13 -37.69 -17.67
CA PHE E 155 -57.95 -38.29 -18.27
C PHE E 155 -58.35 -39.17 -19.44
N ASN E 156 -57.54 -39.17 -20.48
CA ASN E 156 -57.80 -40.00 -21.65
C ASN E 156 -57.12 -41.38 -21.59
N ASP E 157 -57.22 -42.14 -22.68
CA ASP E 157 -56.64 -43.47 -22.72
C ASP E 157 -55.12 -43.45 -22.52
N SER E 158 -54.47 -42.50 -23.17
CA SER E 158 -53.03 -42.30 -23.10
C SER E 158 -52.55 -41.83 -21.71
N GLN E 159 -53.31 -40.91 -21.08
CA GLN E 159 -52.98 -40.37 -19.75
C GLN E 159 -53.17 -41.42 -18.65
N ARG E 160 -54.17 -42.30 -18.82
CA ARG E 160 -54.45 -43.40 -17.87
C ARG E 160 -53.39 -44.48 -18.01
N GLN E 161 -53.01 -44.84 -19.25
CA GLN E 161 -51.99 -45.85 -19.54
C GLN E 161 -50.62 -45.40 -19.01
N ALA E 162 -50.26 -44.13 -19.24
CA ALA E 162 -49.00 -43.55 -18.76
C ALA E 162 -48.91 -43.56 -17.23
N THR E 163 -50.05 -43.36 -16.53
CA THR E 163 -50.10 -43.40 -15.05
C THR E 163 -49.90 -44.86 -14.57
N LYS E 164 -50.55 -45.83 -15.26
CA LYS E 164 -50.40 -47.26 -14.92
C LYS E 164 -48.93 -47.68 -15.15
N ASP E 165 -48.32 -47.19 -16.26
CA ASP E 165 -46.91 -47.43 -16.58
C ASP E 165 -45.97 -46.86 -15.51
N ALA E 166 -46.32 -45.68 -14.92
CA ALA E 166 -45.54 -45.10 -13.81
C ALA E 166 -45.58 -46.06 -12.60
N GLY E 167 -46.75 -46.67 -12.35
CA GLY E 167 -46.95 -47.65 -11.29
C GLY E 167 -46.08 -48.88 -11.47
N THR E 168 -46.08 -49.44 -12.68
CA THR E 168 -45.29 -50.61 -13.00
C THR E 168 -43.78 -50.38 -12.90
N ILE E 169 -43.32 -49.22 -13.36
CA ILE E 169 -41.90 -48.87 -13.33
C ILE E 169 -41.37 -48.80 -11.90
N ALA E 170 -42.19 -48.30 -11.00
CA ALA E 170 -41.85 -48.15 -9.59
C ALA E 170 -41.80 -49.48 -8.85
N GLY E 171 -42.29 -50.53 -9.49
CA GLY E 171 -42.37 -51.87 -8.89
C GLY E 171 -43.71 -52.19 -8.24
N LEU E 172 -44.73 -51.35 -8.51
CA LEU E 172 -46.07 -51.56 -7.96
C LEU E 172 -46.91 -52.42 -8.88
N ASN E 173 -47.77 -53.22 -8.27
CA ASN E 173 -48.76 -54.02 -8.95
C ASN E 173 -50.04 -53.18 -8.80
N VAL E 174 -50.42 -52.48 -9.87
CA VAL E 174 -51.59 -51.60 -9.89
C VAL E 174 -52.86 -52.43 -10.00
N LEU E 175 -53.56 -52.65 -8.86
CA LEU E 175 -54.80 -53.41 -8.76
C LEU E 175 -55.88 -52.77 -9.65
N ARG E 176 -56.04 -51.47 -9.52
CA ARG E 176 -57.02 -50.75 -10.32
C ARG E 176 -56.67 -49.28 -10.41
N ILE E 177 -57.20 -48.63 -11.44
CA ILE E 177 -57.00 -47.20 -11.63
C ILE E 177 -58.41 -46.69 -11.47
N ILE E 178 -58.62 -45.75 -10.56
CA ILE E 178 -59.96 -45.23 -10.36
C ILE E 178 -60.01 -43.71 -10.39
N ASN E 179 -61.09 -43.19 -10.92
CA ASN E 179 -61.28 -41.74 -11.03
C ASN E 179 -61.22 -41.11 -9.65
N GLU E 180 -60.62 -39.91 -9.55
CA GLU E 180 -60.54 -39.16 -8.28
C GLU E 180 -61.93 -38.89 -7.69
N PRO E 181 -62.96 -38.42 -8.48
CA PRO E 181 -64.31 -38.20 -7.90
C PRO E 181 -64.97 -39.50 -7.41
N THR E 182 -64.73 -40.63 -8.11
CA THR E 182 -65.21 -41.96 -7.73
C THR E 182 -64.58 -42.35 -6.38
N ALA E 183 -63.26 -42.08 -6.22
CA ALA E 183 -62.51 -42.34 -4.97
C ALA E 183 -63.08 -41.53 -3.80
N ALA E 184 -63.39 -40.23 -4.01
CA ALA E 184 -63.99 -39.38 -2.98
C ALA E 184 -65.42 -39.86 -2.60
N ALA E 185 -66.20 -40.35 -3.59
CA ALA E 185 -67.55 -40.90 -3.38
C ALA E 185 -67.50 -42.20 -2.57
N ILE E 186 -66.48 -43.05 -2.84
CA ILE E 186 -66.24 -44.31 -2.10
C ILE E 186 -65.87 -44.00 -0.63
N ALA E 187 -65.06 -42.93 -0.38
CA ALA E 187 -64.64 -42.53 0.97
C ALA E 187 -65.83 -42.24 1.89
N TYR E 188 -66.90 -41.61 1.36
CA TYR E 188 -68.13 -41.25 2.04
C TYR E 188 -69.23 -42.34 2.00
N GLY E 189 -68.94 -43.47 1.34
CA GLY E 189 -69.84 -44.62 1.22
C GLY E 189 -71.14 -44.36 0.48
N LEU E 190 -71.09 -43.44 -0.50
CA LEU E 190 -72.24 -43.03 -1.32
C LEU E 190 -72.78 -44.14 -2.23
N ASP E 191 -71.96 -45.18 -2.39
CA ASP E 191 -72.24 -46.36 -3.21
C ASP E 191 -72.92 -47.50 -2.43
N LYS E 192 -73.00 -47.33 -1.13
CA LYS E 192 -73.63 -48.29 -0.21
C LYS E 192 -74.97 -47.76 0.36
N LYS E 193 -75.31 -46.49 0.02
CA LYS E 193 -76.52 -45.81 0.45
C LYS E 193 -77.74 -46.44 -0.23
N VAL E 194 -78.75 -46.79 0.58
CA VAL E 194 -80.00 -47.40 0.13
C VAL E 194 -80.85 -46.44 -0.73
N GLY E 195 -81.62 -47.01 -1.66
CA GLY E 195 -82.47 -46.26 -2.56
C GLY E 195 -82.12 -46.44 -4.03
N ALA E 196 -82.66 -45.56 -4.88
CA ALA E 196 -82.43 -45.60 -6.33
C ALA E 196 -81.13 -44.85 -6.72
N GLU E 197 -80.98 -44.53 -8.03
CA GLU E 197 -79.86 -43.81 -8.64
C GLU E 197 -79.55 -42.53 -7.85
N ARG E 198 -78.26 -42.31 -7.52
CA ARG E 198 -77.82 -41.13 -6.79
C ARG E 198 -77.01 -40.20 -7.68
N ASN E 199 -77.32 -38.91 -7.59
CA ASN E 199 -76.63 -37.88 -8.33
C ASN E 199 -75.63 -37.25 -7.36
N VAL E 200 -74.36 -37.33 -7.72
CA VAL E 200 -73.27 -36.88 -6.86
C VAL E 200 -72.44 -35.78 -7.52
N LEU E 201 -72.24 -34.67 -6.76
CA LEU E 201 -71.44 -33.51 -7.15
C LEU E 201 -70.12 -33.51 -6.35
N ILE E 202 -68.99 -33.69 -7.04
CA ILE E 202 -67.68 -33.65 -6.40
C ILE E 202 -67.09 -32.27 -6.71
N PHE E 203 -66.88 -31.47 -5.65
CA PHE E 203 -66.32 -30.12 -5.71
C PHE E 203 -64.86 -30.23 -5.23
N ASP E 204 -63.90 -30.28 -6.19
CA ASP E 204 -62.47 -30.45 -5.90
C ASP E 204 -61.67 -29.19 -6.15
N LEU E 205 -61.31 -28.48 -5.07
CA LEU E 205 -60.49 -27.28 -5.12
C LEU E 205 -59.24 -27.48 -4.27
N GLY E 206 -58.17 -27.92 -4.92
CA GLY E 206 -56.89 -28.22 -4.27
C GLY E 206 -55.85 -28.73 -5.24
N GLY E 207 -54.59 -28.57 -4.85
CA GLY E 207 -53.44 -28.96 -5.64
C GLY E 207 -53.31 -28.23 -6.97
N GLY E 208 -53.48 -26.90 -6.94
CA GLY E 208 -53.37 -26.00 -8.09
C GLY E 208 -54.39 -26.13 -9.22
N THR E 209 -55.41 -27.00 -9.06
CA THR E 209 -56.46 -27.22 -10.07
C THR E 209 -57.84 -27.14 -9.41
N PHE E 210 -58.87 -26.83 -10.22
CA PHE E 210 -60.26 -26.81 -9.76
C PHE E 210 -61.05 -27.77 -10.65
N ASP E 211 -61.60 -28.83 -10.05
CA ASP E 211 -62.36 -29.85 -10.79
C ASP E 211 -63.74 -30.05 -10.19
N VAL E 212 -64.77 -29.97 -11.04
CA VAL E 212 -66.15 -30.23 -10.67
C VAL E 212 -66.56 -31.45 -11.49
N SER E 213 -67.04 -32.50 -10.81
CA SER E 213 -67.50 -33.71 -11.49
C SER E 213 -68.88 -34.08 -11.01
N ILE E 214 -69.71 -34.57 -11.92
CA ILE E 214 -71.05 -35.00 -11.56
C ILE E 214 -71.11 -36.48 -11.89
N LEU E 215 -71.52 -37.29 -10.92
CA LEU E 215 -71.60 -38.71 -11.11
C LEU E 215 -72.95 -39.28 -10.71
N THR E 216 -73.35 -40.35 -11.38
CA THR E 216 -74.59 -41.02 -11.08
C THR E 216 -74.22 -42.42 -10.63
N ILE E 217 -74.65 -42.80 -9.43
CA ILE E 217 -74.36 -44.11 -8.87
C ILE E 217 -75.63 -44.91 -8.80
N GLU E 218 -75.63 -46.06 -9.49
CA GLU E 218 -76.75 -46.99 -9.52
C GLU E 218 -76.19 -48.41 -9.49
N ASP E 219 -76.62 -49.21 -8.50
CA ASP E 219 -76.19 -50.60 -8.28
C ASP E 219 -74.65 -50.74 -8.28
N GLY E 220 -73.97 -49.83 -7.60
CA GLY E 220 -72.52 -49.87 -7.50
C GLY E 220 -71.78 -49.46 -8.77
N ILE E 221 -72.48 -48.80 -9.68
CA ILE E 221 -71.85 -48.36 -10.91
C ILE E 221 -71.73 -46.85 -10.93
N PHE E 222 -70.54 -46.37 -11.25
CA PHE E 222 -70.30 -44.93 -11.31
C PHE E 222 -70.22 -44.47 -12.75
N GLU E 223 -71.13 -43.58 -13.12
CA GLU E 223 -71.14 -43.03 -14.46
C GLU E 223 -70.79 -41.57 -14.32
N VAL E 224 -69.73 -41.14 -15.03
CA VAL E 224 -69.30 -39.74 -15.04
C VAL E 224 -70.23 -39.05 -16.05
N LYS E 225 -71.15 -38.19 -15.56
CA LYS E 225 -72.11 -37.48 -16.41
C LYS E 225 -71.54 -36.19 -17.00
N SER E 226 -70.65 -35.50 -16.26
CA SER E 226 -70.00 -34.26 -16.70
C SER E 226 -68.78 -33.90 -15.85
N THR E 227 -67.83 -33.19 -16.48
CA THR E 227 -66.62 -32.66 -15.83
C THR E 227 -66.47 -31.19 -16.27
N ALA E 228 -66.11 -30.31 -15.33
CA ALA E 228 -65.90 -28.89 -15.56
C ALA E 228 -64.86 -28.37 -14.55
N GLY E 229 -64.42 -27.14 -14.72
CA GLY E 229 -63.45 -26.56 -13.81
C GLY E 229 -62.50 -25.58 -14.44
N ASP E 230 -61.41 -25.29 -13.71
CA ASP E 230 -60.33 -24.37 -14.06
C ASP E 230 -59.02 -25.08 -13.70
N THR E 231 -58.24 -25.49 -14.71
CA THR E 231 -56.98 -26.24 -14.53
C THR E 231 -55.86 -25.47 -13.81
N HIS E 232 -56.04 -24.15 -13.60
CA HIS E 232 -55.04 -23.30 -12.96
C HIS E 232 -55.60 -22.41 -11.83
N LEU E 233 -56.54 -22.94 -11.04
CA LEU E 233 -57.10 -22.20 -9.90
C LEU E 233 -56.84 -22.99 -8.65
N GLY E 234 -56.35 -22.31 -7.64
CA GLY E 234 -56.07 -22.93 -6.35
C GLY E 234 -55.72 -21.92 -5.29
N GLY E 235 -55.25 -22.44 -4.15
CA GLY E 235 -54.84 -21.68 -2.99
C GLY E 235 -53.83 -20.58 -3.25
N GLU E 236 -52.92 -20.79 -4.19
CA GLU E 236 -51.91 -19.79 -4.53
C GLU E 236 -52.54 -18.48 -4.97
N ASP E 237 -53.60 -18.58 -5.77
CA ASP E 237 -54.32 -17.40 -6.27
C ASP E 237 -54.90 -16.60 -5.12
N PHE E 238 -55.34 -17.27 -4.07
CA PHE E 238 -55.88 -16.59 -2.91
C PHE E 238 -54.75 -15.92 -2.15
N ASP E 239 -53.61 -16.60 -2.10
CA ASP E 239 -52.42 -16.10 -1.43
C ASP E 239 -51.90 -14.85 -2.12
N ASN E 240 -51.93 -14.86 -3.44
CA ASN E 240 -51.44 -13.72 -4.23
C ASN E 240 -52.25 -12.46 -3.96
N ARG E 241 -53.56 -12.63 -3.81
CA ARG E 241 -54.43 -11.50 -3.53
C ARG E 241 -54.06 -10.88 -2.20
N MET E 242 -53.79 -11.72 -1.21
CA MET E 242 -53.39 -11.24 0.11
C MET E 242 -52.06 -10.50 0.03
N VAL E 243 -51.14 -11.05 -0.76
CA VAL E 243 -49.82 -10.45 -0.92
C VAL E 243 -49.93 -9.07 -1.55
N ASN E 244 -50.78 -8.94 -2.57
CA ASN E 244 -50.98 -7.67 -3.23
C ASN E 244 -51.55 -6.67 -2.23
N HIS E 245 -52.45 -7.14 -1.40
CA HIS E 245 -53.10 -6.31 -0.40
C HIS E 245 -52.06 -5.77 0.57
N PHE E 246 -51.16 -6.64 1.03
CA PHE E 246 -50.10 -6.22 1.93
C PHE E 246 -49.05 -5.30 1.30
N ILE E 247 -48.70 -5.58 0.04
CA ILE E 247 -47.72 -4.76 -0.66
C ILE E 247 -48.26 -3.34 -0.80
N ALA E 248 -49.53 -3.23 -1.14
CA ALA E 248 -50.22 -1.92 -1.28
C ALA E 248 -50.30 -1.20 0.10
N GLU E 249 -50.59 -1.96 1.17
CA GLU E 249 -50.65 -1.47 2.55
C GLU E 249 -49.31 -0.83 2.93
N PHE E 250 -48.20 -1.56 2.68
CA PHE E 250 -46.82 -1.12 2.95
C PHE E 250 -46.49 0.18 2.16
N LYS E 251 -46.98 0.28 0.90
CA LYS E 251 -46.78 1.49 0.09
C LYS E 251 -47.50 2.64 0.73
N ARG E 252 -48.77 2.45 1.16
CA ARG E 252 -49.55 3.51 1.78
C ARG E 252 -48.96 4.00 3.10
N LYS E 253 -48.61 3.05 3.97
CA LYS E 253 -48.00 3.36 5.25
C LYS E 253 -46.57 3.91 5.22
N HIS E 254 -45.70 3.32 4.40
CA HIS E 254 -44.30 3.75 4.34
C HIS E 254 -43.76 4.35 3.04
N LYS E 255 -44.57 4.40 1.99
CA LYS E 255 -44.12 4.95 0.71
C LYS E 255 -42.91 4.22 0.12
N LYS E 256 -42.88 2.91 0.34
CA LYS E 256 -41.82 2.04 -0.16
C LYS E 256 -42.42 0.83 -0.86
N ASP E 257 -41.82 0.49 -2.00
CA ASP E 257 -42.17 -0.64 -2.84
C ASP E 257 -41.25 -1.84 -2.52
N ILE E 258 -41.84 -2.90 -1.92
CA ILE E 258 -41.09 -4.12 -1.55
C ILE E 258 -41.07 -5.19 -2.67
N SER E 259 -41.98 -5.07 -3.69
CA SER E 259 -42.21 -6.05 -4.74
C SER E 259 -40.97 -6.44 -5.60
N GLU E 260 -39.91 -5.62 -5.62
CA GLU E 260 -38.70 -6.02 -6.38
C GLU E 260 -37.65 -6.71 -5.51
N ASN E 261 -37.90 -6.80 -4.19
CA ASN E 261 -37.04 -7.52 -3.26
C ASN E 261 -37.66 -8.90 -3.06
N LYS E 262 -37.13 -9.92 -3.78
CA LYS E 262 -37.62 -11.31 -3.76
C LYS E 262 -37.71 -11.90 -2.35
N ARG E 263 -36.73 -11.59 -1.48
CA ARG E 263 -36.72 -12.08 -0.09
C ARG E 263 -37.83 -11.47 0.77
N ALA E 264 -38.11 -10.16 0.60
CA ALA E 264 -39.17 -9.46 1.32
C ALA E 264 -40.54 -10.05 0.93
N VAL E 265 -40.75 -10.25 -0.38
CA VAL E 265 -41.97 -10.81 -0.97
C VAL E 265 -42.17 -12.26 -0.49
N ARG E 266 -41.10 -13.07 -0.48
CA ARG E 266 -41.17 -14.45 0.01
C ARG E 266 -41.59 -14.50 1.50
N ARG E 267 -40.98 -13.64 2.36
CA ARG E 267 -41.32 -13.60 3.79
C ARG E 267 -42.82 -13.22 3.92
N LEU E 268 -43.25 -12.21 3.17
CA LEU E 268 -44.64 -11.82 3.16
C LEU E 268 -45.58 -12.97 2.65
N ARG E 269 -45.22 -13.59 1.54
CA ARG E 269 -46.01 -14.69 0.98
C ARG E 269 -46.17 -15.87 1.95
N THR E 270 -45.07 -16.31 2.56
CA THR E 270 -45.08 -17.41 3.52
C THR E 270 -46.01 -17.08 4.67
N ALA E 271 -45.95 -15.84 5.18
CA ALA E 271 -46.78 -15.37 6.28
C ALA E 271 -48.26 -15.33 5.85
N CYS E 272 -48.54 -14.97 4.57
CA CYS E 272 -49.91 -14.92 3.98
C CYS E 272 -50.53 -16.31 3.87
N GLU E 273 -49.75 -17.31 3.38
CA GLU E 273 -50.18 -18.70 3.27
C GLU E 273 -50.68 -19.22 4.65
N ARG E 274 -49.95 -18.88 5.72
CA ARG E 274 -50.23 -19.29 7.10
C ARG E 274 -51.44 -18.53 7.67
N ALA E 275 -51.57 -17.22 7.34
CA ALA E 275 -52.68 -16.37 7.73
C ALA E 275 -53.97 -16.88 7.07
N LYS E 276 -53.90 -17.28 5.79
CA LYS E 276 -55.05 -17.87 5.06
C LYS E 276 -55.57 -19.12 5.80
N ARG E 277 -54.67 -20.04 6.22
CA ARG E 277 -55.06 -21.24 6.95
C ARG E 277 -55.76 -20.90 8.28
N THR E 278 -55.22 -19.90 9.02
CA THR E 278 -55.81 -19.42 10.29
C THR E 278 -57.23 -18.86 10.10
N LEU E 279 -57.48 -18.18 8.97
CA LEU E 279 -58.78 -17.58 8.66
C LEU E 279 -59.90 -18.61 8.36
N SER E 280 -59.55 -19.90 8.21
CA SER E 280 -60.51 -20.98 8.01
C SER E 280 -61.12 -21.39 9.35
N SER E 281 -60.45 -21.09 10.49
CA SER E 281 -60.95 -21.41 11.82
C SER E 281 -61.11 -20.19 12.74
N SER E 282 -60.45 -19.06 12.41
CA SER E 282 -60.54 -17.82 13.17
C SER E 282 -61.07 -16.70 12.27
N THR E 283 -61.58 -15.63 12.87
CA THR E 283 -62.13 -14.50 12.12
C THR E 283 -61.09 -13.40 11.89
N GLN E 284 -59.87 -13.59 12.42
CA GLN E 284 -58.74 -12.66 12.26
C GLN E 284 -57.40 -13.40 12.34
N ALA E 285 -56.40 -12.91 11.59
CA ALA E 285 -55.02 -13.42 11.56
C ALA E 285 -54.05 -12.26 11.74
N SER E 286 -53.09 -12.41 12.66
CA SER E 286 -52.06 -11.40 12.90
C SER E 286 -50.73 -11.81 12.27
N ILE E 287 -49.98 -10.81 11.78
CA ILE E 287 -48.67 -10.99 11.16
C ILE E 287 -47.67 -9.99 11.75
N GLU E 288 -46.50 -10.52 12.20
CA GLU E 288 -45.37 -9.74 12.70
C GLU E 288 -44.09 -10.14 11.96
N ILE E 289 -43.59 -9.23 11.11
CA ILE E 289 -42.38 -9.48 10.33
C ILE E 289 -41.40 -8.33 10.64
N ASP E 290 -40.35 -8.64 11.44
CA ASP E 290 -39.33 -7.66 11.76
C ASP E 290 -38.47 -7.38 10.55
N SER E 291 -38.08 -6.11 10.40
CA SER E 291 -37.17 -5.63 9.36
C SER E 291 -37.49 -6.27 7.98
N LEU E 292 -38.76 -6.16 7.57
CA LEU E 292 -39.19 -6.73 6.28
C LEU E 292 -38.44 -6.10 5.09
N TYR E 293 -38.28 -4.77 5.12
CA TYR E 293 -37.64 -4.03 4.02
C TYR E 293 -37.09 -2.71 4.55
N GLU E 294 -35.76 -2.46 4.30
CA GLU E 294 -35.05 -1.24 4.70
C GLU E 294 -35.15 -0.98 6.22
N GLY E 295 -35.11 -2.08 6.97
CA GLY E 295 -35.20 -2.06 8.43
C GLY E 295 -36.59 -1.85 9.03
N ILE E 296 -37.63 -1.67 8.19
CA ILE E 296 -39.00 -1.40 8.67
C ILE E 296 -39.71 -2.68 9.09
N ASP E 297 -40.23 -2.70 10.33
CA ASP E 297 -41.01 -3.82 10.87
C ASP E 297 -42.40 -3.70 10.31
N PHE E 298 -42.99 -4.83 9.92
CA PHE E 298 -44.32 -4.91 9.37
C PHE E 298 -45.24 -5.75 10.27
N TYR E 299 -45.99 -5.05 11.16
CA TYR E 299 -46.94 -5.63 12.11
C TYR E 299 -48.32 -5.21 11.63
N THR E 300 -49.12 -6.19 11.24
CA THR E 300 -50.47 -5.96 10.71
C THR E 300 -51.38 -7.15 11.02
N SER E 301 -52.61 -7.09 10.53
CA SER E 301 -53.62 -8.13 10.67
C SER E 301 -54.60 -8.09 9.51
N ILE E 302 -55.29 -9.21 9.28
CA ILE E 302 -56.31 -9.36 8.24
C ILE E 302 -57.52 -10.12 8.82
N THR E 303 -58.73 -9.58 8.61
CA THR E 303 -59.95 -10.23 9.06
C THR E 303 -60.40 -11.24 8.01
N ARG E 304 -61.26 -12.20 8.43
CA ARG E 304 -61.83 -13.21 7.54
C ARG E 304 -62.66 -12.46 6.46
N ALA E 305 -63.41 -11.41 6.89
CA ALA E 305 -64.22 -10.59 5.98
C ALA E 305 -63.38 -9.89 4.88
N ARG E 306 -62.19 -9.37 5.22
CA ARG E 306 -61.31 -8.74 4.23
C ARG E 306 -60.72 -9.73 3.24
N PHE E 307 -60.28 -10.91 3.72
CA PHE E 307 -59.75 -11.97 2.86
C PHE E 307 -60.84 -12.44 1.89
N GLU E 308 -62.09 -12.50 2.38
CA GLU E 308 -63.27 -12.85 1.57
C GLU E 308 -63.52 -11.76 0.50
N GLU E 309 -63.47 -10.45 0.86
CA GLU E 309 -63.61 -9.32 -0.09
C GLU E 309 -62.54 -9.33 -1.22
N LEU E 310 -61.25 -9.56 -0.86
CA LEU E 310 -60.11 -9.60 -1.80
C LEU E 310 -60.23 -10.73 -2.81
N ASN E 311 -60.95 -11.80 -2.44
CA ASN E 311 -61.10 -13.01 -3.25
C ASN E 311 -62.55 -13.27 -3.70
N ALA E 312 -63.50 -12.34 -3.42
CA ALA E 312 -64.92 -12.51 -3.75
C ALA E 312 -65.19 -13.01 -5.16
N ASP E 313 -64.49 -12.44 -6.19
CA ASP E 313 -64.68 -12.86 -7.59
C ASP E 313 -64.20 -14.28 -7.79
N LEU E 314 -63.07 -14.63 -7.19
CA LEU E 314 -62.54 -15.98 -7.28
C LEU E 314 -63.47 -16.97 -6.60
N PHE E 315 -63.95 -16.63 -5.41
CA PHE E 315 -64.86 -17.52 -4.68
C PHE E 315 -66.21 -17.70 -5.37
N ARG E 316 -66.80 -16.61 -5.85
CA ARG E 316 -68.07 -16.67 -6.55
C ARG E 316 -67.91 -17.44 -7.85
N GLY E 317 -66.78 -17.24 -8.49
CA GLY E 317 -66.47 -17.88 -9.76
C GLY E 317 -66.48 -19.39 -9.71
N THR E 318 -66.23 -19.98 -8.55
CA THR E 318 -66.24 -21.44 -8.39
C THR E 318 -67.62 -22.00 -8.73
N LEU E 319 -68.66 -21.24 -8.40
CA LEU E 319 -70.04 -21.63 -8.68
C LEU E 319 -70.36 -21.81 -10.16
N ASP E 320 -69.76 -20.97 -11.01
CA ASP E 320 -70.02 -21.05 -12.45
C ASP E 320 -69.63 -22.39 -13.04
N PRO E 321 -68.49 -22.93 -12.63
CA PRO E 321 -68.06 -24.23 -13.17
C PRO E 321 -69.10 -25.28 -12.82
N VAL E 322 -69.67 -25.16 -11.64
CA VAL E 322 -70.69 -26.08 -11.17
C VAL E 322 -71.93 -26.00 -12.06
N GLU E 323 -72.30 -24.79 -12.44
CA GLU E 323 -73.47 -24.60 -13.30
C GLU E 323 -73.29 -25.25 -14.66
N LYS E 324 -72.10 -25.13 -15.23
CA LYS E 324 -71.81 -25.73 -16.52
C LYS E 324 -71.91 -27.25 -16.43
N ALA E 325 -71.42 -27.80 -15.33
CA ALA E 325 -71.47 -29.26 -15.10
C ALA E 325 -72.91 -29.76 -14.99
N LEU E 326 -73.77 -29.04 -14.30
CA LEU E 326 -75.15 -29.46 -14.21
C LEU E 326 -75.76 -29.44 -15.62
N ARG E 327 -75.53 -28.36 -16.34
CA ARG E 327 -76.04 -28.17 -17.70
C ARG E 327 -75.61 -29.32 -18.62
N ASP E 328 -74.32 -29.71 -18.59
CA ASP E 328 -73.79 -30.81 -19.42
C ASP E 328 -74.30 -32.19 -19.00
N ALA E 329 -74.70 -32.28 -17.73
CA ALA E 329 -75.29 -33.49 -17.19
C ALA E 329 -76.81 -33.47 -17.26
N LYS E 330 -77.37 -32.40 -17.83
CA LYS E 330 -78.81 -32.25 -17.94
C LYS E 330 -79.50 -32.37 -16.61
N LEU E 331 -78.94 -31.74 -15.59
CA LEU E 331 -79.51 -31.82 -14.26
C LEU E 331 -79.80 -30.49 -13.59
N ASP E 332 -80.64 -30.56 -12.57
CA ASP E 332 -81.03 -29.40 -11.79
C ASP E 332 -80.43 -29.60 -10.42
N LYS E 333 -80.19 -28.51 -9.71
CA LYS E 333 -79.58 -28.54 -8.39
C LYS E 333 -80.37 -29.39 -7.41
N SER E 334 -81.69 -29.36 -7.56
CA SER E 334 -82.60 -30.12 -6.71
C SER E 334 -82.34 -31.61 -6.83
N GLN E 335 -81.98 -32.04 -8.03
CA GLN E 335 -81.71 -33.43 -8.34
C GLN E 335 -80.46 -34.05 -7.69
N ILE E 336 -79.56 -33.22 -7.17
CA ILE E 336 -78.34 -33.72 -6.55
C ILE E 336 -78.56 -34.17 -5.12
N HIS E 337 -78.31 -35.45 -4.88
CA HIS E 337 -78.41 -36.07 -3.56
C HIS E 337 -77.25 -35.77 -2.63
N ASP E 338 -76.04 -35.74 -3.17
CA ASP E 338 -74.83 -35.49 -2.38
C ASP E 338 -73.78 -34.59 -3.02
N ILE E 339 -73.21 -33.73 -2.18
CA ILE E 339 -72.13 -32.78 -2.53
C ILE E 339 -70.90 -33.13 -1.69
N VAL E 340 -69.80 -33.50 -2.35
CA VAL E 340 -68.54 -33.89 -1.69
C VAL E 340 -67.47 -32.80 -1.88
N LEU E 341 -66.86 -32.35 -0.76
CA LEU E 341 -65.77 -31.36 -0.76
C LEU E 341 -64.40 -32.06 -0.68
N VAL E 342 -63.52 -31.86 -1.67
CA VAL E 342 -62.16 -32.40 -1.69
C VAL E 342 -61.18 -31.28 -2.07
N GLY E 343 -59.93 -31.38 -1.58
CA GLY E 343 -58.90 -30.38 -1.78
C GLY E 343 -58.90 -29.41 -0.62
N GLY E 344 -57.71 -29.01 -0.17
CA GLY E 344 -57.51 -28.13 0.98
C GLY E 344 -58.24 -26.80 0.96
N SER E 345 -58.45 -26.22 -0.24
CA SER E 345 -59.14 -24.90 -0.34
C SER E 345 -60.66 -24.96 -0.06
N THR E 346 -61.25 -26.16 0.00
CA THR E 346 -62.68 -26.33 0.34
C THR E 346 -62.91 -26.10 1.83
N ARG E 347 -61.81 -25.95 2.60
CA ARG E 347 -61.81 -25.65 4.02
C ARG E 347 -62.18 -24.18 4.25
N ILE E 348 -62.09 -23.34 3.19
CA ILE E 348 -62.42 -21.92 3.29
C ILE E 348 -63.93 -21.79 3.57
N PRO E 349 -64.30 -21.20 4.73
CA PRO E 349 -65.74 -21.09 5.09
C PRO E 349 -66.63 -20.44 4.04
N LYS E 350 -66.16 -19.39 3.35
CA LYS E 350 -66.93 -18.70 2.33
C LYS E 350 -67.26 -19.61 1.14
N ILE E 351 -66.31 -20.47 0.74
CA ILE E 351 -66.51 -21.41 -0.36
C ILE E 351 -67.61 -22.41 -0.01
N GLN E 352 -67.62 -22.92 1.25
CA GLN E 352 -68.64 -23.84 1.77
C GLN E 352 -70.01 -23.15 1.81
N LYS E 353 -70.04 -21.89 2.29
CA LYS E 353 -71.24 -21.05 2.40
C LYS E 353 -71.87 -20.84 1.01
N LEU E 354 -71.07 -20.41 0.02
CA LEU E 354 -71.51 -20.18 -1.36
C LEU E 354 -72.07 -21.45 -1.98
N LEU E 355 -71.40 -22.59 -1.75
CA LEU E 355 -71.84 -23.87 -2.30
C LEU E 355 -73.13 -24.39 -1.66
N GLN E 356 -73.24 -24.27 -0.31
CA GLN E 356 -74.42 -24.68 0.45
C GLN E 356 -75.63 -23.80 0.08
N ASP E 357 -75.42 -22.47 -0.07
CA ASP E 357 -76.48 -21.52 -0.45
C ASP E 357 -76.99 -21.82 -1.86
N PHE E 358 -76.06 -22.16 -2.78
CA PHE E 358 -76.40 -22.56 -4.15
C PHE E 358 -77.29 -23.80 -4.14
N PHE E 359 -77.02 -24.76 -3.24
CA PHE E 359 -77.81 -25.98 -3.13
C PHE E 359 -78.92 -25.87 -2.08
N ASN E 360 -79.42 -24.63 -1.87
CA ASN E 360 -80.55 -24.25 -1.01
C ASN E 360 -80.47 -24.76 0.45
N GLY E 361 -79.27 -24.69 1.04
CA GLY E 361 -79.02 -25.08 2.42
C GLY E 361 -78.69 -26.53 2.67
N LYS E 362 -78.42 -27.29 1.60
CA LYS E 362 -78.07 -28.69 1.72
C LYS E 362 -76.70 -28.93 2.38
N GLU E 363 -76.67 -29.88 3.30
CA GLU E 363 -75.45 -30.22 4.04
C GLU E 363 -74.39 -30.84 3.12
N LEU E 364 -73.12 -30.49 3.36
CA LEU E 364 -71.98 -30.95 2.55
C LEU E 364 -71.22 -32.07 3.24
N ASN E 365 -70.68 -33.01 2.44
CA ASN E 365 -69.86 -34.10 2.95
C ASN E 365 -68.43 -33.55 3.06
N LYS E 366 -68.02 -33.20 4.29
CA LYS E 366 -66.74 -32.57 4.57
C LYS E 366 -65.98 -33.13 5.81
N SER E 367 -66.54 -34.17 6.50
CA SER E 367 -65.90 -34.74 7.71
C SER E 367 -64.53 -35.38 7.47
N ILE E 368 -64.30 -35.92 6.26
CA ILE E 368 -63.00 -36.50 5.94
C ILE E 368 -62.10 -35.35 5.50
N ASN E 369 -60.85 -35.34 5.98
CA ASN E 369 -59.94 -34.27 5.63
C ASN E 369 -59.94 -34.19 4.11
N PRO E 370 -60.15 -33.00 3.57
CA PRO E 370 -60.26 -32.80 2.12
C PRO E 370 -59.03 -33.18 1.34
N ASP E 371 -57.86 -32.93 1.89
CA ASP E 371 -56.60 -33.26 1.24
C ASP E 371 -56.35 -34.77 1.12
N GLU E 372 -56.98 -35.53 2.01
CA GLU E 372 -56.81 -36.97 2.15
C GLU E 372 -57.94 -37.85 1.65
N ALA E 373 -59.14 -37.28 1.37
CA ALA E 373 -60.33 -38.03 0.97
C ALA E 373 -60.19 -38.91 -0.28
N VAL E 374 -59.39 -38.48 -1.29
CA VAL E 374 -59.15 -39.28 -2.50
C VAL E 374 -58.28 -40.52 -2.16
N ALA E 375 -57.20 -40.34 -1.35
CA ALA E 375 -56.34 -41.44 -0.90
C ALA E 375 -57.14 -42.38 0.01
N TYR E 376 -58.05 -41.82 0.83
CA TYR E 376 -58.96 -42.55 1.74
C TYR E 376 -59.82 -43.53 0.93
N GLY E 377 -60.50 -43.02 -0.11
CA GLY E 377 -61.35 -43.79 -1.01
C GLY E 377 -60.58 -44.85 -1.77
N ALA E 378 -59.37 -44.50 -2.22
CA ALA E 378 -58.47 -45.43 -2.92
C ALA E 378 -58.02 -46.58 -1.97
N ALA E 379 -57.76 -46.27 -0.67
CA ALA E 379 -57.34 -47.26 0.34
C ALA E 379 -58.47 -48.24 0.65
N VAL E 380 -59.74 -47.75 0.69
CA VAL E 380 -60.95 -48.56 0.88
C VAL E 380 -61.04 -49.53 -0.33
N GLN E 381 -60.91 -48.98 -1.56
CA GLN E 381 -60.95 -49.75 -2.81
C GLN E 381 -59.86 -50.82 -2.84
N ALA E 382 -58.63 -50.46 -2.39
CA ALA E 382 -57.48 -51.37 -2.33
C ALA E 382 -57.72 -52.52 -1.37
N ALA E 383 -58.38 -52.25 -0.22
CA ALA E 383 -58.73 -53.28 0.76
C ALA E 383 -59.80 -54.20 0.20
N ILE E 384 -60.80 -53.63 -0.51
CA ILE E 384 -61.88 -54.39 -1.15
C ILE E 384 -61.31 -55.34 -2.22
N LEU E 385 -60.29 -54.87 -2.99
CA LEU E 385 -59.67 -55.66 -4.06
C LEU E 385 -58.61 -56.67 -3.58
N SER E 386 -58.28 -56.69 -2.27
CA SER E 386 -57.30 -57.63 -1.68
C SER E 386 -57.92 -59.00 -1.39
N LEU F 3 -42.26 -3.35 35.44
CA LEU F 3 -40.84 -3.60 35.20
C LEU F 3 -40.48 -5.06 35.52
N GLY F 4 -40.74 -5.48 36.75
CA GLY F 4 -40.50 -6.85 37.17
C GLY F 4 -41.79 -7.62 37.00
N SER F 5 -42.19 -7.84 35.72
CA SER F 5 -43.44 -8.50 35.38
C SER F 5 -43.18 -9.70 34.47
N ASN F 6 -41.94 -10.23 34.50
CA ASN F 6 -41.50 -11.40 33.72
C ASN F 6 -42.43 -12.59 33.98
N SER F 7 -43.03 -13.13 32.92
CA SER F 7 -44.01 -14.20 33.04
C SER F 7 -43.45 -15.57 32.63
N PRO F 8 -44.01 -16.69 33.15
CA PRO F 8 -43.53 -18.02 32.71
C PRO F 8 -43.78 -18.25 31.22
N GLN F 9 -44.84 -17.64 30.66
CA GLN F 9 -45.22 -17.75 29.24
C GLN F 9 -44.11 -17.22 28.33
N GLU F 10 -43.43 -16.13 28.76
CA GLU F 10 -42.35 -15.53 28.00
C GLU F 10 -41.15 -16.47 27.94
N GLU F 11 -40.90 -17.25 29.02
CA GLU F 11 -39.83 -18.27 29.04
C GLU F 11 -39.96 -19.24 27.86
N VAL F 12 -41.19 -19.60 27.48
CA VAL F 12 -41.48 -20.50 26.34
C VAL F 12 -40.98 -19.84 25.03
N GLU F 13 -41.26 -18.54 24.84
CA GLU F 13 -40.85 -17.84 23.63
C GLU F 13 -39.35 -17.65 23.55
N LEU F 14 -38.75 -17.27 24.68
CA LEU F 14 -37.30 -17.08 24.75
C LEU F 14 -36.56 -18.39 24.52
N LYS F 15 -37.16 -19.53 24.92
CA LYS F 15 -36.55 -20.84 24.66
C LYS F 15 -36.55 -21.16 23.13
N LYS F 16 -37.65 -20.77 22.42
CA LYS F 16 -37.78 -20.94 20.95
C LYS F 16 -36.73 -20.07 20.24
N LEU F 17 -36.58 -18.82 20.69
CA LEU F 17 -35.62 -17.87 20.12
C LEU F 17 -34.16 -18.33 20.32
N LYS F 18 -33.82 -18.88 21.50
CA LYS F 18 -32.49 -19.40 21.77
C LYS F 18 -32.14 -20.58 20.87
N HIS F 19 -33.14 -21.41 20.55
CA HIS F 19 -32.98 -22.52 19.62
C HIS F 19 -32.68 -21.98 18.21
N LEU F 20 -33.41 -20.94 17.82
CA LEU F 20 -33.23 -20.25 16.55
C LEU F 20 -31.84 -19.54 16.47
N GLU F 21 -31.36 -18.96 17.60
CA GLU F 21 -30.00 -18.38 17.68
C GLU F 21 -28.92 -19.45 17.47
N LYS F 22 -29.09 -20.65 18.08
CA LYS F 22 -28.12 -21.77 17.96
C LYS F 22 -28.07 -22.27 16.52
N SER F 23 -29.25 -22.36 15.85
CA SER F 23 -29.35 -22.76 14.44
C SER F 23 -28.64 -21.74 13.55
N VAL F 24 -28.77 -20.45 13.85
CA VAL F 24 -28.13 -19.35 13.12
C VAL F 24 -26.60 -19.46 13.26
N GLU F 25 -26.11 -19.75 14.50
CA GLU F 25 -24.68 -19.94 14.77
C GLU F 25 -24.12 -21.07 13.89
N LYS F 26 -24.87 -22.17 13.73
CA LYS F 26 -24.43 -23.28 12.87
C LYS F 26 -24.32 -22.86 11.38
N ILE F 27 -25.30 -22.09 10.86
CA ILE F 27 -25.27 -21.61 9.47
C ILE F 27 -24.15 -20.58 9.29
N ALA F 28 -23.95 -19.68 10.27
CA ALA F 28 -22.89 -18.68 10.23
C ALA F 28 -21.49 -19.39 10.15
N ASP F 29 -21.30 -20.53 10.86
CA ASP F 29 -20.05 -21.32 10.80
C ASP F 29 -19.79 -21.84 9.38
N GLN F 30 -20.87 -22.23 8.68
CA GLN F 30 -20.83 -22.70 7.29
C GLN F 30 -20.47 -21.53 6.35
N LEU F 31 -21.03 -20.34 6.62
CA LEU F 31 -20.76 -19.12 5.87
C LEU F 31 -19.31 -18.70 6.06
N GLU F 32 -18.78 -18.79 7.30
CA GLU F 32 -17.39 -18.43 7.60
C GLU F 32 -16.42 -19.33 6.84
N GLU F 33 -16.72 -20.65 6.72
CA GLU F 33 -15.92 -21.60 5.94
C GLU F 33 -15.99 -21.23 4.46
N LEU F 34 -17.18 -20.80 3.98
CA LEU F 34 -17.39 -20.36 2.60
C LEU F 34 -16.56 -19.13 2.29
N ASN F 35 -16.54 -18.16 3.24
CA ASN F 35 -15.77 -16.93 3.10
C ASN F 35 -14.27 -17.21 3.00
N LYS F 36 -13.76 -18.15 3.83
CA LYS F 36 -12.34 -18.58 3.86
C LYS F 36 -11.91 -19.25 2.54
N GLU F 37 -12.79 -20.05 1.94
CA GLU F 37 -12.48 -20.72 0.67
C GLU F 37 -12.53 -19.74 -0.48
N LEU F 38 -13.48 -18.79 -0.45
CA LEU F 38 -13.61 -17.76 -1.47
C LEU F 38 -12.40 -16.81 -1.45
N THR F 39 -11.84 -16.55 -0.26
CA THR F 39 -10.66 -15.70 -0.04
C THR F 39 -9.44 -16.43 -0.62
N GLY F 40 -9.39 -17.74 -0.38
CA GLY F 40 -8.35 -18.63 -0.88
C GLY F 40 -8.30 -18.63 -2.40
N ILE F 41 -9.43 -18.85 -3.04
CA ILE F 41 -9.52 -18.86 -4.49
C ILE F 41 -9.14 -17.51 -5.09
N GLN F 42 -9.52 -16.43 -4.41
CA GLN F 42 -9.23 -15.08 -4.84
C GLN F 42 -7.73 -14.75 -4.91
N GLN F 43 -6.90 -15.49 -4.19
CA GLN F 43 -5.43 -15.31 -4.19
C GLN F 43 -4.80 -15.54 -5.57
N GLY F 44 -5.27 -16.54 -6.30
CA GLY F 44 -4.82 -16.81 -7.66
C GLY F 44 -3.75 -17.87 -7.91
N PHE F 45 -3.59 -18.81 -7.01
CA PHE F 45 -2.65 -19.88 -7.21
C PHE F 45 -3.13 -20.83 -8.27
N LEU F 46 -4.45 -20.99 -8.30
CA LEU F 46 -5.14 -21.83 -9.23
C LEU F 46 -4.96 -21.27 -10.63
N PRO F 47 -4.99 -22.13 -11.65
CA PRO F 47 -4.84 -21.65 -13.02
C PRO F 47 -5.94 -20.65 -13.27
N LYS F 48 -5.63 -19.54 -13.92
CA LYS F 48 -6.62 -18.49 -14.11
C LYS F 48 -7.87 -18.99 -14.80
N ASP F 49 -7.74 -19.83 -15.82
CA ASP F 49 -8.93 -20.33 -16.49
C ASP F 49 -9.75 -21.17 -15.50
N LEU F 50 -9.07 -21.98 -14.71
CA LEU F 50 -9.70 -22.85 -13.71
C LEU F 50 -10.37 -22.14 -12.52
N GLN F 51 -9.97 -20.90 -12.29
CA GLN F 51 -10.51 -20.12 -11.18
C GLN F 51 -12.01 -19.87 -11.30
N ALA F 52 -12.47 -19.59 -12.51
CA ALA F 52 -13.88 -19.32 -12.75
C ALA F 52 -14.73 -20.52 -12.39
N GLU F 53 -14.24 -21.70 -12.72
CA GLU F 53 -14.93 -22.97 -12.42
C GLU F 53 -15.05 -23.26 -10.90
N ALA F 54 -13.96 -23.07 -10.10
CA ALA F 54 -13.93 -23.28 -8.65
C ALA F 54 -14.84 -22.29 -7.90
N LEU F 55 -14.85 -21.02 -8.36
CA LEU F 55 -15.69 -19.96 -7.82
C LEU F 55 -17.14 -20.38 -8.00
N CYS F 56 -17.50 -20.83 -9.21
CA CYS F 56 -18.87 -21.22 -9.49
C CYS F 56 -19.28 -22.52 -8.81
N LYS F 57 -18.31 -23.35 -8.36
CA LYS F 57 -18.55 -24.60 -7.61
C LYS F 57 -19.09 -24.32 -6.21
N LEU F 58 -18.85 -23.08 -5.69
CA LEU F 58 -19.33 -22.60 -4.39
C LEU F 58 -20.80 -22.16 -4.47
N ASP F 59 -21.37 -22.03 -5.69
CA ASP F 59 -22.76 -21.61 -5.93
C ASP F 59 -23.78 -22.42 -5.16
N ARG F 60 -23.71 -23.77 -5.24
CA ARG F 60 -24.65 -24.65 -4.53
C ARG F 60 -24.57 -24.46 -2.99
N ARG F 61 -23.36 -24.23 -2.45
CA ARG F 61 -23.13 -24.03 -1.01
C ARG F 61 -23.63 -22.69 -0.49
N VAL F 62 -23.38 -21.57 -1.22
CA VAL F 62 -23.87 -20.24 -0.82
C VAL F 62 -25.40 -20.20 -0.94
N LYS F 63 -25.96 -20.76 -2.03
CA LYS F 63 -27.39 -20.83 -2.26
C LYS F 63 -28.08 -21.63 -1.13
N ALA F 64 -27.44 -22.71 -0.62
CA ALA F 64 -27.91 -23.52 0.51
C ALA F 64 -27.83 -22.71 1.83
N THR F 65 -26.77 -21.92 2.01
CA THR F 65 -26.57 -21.04 3.18
C THR F 65 -27.66 -19.98 3.16
N ILE F 66 -27.94 -19.38 2.01
CA ILE F 66 -29.00 -18.38 1.88
C ILE F 66 -30.38 -18.97 2.20
N GLU F 67 -30.66 -20.16 1.66
CA GLU F 67 -31.88 -20.89 1.91
C GLU F 67 -32.10 -21.19 3.38
N GLN F 68 -31.03 -21.61 4.08
CA GLN F 68 -31.11 -21.93 5.51
C GLN F 68 -31.39 -20.68 6.32
N PHE F 69 -30.75 -19.55 5.97
CA PHE F 69 -31.06 -18.28 6.66
C PHE F 69 -32.50 -17.84 6.38
N MET F 70 -32.97 -18.10 5.15
CA MET F 70 -34.32 -17.73 4.71
C MET F 70 -35.40 -18.51 5.46
N LYS F 71 -35.17 -19.80 5.74
CA LYS F 71 -36.05 -20.68 6.50
C LYS F 71 -36.10 -20.28 8.00
N ILE F 72 -34.97 -19.79 8.58
CA ILE F 72 -34.91 -19.27 9.96
C ILE F 72 -35.75 -17.99 10.02
N LEU F 73 -35.65 -17.12 8.97
CA LEU F 73 -36.48 -15.91 8.92
C LEU F 73 -37.94 -16.27 8.89
N GLU F 74 -38.33 -17.28 8.08
CA GLU F 74 -39.74 -17.73 7.97
C GLU F 74 -40.24 -18.28 9.29
N GLU F 75 -39.38 -19.00 10.02
CA GLU F 75 -39.69 -19.54 11.33
C GLU F 75 -39.87 -18.45 12.37
N ILE F 76 -38.96 -17.43 12.41
CA ILE F 76 -39.06 -16.28 13.32
C ILE F 76 -40.38 -15.52 13.03
N ASP F 77 -40.75 -15.45 11.74
CA ASP F 77 -41.94 -14.74 11.29
C ASP F 77 -43.28 -15.37 11.74
N THR F 78 -43.26 -16.61 12.28
CA THR F 78 -44.46 -17.29 12.80
C THR F 78 -44.76 -16.87 14.25
N LEU F 79 -43.79 -16.20 14.87
CA LEU F 79 -43.93 -15.77 16.25
C LEU F 79 -44.76 -14.50 16.41
N ILE F 80 -45.69 -14.54 17.35
CA ILE F 80 -46.48 -13.38 17.67
C ILE F 80 -46.11 -13.15 19.11
N LEU F 81 -45.55 -11.99 19.42
CA LEU F 81 -45.16 -11.72 20.78
C LEU F 81 -45.89 -10.50 21.28
N PRO F 82 -46.63 -10.66 22.36
CA PRO F 82 -47.35 -9.51 22.94
C PRO F 82 -46.35 -8.41 23.29
N GLU F 83 -46.79 -7.14 23.22
CA GLU F 83 -45.94 -5.97 23.53
C GLU F 83 -45.22 -6.07 24.90
N ASN F 84 -45.87 -6.74 25.85
CA ASN F 84 -45.33 -6.94 27.19
C ASN F 84 -44.08 -7.84 27.23
N PHE F 85 -43.92 -8.67 26.21
CA PHE F 85 -42.75 -9.54 26.11
C PHE F 85 -41.62 -8.70 25.50
N LYS F 86 -41.12 -7.74 26.28
CA LYS F 86 -40.05 -6.86 25.82
C LYS F 86 -38.73 -7.56 25.52
N ASP F 87 -38.33 -8.49 26.37
CA ASP F 87 -37.07 -9.22 26.18
C ASP F 87 -37.12 -10.13 24.94
N SER F 88 -38.28 -10.76 24.69
CA SER F 88 -38.52 -11.61 23.51
C SER F 88 -38.50 -10.77 22.24
N ARG F 89 -39.14 -9.59 22.32
CA ARG F 89 -39.19 -8.68 21.18
C ARG F 89 -37.80 -8.18 20.80
N LEU F 90 -36.98 -7.83 21.79
CA LEU F 90 -35.59 -7.36 21.61
C LEU F 90 -34.70 -8.46 21.01
N LYS F 91 -34.77 -9.70 21.55
CA LYS F 91 -34.03 -10.85 21.06
C LYS F 91 -34.46 -11.19 19.60
N ARG F 92 -35.78 -11.08 19.29
CA ARG F 92 -36.28 -11.37 17.95
C ARG F 92 -35.70 -10.34 16.95
N LYS F 93 -35.77 -9.03 17.31
CA LYS F 93 -35.23 -7.95 16.48
C LYS F 93 -33.70 -8.11 16.23
N GLY F 94 -32.95 -8.40 17.29
CA GLY F 94 -31.52 -8.63 17.20
C GLY F 94 -31.16 -9.78 16.30
N LEU F 95 -31.92 -10.89 16.40
CA LEU F 95 -31.69 -12.09 15.61
C LEU F 95 -31.97 -11.88 14.14
N VAL F 96 -33.06 -11.15 13.80
CA VAL F 96 -33.40 -10.84 12.41
C VAL F 96 -32.28 -9.98 11.78
N LYS F 97 -31.79 -8.94 12.52
CA LYS F 97 -30.72 -8.02 12.07
C LYS F 97 -29.44 -8.79 11.78
N LYS F 98 -29.08 -9.72 12.67
CA LYS F 98 -27.88 -10.55 12.57
C LYS F 98 -28.00 -11.44 11.29
N VAL F 99 -29.15 -12.10 11.11
CA VAL F 99 -29.44 -12.94 9.94
C VAL F 99 -29.36 -12.09 8.65
N GLN F 100 -29.95 -10.88 8.67
CA GLN F 100 -29.90 -9.97 7.50
C GLN F 100 -28.48 -9.50 7.14
N ALA F 101 -27.61 -9.31 8.14
CA ALA F 101 -26.19 -8.97 7.92
C ALA F 101 -25.46 -10.18 7.31
N PHE F 102 -25.79 -11.41 7.77
CA PHE F 102 -25.20 -12.64 7.18
C PHE F 102 -25.69 -12.84 5.72
N LEU F 103 -26.96 -12.50 5.44
CA LEU F 103 -27.52 -12.56 4.08
C LEU F 103 -26.86 -11.57 3.13
N ALA F 104 -26.50 -10.37 3.63
CA ALA F 104 -25.83 -9.36 2.82
C ALA F 104 -24.38 -9.82 2.47
N GLU F 105 -23.72 -10.60 3.37
CA GLU F 105 -22.38 -11.20 3.13
C GLU F 105 -22.56 -12.31 2.10
N CYS F 106 -23.70 -13.04 2.15
CA CYS F 106 -24.03 -14.10 1.19
C CYS F 106 -24.15 -13.50 -0.21
N ASP F 107 -24.79 -12.33 -0.31
CA ASP F 107 -24.94 -11.57 -1.55
C ASP F 107 -23.59 -11.19 -2.15
N THR F 108 -22.60 -10.77 -1.31
CA THR F 108 -21.25 -10.42 -1.79
C THR F 108 -20.57 -11.64 -2.38
N VAL F 109 -20.72 -12.80 -1.74
CA VAL F 109 -20.19 -14.07 -2.25
C VAL F 109 -20.85 -14.38 -3.62
N GLU F 110 -22.19 -14.31 -3.71
CA GLU F 110 -22.96 -14.53 -4.96
C GLU F 110 -22.56 -13.60 -6.11
N GLN F 111 -22.24 -12.33 -5.81
CA GLN F 111 -21.80 -11.31 -6.79
C GLN F 111 -20.34 -11.56 -7.25
N ASN F 112 -19.56 -12.37 -6.51
CA ASN F 112 -18.16 -12.69 -6.80
C ASN F 112 -17.95 -14.10 -7.39
N ILE F 113 -19.04 -14.81 -7.68
CA ILE F 113 -18.98 -16.16 -8.25
C ILE F 113 -19.83 -16.26 -9.52
N CYS F 114 -19.44 -17.17 -10.43
CA CYS F 114 -20.10 -17.45 -11.71
C CYS F 114 -20.02 -16.26 -12.69
CAE 1LQ G . 6.97 13.29 0.89
CAB 1LQ G . 6.81 13.76 2.17
CAC 1LQ G . 6.00 14.85 2.43
CAF 1LQ G . 5.33 15.48 1.41
C5 1LQ G . 5.45 15.03 0.08
C4 1LQ G . 6.30 13.91 -0.19
N3 1LQ G . 6.48 13.39 -1.44
C2 1LQ G . 5.76 13.95 -2.42
N1 1LQ G . 4.90 14.97 -2.33
C6 1LQ G . 4.73 15.54 -1.09
NAA 1LQ G . 3.90 16.59 -0.99
C1 GOL H . -16.58 1.52 1.91
O1 GOL H . -16.91 0.42 2.77
C2 GOL H . -16.09 1.05 0.56
O2 GOL H . -14.84 0.34 0.68
C3 GOL H . -17.13 0.17 -0.11
O3 GOL H . -18.29 0.93 -0.41
S DMS I . -3.26 32.37 -8.25
O DMS I . -4.66 32.60 -8.71
C1 DMS I . -2.83 30.77 -8.89
C2 DMS I . -3.32 31.96 -6.53
S DMS J . 7.08 23.77 17.47
O DMS J . 5.76 24.35 17.24
C1 DMS J . 8.29 24.90 17.12
C2 DMS J . 7.42 22.58 16.32
C TRS K . 3.92 27.42 -0.83
C1 TRS K . 2.73 28.26 -0.36
C2 TRS K . 4.15 26.20 0.07
C3 TRS K . 3.73 27.03 -2.31
N TRS K . 5.16 28.27 -0.75
O1 TRS K . 2.73 29.58 -0.91
O2 TRS K . 3.02 25.33 0.09
O3 TRS K . 4.51 25.89 -2.66
C1 GOL L . -1.36 -16.12 15.03
O1 GOL L . -1.01 -15.10 14.12
C2 GOL L . -0.63 -17.41 14.72
O2 GOL L . 0.77 -17.22 14.91
C3 GOL L . -1.13 -18.50 15.63
O3 GOL L . -0.36 -19.69 15.46
CAE 1LQ M . 63.05 1.96 -0.77
CAB 1LQ M . 62.73 2.33 0.51
CAC 1LQ M . 61.70 3.22 0.76
CAF 1LQ M . 60.98 3.75 -0.28
C5 1LQ M . 61.26 3.40 -1.63
C4 1LQ M . 62.33 2.49 -1.87
N3 1LQ M . 62.69 2.08 -3.13
C2 1LQ M . 61.96 2.59 -4.14
N1 1LQ M . 60.93 3.44 -4.08
C6 1LQ M . 60.56 3.85 -2.82
NAA 1LQ M . 59.52 4.70 -2.74
C1 GOL N . 41.08 -12.24 -1.36
O1 GOL N . 40.58 -13.45 -0.81
C2 GOL N . 41.48 -12.41 -2.80
O2 GOL N . 42.63 -13.26 -2.91
C3 GOL N . 40.35 -12.86 -3.71
O3 GOL N . 40.19 -14.28 -3.68
C1 GOL O . 61.17 12.94 23.95
O1 GOL O . 62.17 13.65 23.21
C2 GOL O . 61.73 11.69 24.59
O2 GOL O . 62.83 12.04 25.42
C3 GOL O . 62.15 10.63 23.60
O3 GOL O . 61.07 10.21 22.78
C1 GOL P . 55.78 6.26 1.17
O1 GOL P . 54.64 6.39 0.35
C2 GOL P . 55.60 7.01 2.47
O2 GOL P . 56.54 6.53 3.45
C3 GOL P . 55.83 8.48 2.24
O3 GOL P . 57.20 8.81 2.36
C1 GOL Q . 58.26 11.96 -0.29
O1 GOL Q . 58.33 13.33 -0.70
C2 GOL Q . 57.17 11.74 0.74
O2 GOL Q . 57.33 12.68 1.82
C3 GOL Q . 55.81 11.89 0.12
O3 GOL Q . 55.47 10.75 -0.66
S DMS R . 50.65 20.41 -9.19
O DMS R . 49.26 20.42 -9.62
C1 DMS R . 51.44 19.13 -9.98
C2 DMS R . 50.81 19.85 -7.59
S DMS S . 60.69 11.44 16.70
O DMS S . 59.41 12.14 16.68
C1 DMS S . 61.96 12.51 16.37
C2 DMS S . 60.82 10.42 15.35
C TRS T . 58.11 16.62 -2.38
C1 TRS T . 56.86 16.80 -1.51
C2 TRS T . 59.39 16.62 -1.52
C3 TRS T . 57.98 15.36 -3.24
N TRS T . 58.22 17.80 -3.31
O1 TRS T . 56.49 18.16 -1.33
O2 TRS T . 59.30 15.79 -0.38
O3 TRS T . 59.07 14.45 -3.08
C1 GOL U . 59.11 -30.49 11.56
O1 GOL U . 60.48 -30.88 11.61
C2 GOL U . 58.94 -29.24 10.71
O2 GOL U . 60.09 -28.40 10.89
C3 GOL U . 57.72 -28.51 11.22
O3 GOL U . 57.75 -27.16 10.80
C1 GOL V . 37.60 -22.42 5.41
O1 GOL V . 38.34 -23.30 6.24
C2 GOL V . 37.18 -23.13 4.14
O2 GOL V . 36.25 -24.17 4.45
C3 GOL V . 36.60 -22.20 3.09
O3 GOL V . 37.56 -21.28 2.59
C1 GOL W . 37.46 -12.92 -0.98
O1 GOL W . 36.86 -12.60 -2.23
C2 GOL W . 37.24 -14.37 -0.59
O2 GOL W . 38.12 -15.21 -1.36
C3 GOL W . 35.81 -14.81 -0.77
O3 GOL W . 35.69 -16.19 -0.42
C1 GOL X . 35.36 -1.88 1.36
O1 GOL X . 35.51 -2.67 2.53
C2 GOL X . 34.21 -2.36 0.50
O2 GOL X . 34.05 -1.45 -0.59
C3 GOL X . 34.44 -3.76 -0.01
O3 GOL X . 33.33 -4.23 -0.74
CAE 1LQ Y . -56.89 -24.38 6.50
CAB 1LQ Y . -56.23 -25.46 7.03
CAC 1LQ Y . -55.46 -26.29 6.22
CAF 1LQ Y . -55.34 -26.04 4.88
C5 1LQ Y . -55.99 -24.93 4.29
C4 1LQ Y . -56.79 -24.10 5.12
N3 1LQ Y . -57.46 -22.98 4.63
C2 1LQ Y . -57.33 -22.76 3.35
N1 1LQ Y . -56.63 -23.44 2.45
C6 1LQ Y . -55.93 -24.53 2.89
NAA 1LQ Y . -55.19 -25.21 2.00
C1 GOL Z . -45.49 -10.39 -6.88
O1 GOL Z . -46.06 -9.47 -5.97
C2 GOL Z . -46.04 -11.79 -6.66
O2 GOL Z . -45.80 -12.22 -5.31
C3 GOL Z . -47.49 -11.96 -7.03
O3 GOL Z . -48.36 -11.64 -5.94
C1 GOL AA . -56.20 -32.66 -5.21
O1 GOL AA . -57.39 -32.14 -4.60
C2 GOL AA . -56.36 -34.13 -5.52
O2 GOL AA . -56.81 -34.82 -4.34
C3 GOL AA . -55.03 -34.72 -5.96
O3 GOL AA . -54.74 -34.42 -7.32
C1 GOL BA . -35.43 -7.91 2.82
O1 GOL BA . -34.43 -7.87 1.83
C2 GOL BA . -35.56 -9.30 3.40
O2 GOL BA . -36.58 -9.31 4.42
C3 GOL BA . -34.22 -9.69 3.98
O3 GOL BA . -34.21 -11.06 4.34
S DMS CA . -49.40 -42.64 10.88
O DMS CA . -48.71 -42.90 9.62
C1 DMS CA . -50.95 -43.45 10.73
C2 DMS CA . -49.98 -40.97 10.73
C1 GOL DA . -39.61 -8.74 30.03
O1 GOL DA . -39.89 -9.08 28.67
C2 GOL DA . -40.18 -7.38 30.35
O2 GOL DA . -41.59 -7.37 30.11
C3 GOL DA . -39.94 -7.02 31.80
O3 GOL DA . -41.04 -7.44 32.62
#